data_4CBG
#
_entry.id   4CBG
#
_cell.length_a   70.550
_cell.length_b   168.360
_cell.length_c   98.800
_cell.angle_alpha   90.00
_cell.angle_beta   98.52
_cell.angle_gamma   90.00
#
_symmetry.space_group_name_H-M   'P 1 21 1'
#
loop_
_entity.id
_entity.type
_entity.pdbx_description
1 polymer 'SERINE PROTEASE NS3'
2 non-polymer 'ACETATE ION'
3 water water
#
_entity_poly.entity_id   1
_entity_poly.type   'polypeptide(L)'
_entity_poly.pdbx_seq_one_letter_code
;(MSE)ASHHHHHHHENLYFQG(MSE)SGIQTVSKSATDLTE(MSE)VKKITT(MSE)NRGEFRQITLATGAGKTTELPRS
VIEEIGRHKRVLVLIPLRAAAESVYQY(MSE)RQKHPSIAFNLRIGE(MSE)KEGD(MSE)ATGITYASYGYFCQ(MSE)
SQPKLRAA(MSE)VEYSFIFLDEYHCATPEQLAI(MSE)GKIHRFSENLRVVA(MSE)TATPAGTVTTTGQKHPIEEFIA
PEV(MSE)KGEDLGSEYLDIAGLKIPVEE(MSE)KNN(MSE)LVFVPTRN(MSE)AVEAAKKLKAKGYNSGYYYSGEDPS
NLRVVTSQSPYVVVATNAIESGVTLPDLDVVVDTGLKCEKRIRLSPK(MSE)PFIVTGLKR(MSE)AVTIGEQAQRRGRV
GRVKPGRYYRSQETPVGSKDYHYDLLQAQRYGIEDGINITKSFRE(MSE)NYDWSLYEEDSL(MSE)ITQLEILNNLLIS
EELP(MSE)AVKNI(MSE)ARTDHPEPIQLAYNSYETQVPVLFPKIRNGEVTDTYDNYTFLNARKLGDDVPPYVYATEDE
DLAVELLGLDWPDPGNQGTVEAGRALKQVVGLSTAENALL
;
_entity_poly.pdbx_strand_id   A,B,C,D
#
loop_
_chem_comp.id
_chem_comp.type
_chem_comp.name
_chem_comp.formula
ACT non-polymer 'ACETATE ION' 'C2 H3 O2 -1'
#
# COMPACT_ATOMS: atom_id res chain seq x y z
N LEU A 31 -40.54 -15.17 3.42
CA LEU A 31 -41.90 -15.73 3.41
C LEU A 31 -42.14 -16.77 2.28
N THR A 32 -42.82 -17.86 2.66
CA THR A 32 -43.10 -19.07 1.88
C THR A 32 -43.84 -18.82 0.58
N GLU A 33 -44.84 -17.91 0.61
CA GLU A 33 -45.66 -17.58 -0.56
C GLU A 33 -44.87 -16.87 -1.63
N MSE A 34 -44.01 -15.95 -1.20
CA MSE A 34 -43.13 -15.19 -2.07
C MSE A 34 -42.17 -16.13 -2.76
O MSE A 34 -41.99 -16.02 -3.98
CB MSE A 34 -42.36 -14.20 -1.21
CG MSE A 34 -42.07 -12.90 -1.88
SE MSE A 34 -40.96 -11.86 -0.65
CE MSE A 34 -42.27 -11.75 0.95
N VAL A 35 -41.58 -17.07 -2.00
CA VAL A 35 -40.67 -18.08 -2.55
C VAL A 35 -41.40 -18.91 -3.60
N LYS A 36 -42.62 -19.40 -3.29
CA LYS A 36 -43.45 -20.15 -4.22
C LYS A 36 -43.67 -19.36 -5.52
N LYS A 37 -43.92 -18.02 -5.39
CA LYS A 37 -44.14 -17.14 -6.53
C LYS A 37 -42.89 -16.96 -7.39
N ILE A 38 -41.74 -16.71 -6.75
CA ILE A 38 -40.45 -16.55 -7.45
C ILE A 38 -40.04 -17.91 -8.08
N THR A 39 -40.14 -19.01 -7.32
CA THR A 39 -39.72 -20.32 -7.82
C THR A 39 -40.53 -20.85 -9.01
N THR A 40 -41.75 -20.33 -9.20
CA THR A 40 -42.58 -20.75 -10.33
C THR A 40 -42.40 -19.90 -11.60
N MSE A 41 -41.62 -18.80 -11.52
CA MSE A 41 -41.37 -17.88 -12.66
C MSE A 41 -40.82 -18.61 -13.88
O MSE A 41 -39.97 -19.49 -13.74
CB MSE A 41 -40.33 -16.81 -12.28
CG MSE A 41 -40.85 -15.77 -11.34
SE MSE A 41 -39.30 -14.76 -10.74
CE MSE A 41 -38.82 -13.78 -12.44
N ASN A 42 -41.29 -18.22 -15.06
CA ASN A 42 -40.80 -18.78 -16.33
C ASN A 42 -39.69 -17.88 -16.86
N ARG A 43 -38.85 -18.41 -17.76
CA ARG A 43 -37.77 -17.60 -18.35
C ARG A 43 -38.43 -16.41 -19.07
N GLY A 44 -37.84 -15.23 -18.93
CA GLY A 44 -38.37 -14.02 -19.52
C GLY A 44 -39.23 -13.21 -18.58
N GLU A 45 -39.46 -13.72 -17.37
CA GLU A 45 -40.28 -13.01 -16.39
C GLU A 45 -39.43 -12.11 -15.50
N PHE A 46 -40.08 -11.06 -14.95
CA PHE A 46 -39.49 -10.12 -14.02
C PHE A 46 -40.41 -9.99 -12.80
N ARG A 47 -39.86 -9.79 -11.59
CA ARG A 47 -40.67 -9.56 -10.40
C ARG A 47 -39.99 -8.52 -9.57
N GLN A 48 -40.80 -7.66 -8.93
CA GLN A 48 -40.30 -6.61 -8.04
C GLN A 48 -40.77 -6.98 -6.65
N ILE A 49 -39.86 -7.00 -5.67
CA ILE A 49 -40.20 -7.36 -4.30
C ILE A 49 -39.85 -6.19 -3.36
N THR A 50 -40.67 -5.95 -2.32
CA THR A 50 -40.36 -4.92 -1.33
C THR A 50 -40.10 -5.51 0.05
N LEU A 51 -40.67 -6.69 0.33
CA LEU A 51 -40.51 -7.26 1.67
C LEU A 51 -39.07 -7.48 2.25
N ALA A 52 -38.76 -6.59 3.24
CA ALA A 52 -37.53 -6.46 4.06
C ALA A 52 -37.16 -7.73 4.81
N GLY A 56 -35.77 -10.62 5.76
CA GLY A 56 -34.65 -11.41 5.26
C GLY A 56 -33.86 -10.75 4.15
N LYS A 57 -34.57 -10.44 3.04
CA LYS A 57 -34.07 -9.76 1.84
C LYS A 57 -32.83 -10.45 1.22
N THR A 58 -31.82 -9.66 0.82
CA THR A 58 -30.47 -9.93 0.26
C THR A 58 -29.74 -11.16 0.88
N THR A 59 -30.29 -11.66 1.99
CA THR A 59 -29.74 -12.78 2.74
C THR A 59 -30.74 -13.94 2.77
N GLU A 60 -31.87 -13.78 3.47
CA GLU A 60 -32.78 -14.92 3.56
C GLU A 60 -33.64 -15.25 2.34
N LEU A 61 -33.99 -14.27 1.50
CA LEU A 61 -34.80 -14.55 0.32
C LEU A 61 -34.05 -15.46 -0.67
N PRO A 62 -32.86 -15.07 -1.21
CA PRO A 62 -32.13 -15.97 -2.12
C PRO A 62 -31.80 -17.33 -1.49
N ARG A 63 -31.52 -17.37 -0.17
CA ARG A 63 -31.25 -18.59 0.59
C ARG A 63 -32.45 -19.54 0.48
N SER A 64 -33.66 -19.02 0.75
CA SER A 64 -34.89 -19.79 0.70
C SER A 64 -35.16 -20.29 -0.71
N VAL A 65 -34.89 -19.42 -1.72
CA VAL A 65 -35.08 -19.74 -3.13
C VAL A 65 -34.17 -20.87 -3.53
N ILE A 66 -32.89 -20.81 -3.17
CA ILE A 66 -31.93 -21.87 -3.49
C ILE A 66 -32.25 -23.20 -2.84
N GLU A 67 -32.71 -23.18 -1.59
CA GLU A 67 -33.09 -24.43 -0.91
C GLU A 67 -34.28 -25.08 -1.61
N GLU A 68 -35.18 -24.25 -2.17
CA GLU A 68 -36.34 -24.71 -2.92
C GLU A 68 -35.96 -25.23 -4.31
N ILE A 69 -35.20 -24.45 -5.10
CA ILE A 69 -34.81 -24.85 -6.47
C ILE A 69 -33.80 -26.02 -6.49
N GLY A 70 -32.98 -26.07 -5.44
CA GLY A 70 -31.91 -27.04 -5.29
C GLY A 70 -30.59 -26.38 -5.03
N ARG A 71 -29.78 -27.04 -4.22
CA ARG A 71 -28.46 -26.59 -3.80
C ARG A 71 -27.42 -26.40 -4.91
N HIS A 72 -27.44 -27.27 -5.94
CA HIS A 72 -26.55 -27.21 -7.11
C HIS A 72 -26.95 -26.18 -8.21
N LYS A 73 -28.13 -25.56 -8.10
CA LYS A 73 -28.55 -24.60 -9.10
C LYS A 73 -27.82 -23.27 -8.84
N ARG A 74 -27.47 -22.50 -9.90
CA ARG A 74 -26.75 -21.25 -9.76
C ARG A 74 -27.74 -20.10 -9.50
N VAL A 75 -27.47 -19.26 -8.47
CA VAL A 75 -28.31 -18.09 -8.15
C VAL A 75 -27.42 -16.86 -8.00
N LEU A 76 -27.73 -15.78 -8.72
CA LEU A 76 -26.92 -14.55 -8.66
C LEU A 76 -27.61 -13.42 -7.88
N VAL A 77 -26.84 -12.77 -6.98
CA VAL A 77 -27.31 -11.65 -6.16
C VAL A 77 -26.35 -10.48 -6.41
N LEU A 78 -26.86 -9.42 -7.08
CA LEU A 78 -26.08 -8.23 -7.39
C LEU A 78 -26.20 -7.21 -6.32
N ILE A 79 -25.05 -6.77 -5.83
CA ILE A 79 -24.97 -5.77 -4.78
C ILE A 79 -24.21 -4.50 -5.26
N PRO A 80 -24.70 -3.25 -4.96
CA PRO A 80 -23.98 -2.05 -5.42
C PRO A 80 -22.49 -2.00 -4.99
N LEU A 81 -22.20 -2.03 -3.68
CA LEU A 81 -20.84 -1.96 -3.18
C LEU A 81 -20.07 -3.27 -3.12
N ARG A 82 -18.78 -3.21 -3.51
CA ARG A 82 -17.86 -4.35 -3.48
C ARG A 82 -17.69 -4.87 -2.03
N ALA A 83 -17.52 -3.93 -1.08
CA ALA A 83 -17.35 -4.22 0.35
C ALA A 83 -18.62 -4.81 0.94
N ALA A 84 -19.79 -4.38 0.45
CA ALA A 84 -21.09 -4.86 0.89
C ALA A 84 -21.25 -6.32 0.47
N ALA A 85 -20.87 -6.62 -0.80
CA ALA A 85 -20.91 -7.96 -1.39
C ALA A 85 -20.00 -8.89 -0.60
N GLU A 86 -18.82 -8.40 -0.21
CA GLU A 86 -17.86 -9.15 0.60
C GLU A 86 -18.46 -9.50 1.97
N SER A 87 -19.02 -8.50 2.67
CA SER A 87 -19.67 -8.63 3.97
C SER A 87 -20.76 -9.71 3.97
N VAL A 88 -21.69 -9.67 3.00
CA VAL A 88 -22.75 -10.69 2.89
C VAL A 88 -22.13 -12.07 2.73
N TYR A 89 -21.22 -12.22 1.73
CA TYR A 89 -20.54 -13.46 1.43
C TYR A 89 -19.94 -14.07 2.70
N GLN A 90 -19.20 -13.26 3.47
CA GLN A 90 -18.54 -13.66 4.72
C GLN A 90 -19.56 -14.14 5.76
N TYR A 91 -20.65 -13.38 5.95
CA TYR A 91 -21.73 -13.66 6.90
C TYR A 91 -22.48 -14.94 6.56
N MSE A 92 -22.92 -15.04 5.30
CA MSE A 92 -23.72 -16.15 4.80
C MSE A 92 -22.99 -17.49 4.80
O MSE A 92 -23.59 -18.48 5.22
CB MSE A 92 -24.33 -15.80 3.43
CG MSE A 92 -25.38 -14.70 3.50
SE MSE A 92 -27.02 -15.29 4.45
CE MSE A 92 -27.80 -16.33 3.05
N ARG A 93 -21.72 -17.51 4.38
CA ARG A 93 -20.95 -18.76 4.38
C ARG A 93 -20.79 -19.34 5.78
N GLN A 94 -20.68 -18.46 6.81
CA GLN A 94 -20.58 -18.87 8.21
C GLN A 94 -21.94 -19.39 8.71
N LYS A 95 -23.03 -18.62 8.47
CA LYS A 95 -24.39 -18.95 8.87
C LYS A 95 -24.94 -20.26 8.27
N HIS A 96 -24.76 -20.47 6.94
CA HIS A 96 -25.31 -21.65 6.25
C HIS A 96 -24.21 -22.57 5.60
N PRO A 97 -23.57 -23.46 6.36
CA PRO A 97 -22.54 -24.33 5.76
C PRO A 97 -23.05 -25.33 4.70
N SER A 98 -24.35 -25.66 4.76
CA SER A 98 -25.04 -26.57 3.85
C SER A 98 -25.20 -25.97 2.44
N ILE A 99 -25.16 -24.64 2.31
CA ILE A 99 -25.24 -23.98 0.99
C ILE A 99 -23.87 -23.38 0.59
N ALA A 100 -23.54 -23.46 -0.72
CA ALA A 100 -22.29 -22.94 -1.31
C ALA A 100 -22.42 -21.46 -1.62
N PHE A 101 -21.35 -20.70 -1.34
CA PHE A 101 -21.32 -19.23 -1.57
C PHE A 101 -20.11 -18.82 -2.36
N ASN A 102 -20.30 -17.86 -3.25
CA ASN A 102 -19.24 -17.38 -4.11
C ASN A 102 -19.21 -15.88 -4.11
N LEU A 103 -17.99 -15.29 -4.13
CA LEU A 103 -17.80 -13.84 -4.17
C LEU A 103 -17.19 -13.42 -5.51
N ARG A 104 -17.83 -12.46 -6.20
CA ARG A 104 -17.35 -11.95 -7.49
C ARG A 104 -17.24 -10.41 -7.48
N ILE A 105 -16.07 -9.91 -6.98
CA ILE A 105 -15.79 -8.46 -6.86
C ILE A 105 -14.46 -8.05 -7.48
N GLY A 106 -13.72 -9.01 -7.98
CA GLY A 106 -12.43 -8.74 -8.59
C GLY A 106 -12.39 -9.00 -10.06
N GLU A 107 -11.29 -9.64 -10.53
CA GLU A 107 -11.09 -10.02 -11.93
C GLU A 107 -12.06 -11.14 -12.31
N MSE A 108 -12.40 -11.17 -13.60
CA MSE A 108 -13.33 -12.10 -14.23
C MSE A 108 -12.88 -13.55 -14.05
O MSE A 108 -11.74 -13.89 -14.40
CB MSE A 108 -13.36 -11.80 -15.74
CG MSE A 108 -14.69 -11.39 -16.25
SE MSE A 108 -14.58 -11.26 -18.21
CE MSE A 108 -13.64 -9.54 -18.44
N LYS A 109 -13.76 -14.39 -13.49
CA LYS A 109 -13.48 -15.81 -13.34
C LYS A 109 -13.84 -16.45 -14.68
N GLU A 110 -12.81 -16.96 -15.41
CA GLU A 110 -13.06 -17.56 -16.72
C GLU A 110 -13.75 -18.92 -16.63
N GLY A 111 -14.85 -19.04 -17.35
CA GLY A 111 -15.69 -20.24 -17.39
C GLY A 111 -16.35 -20.54 -16.06
N ASP A 112 -16.67 -19.46 -15.27
CA ASP A 112 -17.27 -19.59 -13.95
C ASP A 112 -18.58 -20.37 -13.99
N MSE A 113 -18.62 -21.52 -13.30
CA MSE A 113 -19.78 -22.40 -13.24
C MSE A 113 -20.12 -22.76 -11.78
O MSE A 113 -20.75 -23.80 -11.55
CB MSE A 113 -19.55 -23.67 -14.11
CG MSE A 113 -19.71 -23.44 -15.60
SE MSE A 113 -21.45 -22.62 -16.16
CE MSE A 113 -21.21 -22.76 -18.18
N ALA A 114 -19.72 -21.91 -10.84
CA ALA A 114 -19.90 -22.09 -9.39
C ALA A 114 -21.35 -22.27 -8.94
N THR A 115 -21.62 -23.37 -8.21
CA THR A 115 -22.95 -23.82 -7.81
C THR A 115 -23.88 -23.11 -6.83
N GLY A 116 -23.40 -22.47 -5.79
CA GLY A 116 -24.37 -21.88 -4.85
C GLY A 116 -24.90 -20.51 -5.19
N ILE A 117 -25.03 -19.67 -4.15
CA ILE A 117 -25.44 -18.30 -4.30
C ILE A 117 -24.15 -17.53 -4.62
N THR A 118 -24.14 -16.76 -5.72
CA THR A 118 -22.98 -15.94 -6.11
C THR A 118 -23.34 -14.51 -5.77
N TYR A 119 -22.54 -13.89 -4.88
CA TYR A 119 -22.67 -12.51 -4.46
C TYR A 119 -21.66 -11.72 -5.28
N ALA A 120 -22.16 -10.83 -6.13
CA ALA A 120 -21.30 -10.04 -7.00
C ALA A 120 -21.66 -8.58 -6.95
N SER A 121 -20.69 -7.72 -7.30
CA SER A 121 -20.89 -6.29 -7.48
C SER A 121 -21.37 -6.13 -8.93
N TYR A 122 -22.09 -5.05 -9.27
CA TYR A 122 -22.51 -4.81 -10.66
C TYR A 122 -21.27 -4.53 -11.53
N GLY A 123 -20.30 -3.83 -10.94
CA GLY A 123 -19.04 -3.51 -11.58
C GLY A 123 -18.24 -4.72 -12.03
N TYR A 124 -18.47 -5.86 -11.39
CA TYR A 124 -17.84 -7.11 -11.79
C TYR A 124 -18.26 -7.46 -13.24
N PHE A 125 -19.55 -7.31 -13.55
CA PHE A 125 -20.07 -7.62 -14.87
C PHE A 125 -19.79 -6.54 -15.90
N CYS A 126 -19.36 -5.35 -15.44
CA CYS A 126 -19.06 -4.24 -16.34
C CYS A 126 -17.80 -4.48 -17.16
N GLN A 127 -16.94 -5.42 -16.70
CA GLN A 127 -15.67 -5.82 -17.32
C GLN A 127 -15.92 -6.60 -18.63
N MSE A 128 -17.07 -7.29 -18.71
CA MSE A 128 -17.41 -8.17 -19.83
C MSE A 128 -18.12 -7.50 -21.00
O MSE A 128 -19.03 -6.65 -20.80
CB MSE A 128 -18.33 -9.30 -19.36
CG MSE A 128 -18.06 -9.79 -17.99
SE MSE A 128 -19.05 -11.41 -17.78
CE MSE A 128 -18.39 -11.86 -15.99
N SER A 129 -17.78 -8.02 -22.21
CA SER A 129 -18.39 -7.69 -23.48
C SER A 129 -19.83 -8.19 -23.45
N GLN A 130 -20.74 -7.53 -24.20
CA GLN A 130 -22.15 -7.89 -24.27
C GLN A 130 -22.36 -9.40 -24.51
N PRO A 131 -21.69 -10.02 -25.53
CA PRO A 131 -21.82 -11.48 -25.70
C PRO A 131 -21.39 -12.29 -24.45
N LYS A 132 -20.22 -11.93 -23.85
CA LYS A 132 -19.65 -12.58 -22.67
C LYS A 132 -20.62 -12.43 -21.52
N LEU A 133 -21.20 -11.23 -21.36
CA LEU A 133 -22.12 -10.93 -20.27
C LEU A 133 -23.36 -11.83 -20.37
N ARG A 134 -23.93 -11.93 -21.57
CA ARG A 134 -25.11 -12.73 -21.80
C ARG A 134 -24.81 -14.19 -21.50
N ALA A 135 -23.67 -14.70 -22.02
CA ALA A 135 -23.21 -16.07 -21.80
C ALA A 135 -23.16 -16.38 -20.28
N ALA A 136 -22.65 -15.42 -19.49
CA ALA A 136 -22.52 -15.54 -18.04
C ALA A 136 -23.86 -15.54 -17.35
N MSE A 137 -24.68 -14.53 -17.66
CA MSE A 137 -25.98 -14.31 -17.08
C MSE A 137 -26.95 -15.46 -17.30
O MSE A 137 -27.67 -15.83 -16.37
CB MSE A 137 -26.59 -12.99 -17.59
CG MSE A 137 -25.89 -11.72 -17.08
SE MSE A 137 -26.08 -11.57 -15.16
CE MSE A 137 -27.73 -10.81 -14.96
N VAL A 138 -27.00 -16.03 -18.51
CA VAL A 138 -27.95 -17.12 -18.84
C VAL A 138 -27.78 -18.36 -17.99
N GLU A 139 -26.57 -18.60 -17.45
CA GLU A 139 -26.23 -19.76 -16.64
C GLU A 139 -26.93 -19.79 -15.26
N TYR A 140 -27.24 -18.61 -14.67
CA TYR A 140 -27.94 -18.50 -13.39
C TYR A 140 -29.41 -18.78 -13.60
N SER A 141 -30.06 -19.43 -12.62
CA SER A 141 -31.49 -19.78 -12.64
C SER A 141 -32.29 -18.52 -12.29
N PHE A 142 -31.78 -17.77 -11.31
CA PHE A 142 -32.37 -16.52 -10.82
C PHE A 142 -31.32 -15.45 -10.65
N ILE A 143 -31.68 -14.20 -10.98
CA ILE A 143 -30.84 -13.03 -10.83
C ILE A 143 -31.57 -12.06 -9.93
N PHE A 144 -30.96 -11.74 -8.77
CA PHE A 144 -31.51 -10.81 -7.80
C PHE A 144 -30.81 -9.49 -7.89
N LEU A 145 -31.57 -8.42 -8.04
CA LEU A 145 -31.04 -7.06 -8.11
C LEU A 145 -31.28 -6.47 -6.75
N ASP A 146 -30.22 -6.32 -5.97
CA ASP A 146 -30.38 -5.76 -4.63
C ASP A 146 -30.23 -4.25 -4.66
N GLU A 147 -31.00 -3.56 -3.79
CA GLU A 147 -31.03 -2.10 -3.57
C GLU A 147 -31.02 -1.26 -4.88
N TYR A 148 -31.90 -1.61 -5.87
CA TYR A 148 -31.97 -0.91 -7.17
C TYR A 148 -32.25 0.59 -7.06
N HIS A 149 -32.70 1.04 -5.90
CA HIS A 149 -33.03 2.42 -5.65
C HIS A 149 -31.75 3.32 -5.52
N CYS A 150 -30.55 2.70 -5.40
CA CYS A 150 -29.25 3.39 -5.26
C CYS A 150 -28.86 4.02 -6.57
N ALA A 151 -29.21 3.35 -7.68
CA ALA A 151 -29.02 3.78 -9.07
C ALA A 151 -27.61 4.29 -9.36
N THR A 152 -26.61 3.44 -9.11
CA THR A 152 -25.21 3.75 -9.38
C THR A 152 -24.96 3.62 -10.90
N PRO A 153 -23.92 4.25 -11.53
CA PRO A 153 -23.74 4.08 -12.98
C PRO A 153 -23.57 2.63 -13.44
N GLU A 154 -22.86 1.79 -12.67
CA GLU A 154 -22.63 0.35 -12.96
C GLU A 154 -23.94 -0.37 -12.89
N GLN A 155 -24.76 -0.02 -11.89
CA GLN A 155 -26.08 -0.61 -11.66
C GLN A 155 -26.98 -0.33 -12.84
N LEU A 156 -27.09 0.96 -13.24
CA LEU A 156 -27.90 1.43 -14.39
C LEU A 156 -27.48 0.81 -15.70
N ALA A 157 -26.14 0.64 -15.92
CA ALA A 157 -25.59 0.02 -17.11
C ALA A 157 -25.94 -1.45 -17.16
N ILE A 158 -25.69 -2.21 -16.06
CA ILE A 158 -26.03 -3.65 -16.03
C ILE A 158 -27.53 -3.91 -16.21
N MSE A 159 -28.38 -3.13 -15.53
CA MSE A 159 -29.83 -3.30 -15.70
C MSE A 159 -30.27 -3.11 -17.14
O MSE A 159 -31.00 -3.96 -17.68
CB MSE A 159 -30.57 -2.37 -14.76
CG MSE A 159 -30.52 -2.85 -13.34
SE MSE A 159 -31.24 -1.48 -12.29
CE MSE A 159 -30.53 -2.13 -10.62
N GLY A 160 -29.78 -2.07 -17.77
CA GLY A 160 -30.06 -1.77 -19.17
C GLY A 160 -29.51 -2.83 -20.10
N LYS A 161 -28.28 -3.31 -19.84
CA LYS A 161 -27.61 -4.32 -20.66
C LYS A 161 -28.25 -5.69 -20.55
N ILE A 162 -28.55 -6.18 -19.33
CA ILE A 162 -29.15 -7.50 -19.15
C ILE A 162 -30.56 -7.52 -19.68
N HIS A 163 -31.26 -6.37 -19.56
CA HIS A 163 -32.63 -6.29 -20.06
C HIS A 163 -32.71 -6.57 -21.56
N ARG A 164 -31.58 -6.31 -22.26
CA ARG A 164 -31.50 -6.56 -23.70
C ARG A 164 -31.78 -8.02 -24.01
N PHE A 165 -31.43 -8.94 -23.14
CA PHE A 165 -31.66 -10.34 -23.36
C PHE A 165 -32.46 -10.92 -22.18
N SER A 166 -33.38 -10.09 -21.63
CA SER A 166 -34.29 -10.40 -20.51
C SER A 166 -35.17 -11.64 -20.75
N GLU A 167 -35.58 -11.86 -22.02
CA GLU A 167 -36.38 -13.04 -22.41
C GLU A 167 -35.72 -14.32 -21.91
N ASN A 168 -34.36 -14.31 -21.75
CA ASN A 168 -33.56 -15.46 -21.39
C ASN A 168 -33.29 -15.60 -19.91
N LEU A 169 -33.82 -14.67 -19.09
CA LEU A 169 -33.56 -14.63 -17.65
C LEU A 169 -34.81 -14.66 -16.79
N ARG A 170 -34.61 -14.85 -15.46
CA ARG A 170 -35.62 -14.71 -14.40
C ARG A 170 -35.01 -13.66 -13.49
N VAL A 171 -35.50 -12.43 -13.59
CA VAL A 171 -34.95 -11.32 -12.82
C VAL A 171 -35.91 -10.92 -11.67
N VAL A 172 -35.34 -10.71 -10.46
CA VAL A 172 -36.11 -10.25 -9.29
C VAL A 172 -35.43 -8.99 -8.74
N ALA A 173 -36.13 -7.85 -8.78
CA ALA A 173 -35.60 -6.61 -8.22
C ALA A 173 -36.15 -6.44 -6.80
N MSE A 174 -35.23 -6.32 -5.83
CA MSE A 174 -35.54 -6.22 -4.41
C MSE A 174 -35.23 -4.85 -3.85
O MSE A 174 -34.22 -4.24 -4.22
CB MSE A 174 -34.72 -7.24 -3.66
CG MSE A 174 -35.08 -8.64 -3.97
SE MSE A 174 -34.00 -9.79 -2.84
CE MSE A 174 -32.16 -9.26 -3.39
N THR A 175 -36.09 -4.37 -2.92
CA THR A 175 -35.85 -3.12 -2.19
C THR A 175 -36.42 -3.20 -0.80
N ALA A 176 -36.05 -2.22 0.05
CA ALA A 176 -36.58 -2.08 1.40
C ALA A 176 -37.03 -0.60 1.56
N THR A 177 -38.00 -0.17 0.71
CA THR A 177 -38.50 1.22 0.69
C THR A 177 -39.67 1.48 1.63
N GLY A 186 -37.28 2.03 12.74
CA GLY A 186 -36.72 1.47 13.97
C GLY A 186 -36.87 2.32 15.22
N GLN A 187 -37.91 3.18 15.23
CA GLN A 187 -38.29 4.07 16.31
C GLN A 187 -39.03 3.27 17.37
N LYS A 188 -38.55 3.38 18.58
CA LYS A 188 -39.12 2.74 19.75
C LYS A 188 -39.78 3.78 20.70
N HIS A 189 -39.53 5.08 20.51
CA HIS A 189 -40.05 6.16 21.34
C HIS A 189 -40.69 7.26 20.50
N PRO A 190 -41.66 8.05 21.04
CA PRO A 190 -42.28 9.11 20.22
C PRO A 190 -41.30 10.20 19.81
N ILE A 191 -41.51 10.71 18.58
CA ILE A 191 -40.69 11.78 18.01
C ILE A 191 -41.56 13.00 17.88
N GLU A 192 -41.19 14.12 18.52
CA GLU A 192 -41.92 15.38 18.36
C GLU A 192 -41.42 16.08 17.12
N GLU A 193 -42.31 16.45 16.21
CA GLU A 193 -41.95 17.07 14.96
C GLU A 193 -42.22 18.59 14.96
N PHE A 194 -41.27 19.37 14.47
CA PHE A 194 -41.38 20.82 14.37
C PHE A 194 -40.91 21.34 13.01
N ILE A 195 -41.51 22.46 12.57
CA ILE A 195 -41.07 23.17 11.39
C ILE A 195 -40.37 24.43 11.88
N ALA A 196 -39.05 24.50 11.73
CA ALA A 196 -38.30 25.65 12.15
C ALA A 196 -38.38 26.74 11.07
N PRO A 197 -38.75 28.01 11.44
CA PRO A 197 -38.77 29.07 10.42
C PRO A 197 -37.36 29.48 10.05
N GLU A 198 -37.22 30.08 8.87
CA GLU A 198 -35.96 30.55 8.36
C GLU A 198 -35.61 31.90 9.02
N VAL A 199 -34.34 32.07 9.41
CA VAL A 199 -33.82 33.29 10.05
C VAL A 199 -33.56 34.31 8.93
N MSE A 200 -34.22 35.46 8.97
CA MSE A 200 -34.03 36.48 7.93
C MSE A 200 -32.77 37.31 8.16
O MSE A 200 -32.40 37.52 9.30
CB MSE A 200 -35.26 37.35 7.78
CG MSE A 200 -36.45 36.62 7.14
SE MSE A 200 -38.12 37.03 8.08
CE MSE A 200 -38.11 35.70 9.51
N LYS A 201 -32.11 37.75 7.06
CA LYS A 201 -30.86 38.55 7.10
C LYS A 201 -31.02 39.82 7.94
N GLY A 202 -30.33 39.85 9.10
CA GLY A 202 -30.37 40.94 10.06
C GLY A 202 -31.52 40.86 11.05
N GLU A 203 -32.09 39.65 11.23
CA GLU A 203 -33.20 39.42 12.15
C GLU A 203 -32.68 39.31 13.56
N ASP A 204 -33.36 40.01 14.49
CA ASP A 204 -33.00 39.98 15.91
C ASP A 204 -33.85 39.05 16.77
N LEU A 205 -33.39 37.78 16.87
CA LEU A 205 -33.97 36.71 17.68
C LEU A 205 -33.81 37.12 19.16
N GLY A 206 -34.76 36.74 20.00
CA GLY A 206 -34.69 37.12 21.41
C GLY A 206 -33.56 36.42 22.14
N SER A 207 -33.60 36.47 23.47
CA SER A 207 -32.62 35.72 24.24
C SER A 207 -33.13 34.27 24.24
N GLU A 208 -34.33 34.07 23.63
CA GLU A 208 -35.10 32.85 23.51
C GLU A 208 -34.79 31.90 22.31
N TYR A 209 -34.19 32.41 21.21
CA TYR A 209 -33.91 31.64 19.98
C TYR A 209 -32.51 31.86 19.41
N LEU A 210 -32.04 30.95 18.53
CA LEU A 210 -30.71 31.05 17.92
C LEU A 210 -30.65 30.47 16.51
N ASP A 211 -29.74 30.99 15.66
CA ASP A 211 -29.55 30.55 14.28
C ASP A 211 -28.81 29.21 14.18
N ILE A 212 -29.51 28.17 13.77
CA ILE A 212 -28.91 26.85 13.55
C ILE A 212 -29.05 26.56 12.06
N ALA A 213 -27.95 26.84 11.32
CA ALA A 213 -27.83 26.67 9.88
C ALA A 213 -28.95 27.35 9.10
N GLY A 214 -29.26 28.58 9.48
CA GLY A 214 -30.30 29.38 8.83
C GLY A 214 -31.69 29.20 9.37
N LEU A 215 -31.87 28.26 10.32
CA LEU A 215 -33.16 27.96 10.95
C LEU A 215 -33.24 28.52 12.37
N LYS A 216 -34.43 29.02 12.77
CA LYS A 216 -34.75 29.62 14.08
C LYS A 216 -35.15 28.50 15.07
N ILE A 217 -34.19 28.12 15.91
CA ILE A 217 -34.34 27.06 16.91
C ILE A 217 -34.37 27.62 18.36
N PRO A 218 -35.35 27.18 19.21
CA PRO A 218 -35.37 27.65 20.61
C PRO A 218 -34.05 27.37 21.31
N VAL A 219 -33.55 28.34 22.09
CA VAL A 219 -32.30 28.20 22.83
C VAL A 219 -32.33 27.07 23.89
N GLU A 220 -33.49 26.79 24.49
CA GLU A 220 -33.68 25.74 25.45
C GLU A 220 -33.24 24.37 24.89
N GLU A 221 -33.21 24.25 23.55
CA GLU A 221 -32.78 23.05 22.88
C GLU A 221 -31.27 22.77 23.03
N MSE A 222 -30.48 23.82 23.35
CA MSE A 222 -29.03 23.72 23.53
C MSE A 222 -28.60 23.00 24.84
O MSE A 222 -27.41 22.88 25.11
CB MSE A 222 -28.34 25.08 23.42
CG MSE A 222 -28.59 25.81 22.09
SE MSE A 222 -28.40 24.70 20.47
CE MSE A 222 -26.46 24.23 20.56
N LYS A 223 -29.60 22.57 25.64
CA LYS A 223 -29.40 21.84 26.89
C LYS A 223 -29.37 20.34 26.55
N ASN A 224 -29.73 20.01 25.27
CA ASN A 224 -29.82 18.65 24.74
C ASN A 224 -28.73 18.29 23.75
N ASN A 225 -28.63 16.98 23.43
CA ASN A 225 -27.69 16.43 22.45
C ASN A 225 -28.29 16.59 21.04
N MSE A 226 -27.66 17.49 20.28
CA MSE A 226 -28.14 17.91 18.96
C MSE A 226 -27.30 17.42 17.80
O MSE A 226 -26.06 17.42 17.87
CB MSE A 226 -28.25 19.44 18.96
CG MSE A 226 -28.67 20.04 17.65
SE MSE A 226 -29.39 21.76 18.05
CE MSE A 226 -28.05 22.76 17.45
N LEU A 227 -28.01 17.01 16.71
CA LEU A 227 -27.42 16.62 15.42
C LEU A 227 -28.00 17.54 14.37
N VAL A 228 -27.15 18.25 13.63
CA VAL A 228 -27.59 19.19 12.61
C VAL A 228 -27.17 18.68 11.25
N PHE A 229 -28.12 18.53 10.34
CA PHE A 229 -27.85 18.12 8.97
C PHE A 229 -27.79 19.33 8.06
N VAL A 230 -26.64 19.54 7.42
CA VAL A 230 -26.39 20.67 6.52
C VAL A 230 -25.98 20.15 5.11
N PRO A 231 -26.19 20.91 4.01
CA PRO A 231 -25.82 20.38 2.69
C PRO A 231 -24.33 20.34 2.38
N THR A 232 -23.60 21.36 2.84
CA THR A 232 -22.18 21.49 2.50
C THR A 232 -21.20 21.30 3.66
N ARG A 233 -19.96 20.95 3.33
CA ARG A 233 -18.84 20.77 4.27
C ARG A 233 -18.50 22.15 4.87
N ASN A 234 -18.53 23.20 4.03
CA ASN A 234 -18.25 24.56 4.42
C ASN A 234 -19.25 25.08 5.45
N MSE A 235 -20.53 24.66 5.34
CA MSE A 235 -21.58 25.05 6.27
C MSE A 235 -21.43 24.35 7.59
O MSE A 235 -21.66 24.99 8.62
CB MSE A 235 -22.96 24.78 5.69
CG MSE A 235 -23.45 25.90 4.80
SE MSE A 235 -25.25 25.49 4.20
CE MSE A 235 -26.25 25.97 5.85
N ALA A 236 -21.03 23.04 7.59
CA ALA A 236 -20.80 22.24 8.80
C ALA A 236 -19.69 22.89 9.64
N VAL A 237 -18.61 23.35 8.97
CA VAL A 237 -17.48 24.01 9.60
C VAL A 237 -17.89 25.40 10.14
N GLU A 238 -18.57 26.22 9.32
CA GLU A 238 -19.05 27.56 9.69
C GLU A 238 -20.09 27.50 10.82
N ALA A 239 -21.04 26.53 10.78
CA ALA A 239 -22.05 26.37 11.83
C ALA A 239 -21.38 25.91 13.14
N ALA A 240 -20.41 24.97 13.04
CA ALA A 240 -19.71 24.45 14.21
C ALA A 240 -18.94 25.57 14.86
N LYS A 241 -18.05 26.26 14.09
CA LYS A 241 -17.21 27.33 14.61
C LYS A 241 -18.00 28.45 15.28
N LYS A 242 -19.19 28.80 14.75
CA LYS A 242 -20.06 29.84 15.31
C LYS A 242 -20.64 29.43 16.67
N LEU A 243 -21.13 28.17 16.77
CA LEU A 243 -21.66 27.58 18.00
C LEU A 243 -20.58 27.43 19.10
N LYS A 244 -19.32 27.12 18.70
CA LYS A 244 -18.19 27.00 19.61
C LYS A 244 -17.89 28.34 20.24
N ALA A 245 -17.97 29.41 19.40
CA ALA A 245 -17.75 30.82 19.77
C ALA A 245 -18.83 31.34 20.73
N LYS A 246 -20.03 30.76 20.65
CA LYS A 246 -21.18 31.07 21.51
C LYS A 246 -21.13 30.31 22.85
N GLY A 247 -20.14 29.42 23.00
CA GLY A 247 -19.91 28.63 24.21
C GLY A 247 -20.32 27.17 24.15
N TYR A 248 -21.10 26.79 23.13
CA TYR A 248 -21.59 25.41 22.96
C TYR A 248 -20.49 24.38 22.63
N ASN A 249 -20.73 23.10 23.05
CA ASN A 249 -19.80 22.02 22.79
C ASN A 249 -20.12 21.51 21.38
N SER A 250 -19.55 22.19 20.37
CA SER A 250 -19.83 21.86 18.96
C SER A 250 -18.70 21.16 18.28
N GLY A 251 -19.04 20.38 17.26
CA GLY A 251 -18.11 19.64 16.43
C GLY A 251 -18.72 19.44 15.07
N TYR A 252 -17.91 19.13 14.07
CA TYR A 252 -18.42 18.92 12.71
C TYR A 252 -17.99 17.56 12.13
N TYR A 253 -18.61 17.15 11.00
CA TYR A 253 -18.28 15.94 10.28
C TYR A 253 -18.62 16.08 8.79
N PRO A 259 -13.27 10.76 12.25
CA PRO A 259 -14.33 10.50 13.25
C PRO A 259 -13.84 10.51 14.69
N SER A 260 -12.56 10.15 14.95
CA SER A 260 -11.96 10.13 16.29
C SER A 260 -11.93 11.50 16.99
N ASN A 261 -12.01 12.61 16.22
CA ASN A 261 -11.99 14.00 16.73
C ASN A 261 -13.40 14.51 17.13
N LEU A 262 -14.43 13.64 16.95
CA LEU A 262 -15.83 13.87 17.35
C LEU A 262 -16.06 13.20 18.69
N ARG A 263 -15.24 12.17 18.99
CA ARG A 263 -15.27 11.42 20.23
C ARG A 263 -15.04 12.37 21.40
N VAL A 264 -14.11 13.35 21.23
CA VAL A 264 -13.82 14.39 22.21
C VAL A 264 -15.05 15.30 22.44
N VAL A 265 -15.88 15.50 21.40
CA VAL A 265 -17.12 16.28 21.51
C VAL A 265 -18.21 15.43 22.16
N THR A 266 -18.57 14.31 21.54
CA THR A 266 -19.65 13.39 21.96
C THR A 266 -19.48 12.77 23.34
N SER A 267 -18.24 12.73 23.88
CA SER A 267 -17.94 12.18 25.21
C SER A 267 -18.50 13.03 26.37
N GLN A 268 -18.87 14.29 26.08
CA GLN A 268 -19.42 15.22 27.07
C GLN A 268 -20.77 15.73 26.59
N SER A 269 -21.77 15.77 27.47
CA SER A 269 -23.09 16.30 27.15
C SER A 269 -23.42 17.59 27.93
N PRO A 270 -24.14 18.57 27.32
CA PRO A 270 -24.74 18.54 25.97
C PRO A 270 -23.71 18.72 24.88
N TYR A 271 -23.97 18.15 23.71
CA TYR A 271 -23.14 18.28 22.52
C TYR A 271 -24.00 18.69 21.34
N VAL A 272 -23.36 19.31 20.35
CA VAL A 272 -23.97 19.66 19.08
C VAL A 272 -23.02 19.25 17.95
N VAL A 273 -23.47 18.34 17.08
CA VAL A 273 -22.65 17.87 15.98
C VAL A 273 -23.33 18.30 14.70
N VAL A 274 -22.59 19.06 13.84
CA VAL A 274 -23.05 19.57 12.54
C VAL A 274 -22.43 18.66 11.49
N ALA A 275 -23.27 17.92 10.76
CA ALA A 275 -22.87 16.95 9.74
C ALA A 275 -23.62 17.09 8.42
N THR A 276 -23.01 16.64 7.33
CA THR A 276 -23.61 16.52 6.00
C THR A 276 -24.14 15.07 5.99
N ASN A 277 -24.91 14.65 4.96
CA ASN A 277 -25.46 13.29 4.89
C ASN A 277 -24.43 12.20 5.30
N ALA A 278 -24.72 11.52 6.44
CA ALA A 278 -23.86 10.49 7.08
C ALA A 278 -24.59 9.16 7.47
N ILE A 279 -23.79 8.16 7.91
CA ILE A 279 -24.19 6.79 8.28
C ILE A 279 -23.97 6.50 9.77
N THR A 284 -21.62 7.30 15.43
CA THR A 284 -21.78 6.87 16.83
C THR A 284 -22.96 7.55 17.57
N LEU A 285 -22.86 8.89 17.83
CA LEU A 285 -23.83 9.79 18.51
C LEU A 285 -24.64 9.26 19.72
N PRO A 286 -23.96 9.16 20.92
CA PRO A 286 -24.65 8.62 22.11
C PRO A 286 -25.64 9.60 22.75
N ASP A 287 -26.73 9.07 23.35
CA ASP A 287 -27.79 9.83 24.03
C ASP A 287 -28.37 10.98 23.17
N LEU A 288 -28.54 10.75 21.85
CA LEU A 288 -29.09 11.78 20.95
C LEU A 288 -30.53 12.18 21.30
N ASP A 289 -30.77 13.48 21.37
CA ASP A 289 -32.05 14.04 21.75
C ASP A 289 -32.76 14.70 20.59
N VAL A 290 -32.08 15.61 19.91
CA VAL A 290 -32.68 16.45 18.86
C VAL A 290 -31.91 16.49 17.52
N VAL A 291 -32.68 16.49 16.42
CA VAL A 291 -32.19 16.61 15.05
C VAL A 291 -32.70 17.91 14.45
N VAL A 292 -31.80 18.67 13.83
CA VAL A 292 -32.12 19.91 13.10
C VAL A 292 -31.74 19.61 11.66
N ASP A 293 -32.74 19.54 10.78
CA ASP A 293 -32.56 19.19 9.40
C ASP A 293 -32.87 20.36 8.48
N THR A 294 -31.84 20.81 7.74
CA THR A 294 -31.91 21.88 6.75
C THR A 294 -32.74 21.42 5.53
N GLY A 295 -32.95 20.11 5.41
CA GLY A 295 -33.69 19.48 4.32
C GLY A 295 -32.98 19.51 2.98
N LEU A 296 -31.72 19.92 2.97
CA LEU A 296 -30.92 20.06 1.76
C LEU A 296 -29.71 19.15 1.73
N LYS A 297 -29.24 18.90 0.49
CA LYS A 297 -28.04 18.14 0.11
C LYS A 297 -27.35 18.76 -1.12
N CYS A 298 -26.05 18.50 -1.25
CA CYS A 298 -25.28 18.96 -2.42
C CYS A 298 -25.12 17.74 -3.32
N GLU A 299 -25.62 17.81 -4.55
CA GLU A 299 -25.52 16.64 -5.42
C GLU A 299 -25.20 16.94 -6.89
N LYS A 300 -24.50 16.04 -7.62
CA LYS A 300 -24.25 16.30 -9.05
C LYS A 300 -25.58 16.33 -9.84
N ARG A 301 -25.65 17.23 -10.82
CA ARG A 301 -26.82 17.42 -11.67
C ARG A 301 -26.39 17.70 -13.10
N ILE A 302 -27.30 17.48 -14.07
CA ILE A 302 -26.99 17.79 -15.47
C ILE A 302 -27.93 18.84 -16.02
N ARG A 303 -27.46 19.59 -17.01
CA ARG A 303 -28.16 20.67 -17.69
C ARG A 303 -28.00 20.31 -19.16
N LEU A 304 -29.12 20.05 -19.87
CA LEU A 304 -28.98 19.74 -21.28
C LEU A 304 -29.51 20.91 -22.12
N SER A 305 -28.83 21.22 -23.23
CA SER A 305 -29.19 22.37 -24.07
C SER A 305 -28.90 22.12 -25.56
N PRO A 306 -29.64 22.80 -26.49
CA PRO A 306 -29.30 22.67 -27.92
C PRO A 306 -28.11 23.56 -28.29
N LYS A 307 -27.71 24.48 -27.39
CA LYS A 307 -26.53 25.34 -27.61
C LYS A 307 -25.35 24.61 -27.01
N MSE A 308 -24.25 24.52 -27.76
CA MSE A 308 -23.05 23.83 -27.27
C MSE A 308 -22.27 24.62 -26.21
O MSE A 308 -22.17 25.85 -26.35
CB MSE A 308 -22.15 23.45 -28.44
CG MSE A 308 -21.74 22.00 -28.40
SE MSE A 308 -20.71 21.47 -29.99
CE MSE A 308 -19.12 22.60 -29.76
N PRO A 309 -21.71 23.98 -25.14
CA PRO A 309 -21.78 22.55 -24.79
C PRO A 309 -23.20 22.11 -24.42
N PHE A 310 -23.63 20.99 -25.03
CA PHE A 310 -24.95 20.41 -24.84
C PHE A 310 -25.10 19.83 -23.43
N ILE A 311 -23.99 19.33 -22.88
CA ILE A 311 -23.99 18.75 -21.53
C ILE A 311 -23.17 19.61 -20.59
N VAL A 312 -23.81 20.06 -19.49
CA VAL A 312 -23.16 20.80 -18.40
C VAL A 312 -23.50 20.12 -17.07
N THR A 313 -22.45 19.75 -16.30
CA THR A 313 -22.55 18.99 -15.05
C THR A 313 -21.89 19.71 -13.87
N GLY A 314 -22.29 19.35 -12.64
CA GLY A 314 -21.74 19.86 -11.39
C GLY A 314 -22.63 19.73 -10.18
N LEU A 315 -22.09 20.05 -8.97
CA LEU A 315 -22.84 20.01 -7.72
C LEU A 315 -23.81 21.14 -7.68
N LYS A 316 -25.03 20.88 -7.18
CA LYS A 316 -26.09 21.87 -7.02
C LYS A 316 -26.83 21.49 -5.76
N ARG A 317 -27.23 22.50 -4.97
CA ARG A 317 -27.99 22.28 -3.75
C ARG A 317 -29.41 21.95 -4.16
N MSE A 318 -29.96 20.89 -3.55
CA MSE A 318 -31.30 20.40 -3.83
C MSE A 318 -31.88 19.81 -2.59
O MSE A 318 -31.18 19.60 -1.62
CB MSE A 318 -31.25 19.35 -4.93
CG MSE A 318 -30.14 18.35 -4.71
SE MSE A 318 -29.89 17.14 -6.22
CE MSE A 318 -31.67 16.16 -5.97
N ALA A 319 -33.17 19.54 -2.63
CA ALA A 319 -33.86 18.99 -1.48
C ALA A 319 -33.58 17.50 -1.37
N VAL A 320 -33.59 17.00 -0.14
CA VAL A 320 -33.45 15.56 0.11
C VAL A 320 -34.74 14.83 -0.33
N THR A 321 -34.65 13.51 -0.38
CA THR A 321 -35.81 12.70 -0.72
C THR A 321 -36.58 12.40 0.59
N ILE A 322 -37.84 11.89 0.47
CA ILE A 322 -38.69 11.49 1.60
C ILE A 322 -37.92 10.46 2.45
N GLY A 323 -37.29 9.49 1.76
CA GLY A 323 -36.47 8.44 2.34
C GLY A 323 -35.31 9.01 3.13
N GLU A 324 -34.56 9.94 2.50
CA GLU A 324 -33.43 10.62 3.15
C GLU A 324 -33.93 11.32 4.42
N GLN A 325 -35.02 12.12 4.31
CA GLN A 325 -35.62 12.84 5.44
C GLN A 325 -35.98 11.85 6.57
N ALA A 326 -36.53 10.69 6.20
CA ALA A 326 -36.91 9.65 7.13
C ALA A 326 -35.69 9.10 7.86
N GLN A 327 -34.55 8.94 7.14
CA GLN A 327 -33.29 8.47 7.72
C GLN A 327 -32.71 9.53 8.69
N ARG A 328 -32.87 10.81 8.34
CA ARG A 328 -32.44 11.94 9.16
C ARG A 328 -33.27 12.03 10.44
N ARG A 329 -34.61 11.97 10.34
CA ARG A 329 -35.50 11.97 11.51
C ARG A 329 -35.30 10.71 12.32
N GLY A 330 -34.96 9.62 11.66
CA GLY A 330 -34.75 8.31 12.27
C GLY A 330 -33.60 8.22 13.23
N ARG A 331 -32.76 9.25 13.29
CA ARG A 331 -31.60 9.32 14.16
C ARG A 331 -31.98 9.51 15.62
N VAL A 332 -33.25 9.89 15.86
CA VAL A 332 -33.83 10.07 17.18
C VAL A 332 -35.00 9.10 17.41
N GLY A 333 -35.45 9.00 18.66
CA GLY A 333 -36.54 8.12 19.08
C GLY A 333 -36.19 6.65 19.07
N ARG A 334 -34.88 6.33 19.08
CA ARG A 334 -34.41 4.96 19.02
C ARG A 334 -34.27 4.33 20.44
N VAL A 335 -33.66 5.07 21.36
CA VAL A 335 -33.34 4.65 22.73
C VAL A 335 -34.10 5.45 23.81
N LYS A 336 -34.59 6.64 23.45
CA LYS A 336 -35.33 7.54 24.32
C LYS A 336 -36.20 8.45 23.41
N PRO A 337 -37.16 9.25 23.93
CA PRO A 337 -37.92 10.16 23.04
C PRO A 337 -37.01 11.13 22.28
N GLY A 338 -37.48 11.63 21.15
CA GLY A 338 -36.71 12.56 20.34
C GLY A 338 -37.52 13.74 19.83
N ARG A 339 -36.79 14.76 19.32
CA ARG A 339 -37.34 15.96 18.70
C ARG A 339 -36.66 16.15 17.35
N TYR A 340 -37.46 16.49 16.33
CA TYR A 340 -37.00 16.69 14.96
C TYR A 340 -37.46 18.05 14.43
N TYR A 341 -36.52 18.95 14.14
CA TYR A 341 -36.80 20.28 13.58
C TYR A 341 -36.43 20.23 12.10
N ARG A 342 -37.40 20.48 11.23
CA ARG A 342 -37.17 20.50 9.78
C ARG A 342 -37.48 21.89 9.23
N SER A 343 -36.85 22.25 8.11
CA SER A 343 -37.08 23.50 7.38
C SER A 343 -38.43 23.44 6.61
N GLN A 344 -38.86 24.56 6.03
CA GLN A 344 -40.11 24.58 5.23
C GLN A 344 -39.96 23.82 3.90
N GLU A 345 -38.71 23.44 3.58
CA GLU A 345 -38.26 22.71 2.39
C GLU A 345 -38.98 21.38 2.22
N THR A 346 -39.58 21.19 1.05
CA THR A 346 -40.35 19.99 0.72
C THR A 346 -39.46 18.90 0.12
N PRO A 347 -39.49 17.66 0.66
CA PRO A 347 -38.65 16.60 0.10
C PRO A 347 -39.14 16.14 -1.26
N VAL A 348 -38.23 15.63 -2.08
CA VAL A 348 -38.55 15.10 -3.40
C VAL A 348 -38.94 13.61 -3.26
N GLY A 349 -39.62 13.10 -4.25
CA GLY A 349 -40.08 11.73 -4.19
C GLY A 349 -39.02 10.69 -4.41
N SER A 350 -38.10 10.93 -5.36
CA SER A 350 -37.08 9.94 -5.70
C SER A 350 -35.72 10.58 -6.02
N LYS A 351 -34.65 9.73 -6.00
CA LYS A 351 -33.25 10.12 -6.34
C LYS A 351 -33.17 10.49 -7.82
N ASP A 352 -32.50 11.64 -8.18
CA ASP A 352 -32.33 12.03 -9.57
C ASP A 352 -31.16 11.23 -10.15
N TYR A 353 -31.46 10.26 -10.99
CA TYR A 353 -30.43 9.39 -11.57
C TYR A 353 -29.78 9.94 -12.86
N HIS A 354 -30.23 11.10 -13.38
CA HIS A 354 -29.69 11.67 -14.62
C HIS A 354 -28.19 11.78 -14.76
N TYR A 355 -27.47 12.31 -13.73
CA TYR A 355 -25.99 12.40 -13.78
C TYR A 355 -25.39 10.99 -13.85
N ASP A 356 -25.87 10.07 -12.98
CA ASP A 356 -25.40 8.67 -13.00
C ASP A 356 -25.76 7.98 -14.32
N LEU A 357 -26.91 8.31 -14.94
CA LEU A 357 -27.29 7.74 -16.24
C LEU A 357 -26.25 8.15 -17.28
N LEU A 358 -25.87 9.43 -17.28
CA LEU A 358 -24.87 9.99 -18.19
C LEU A 358 -23.52 9.30 -17.96
N GLN A 359 -23.17 9.04 -16.70
CA GLN A 359 -21.92 8.38 -16.41
C GLN A 359 -21.96 6.92 -16.87
N ALA A 360 -23.13 6.28 -16.76
CA ALA A 360 -23.35 4.90 -17.12
C ALA A 360 -23.11 4.68 -18.60
N GLN A 361 -23.41 5.70 -19.44
CA GLN A 361 -23.23 5.66 -20.90
C GLN A 361 -21.82 5.14 -21.36
N ARG A 362 -20.81 5.29 -20.49
CA ARG A 362 -19.44 4.91 -20.73
C ARG A 362 -19.34 3.43 -20.94
N TYR A 363 -20.08 2.67 -20.14
CA TYR A 363 -20.09 1.21 -20.16
C TYR A 363 -20.71 0.57 -21.41
N GLY A 364 -21.20 1.37 -22.34
CA GLY A 364 -21.77 0.89 -23.59
C GLY A 364 -20.93 1.26 -24.80
N ILE A 365 -19.82 2.01 -24.58
CA ILE A 365 -18.92 2.49 -25.64
C ILE A 365 -18.25 1.35 -26.44
N GLU A 366 -17.58 0.42 -25.77
CA GLU A 366 -16.90 -0.68 -26.47
C GLU A 366 -17.83 -1.55 -27.28
N ASP A 367 -19.06 -1.77 -26.81
CA ASP A 367 -20.03 -2.63 -27.51
C ASP A 367 -20.95 -1.89 -28.50
N GLY A 368 -20.80 -0.55 -28.55
CA GLY A 368 -21.60 0.33 -29.40
C GLY A 368 -23.06 0.26 -29.02
N ILE A 369 -23.32 0.21 -27.69
CA ILE A 369 -24.67 0.13 -27.12
C ILE A 369 -25.08 1.51 -26.60
N ASN A 370 -26.31 1.94 -26.89
CA ASN A 370 -26.79 3.21 -26.33
C ASN A 370 -27.40 2.87 -24.94
N ILE A 371 -26.67 3.20 -23.85
CA ILE A 371 -27.11 2.92 -22.47
C ILE A 371 -28.42 3.64 -22.09
N THR A 372 -28.64 4.85 -22.59
CA THR A 372 -29.88 5.58 -22.32
C THR A 372 -31.06 4.80 -22.94
N LYS A 373 -30.90 4.33 -24.21
CA LYS A 373 -31.96 3.60 -24.91
C LYS A 373 -32.28 2.31 -24.10
N SER A 374 -31.24 1.64 -23.64
CA SER A 374 -31.31 0.44 -22.84
C SER A 374 -32.01 0.70 -21.51
N PHE A 375 -31.69 1.85 -20.89
CA PHE A 375 -32.33 2.26 -19.62
C PHE A 375 -33.84 2.38 -19.85
N ARG A 376 -34.22 3.22 -20.84
CA ARG A 376 -35.56 3.51 -21.23
C ARG A 376 -36.38 2.22 -21.50
N GLU A 377 -35.85 1.35 -22.38
CA GLU A 377 -36.50 0.08 -22.74
C GLU A 377 -36.71 -0.80 -21.51
N MSE A 378 -35.70 -0.84 -20.61
CA MSE A 378 -35.73 -1.63 -19.39
C MSE A 378 -36.77 -1.05 -18.47
O MSE A 378 -37.62 -1.81 -17.97
CB MSE A 378 -34.33 -1.64 -18.75
CG MSE A 378 -34.27 -2.36 -17.39
SE MSE A 378 -34.64 -1.16 -15.89
CE MSE A 378 -33.11 0.08 -16.03
N ASN A 379 -36.71 0.28 -18.22
CA ASN A 379 -37.64 0.90 -17.30
C ASN A 379 -39.10 0.72 -17.76
N TYR A 380 -39.34 0.71 -19.08
CA TYR A 380 -40.67 0.46 -19.60
C TYR A 380 -41.23 -0.91 -19.08
N ASP A 381 -40.45 -1.98 -19.27
CA ASP A 381 -40.81 -3.32 -18.85
C ASP A 381 -40.77 -3.55 -17.31
N TRP A 382 -39.77 -2.97 -16.63
CA TRP A 382 -39.59 -3.19 -15.21
C TRP A 382 -40.20 -2.17 -14.24
N SER A 383 -40.46 -0.92 -14.71
CA SER A 383 -41.06 0.16 -13.93
C SER A 383 -40.39 0.33 -12.56
N LEU A 384 -39.06 0.47 -12.57
CA LEU A 384 -38.34 0.60 -11.32
C LEU A 384 -38.17 2.06 -10.90
N TYR A 385 -38.01 2.96 -11.88
CA TYR A 385 -37.76 4.38 -11.67
C TYR A 385 -38.78 5.31 -12.34
N GLU A 386 -38.92 6.52 -11.73
CA GLU A 386 -39.73 7.59 -12.31
C GLU A 386 -38.97 8.11 -13.53
N GLU A 387 -39.68 8.66 -14.52
CA GLU A 387 -39.00 9.10 -15.75
C GLU A 387 -39.35 10.50 -16.09
N ASP A 388 -38.39 11.25 -16.65
CA ASP A 388 -38.58 12.59 -17.22
C ASP A 388 -38.35 12.38 -18.71
N SER A 389 -39.43 12.20 -19.46
CA SER A 389 -39.34 11.92 -20.89
C SER A 389 -38.53 12.89 -21.74
N LEU A 390 -38.62 14.20 -21.48
CA LEU A 390 -37.83 15.17 -22.21
C LEU A 390 -36.36 14.90 -21.98
N MSE A 391 -35.96 14.75 -20.70
CA MSE A 391 -34.60 14.49 -20.28
C MSE A 391 -34.01 13.22 -20.92
O MSE A 391 -32.92 13.29 -21.49
CB MSE A 391 -34.55 14.41 -18.77
CG MSE A 391 -33.13 14.47 -18.21
SE MSE A 391 -32.41 16.31 -18.03
CE MSE A 391 -33.86 17.13 -16.88
N ILE A 392 -34.72 12.08 -20.86
CA ILE A 392 -34.27 10.81 -21.41
C ILE A 392 -34.06 10.92 -22.94
N THR A 393 -35.00 11.62 -23.62
CA THR A 393 -34.94 11.85 -25.07
C THR A 393 -33.64 12.55 -25.44
N GLN A 394 -33.42 13.72 -24.81
CA GLN A 394 -32.23 14.54 -25.00
C GLN A 394 -30.94 13.69 -24.77
N LEU A 395 -30.90 12.98 -23.63
CA LEU A 395 -29.83 12.11 -23.20
C LEU A 395 -29.52 11.00 -24.26
N GLU A 396 -30.60 10.45 -24.89
CA GLU A 396 -30.50 9.40 -25.91
C GLU A 396 -29.93 9.94 -27.22
N ILE A 397 -30.37 11.16 -27.64
CA ILE A 397 -29.85 11.92 -28.80
C ILE A 397 -28.32 12.10 -28.63
N LEU A 398 -27.87 12.56 -27.45
CA LEU A 398 -26.45 12.73 -27.16
C LEU A 398 -25.74 11.41 -27.06
N ASN A 399 -26.42 10.34 -26.55
CA ASN A 399 -25.81 9.00 -26.39
C ASN A 399 -25.54 8.34 -27.73
N ASN A 400 -26.35 8.73 -28.73
CA ASN A 400 -26.17 8.26 -30.10
C ASN A 400 -24.94 8.89 -30.70
N LEU A 401 -24.69 10.16 -30.34
CA LEU A 401 -23.51 10.91 -30.79
C LEU A 401 -22.27 10.26 -30.20
N LEU A 402 -22.28 9.99 -28.89
CA LEU A 402 -21.19 9.39 -28.15
C LEU A 402 -20.68 8.13 -28.84
N ILE A 403 -21.61 7.32 -29.36
CA ILE A 403 -21.24 6.05 -29.98
C ILE A 403 -21.25 6.09 -31.52
N SER A 404 -21.50 7.29 -32.13
CA SER A 404 -21.58 7.47 -33.58
C SER A 404 -20.34 7.07 -34.33
N GLU A 405 -19.16 7.15 -33.68
CA GLU A 405 -17.87 6.83 -34.27
C GLU A 405 -17.00 6.07 -33.31
N GLU A 406 -16.00 5.33 -33.85
CA GLU A 406 -15.03 4.59 -33.03
C GLU A 406 -14.20 5.61 -32.26
N LEU A 407 -14.07 5.38 -30.95
CA LEU A 407 -13.30 6.25 -30.06
C LEU A 407 -11.81 6.22 -30.40
N PRO A 408 -11.14 7.38 -30.53
CA PRO A 408 -9.71 7.38 -30.85
C PRO A 408 -8.90 6.70 -29.75
N MSE A 409 -7.93 5.87 -30.16
CA MSE A 409 -7.05 5.09 -29.30
C MSE A 409 -6.41 6.00 -28.24
O MSE A 409 -6.40 5.64 -27.06
CB MSE A 409 -5.99 4.43 -30.15
CG MSE A 409 -5.62 3.05 -29.73
SE MSE A 409 -3.95 2.67 -30.72
CE MSE A 409 -2.61 3.53 -29.35
N ALA A 410 -5.94 7.19 -28.67
CA ALA A 410 -5.35 8.20 -27.81
C ALA A 410 -6.26 8.51 -26.61
N VAL A 411 -7.54 8.82 -26.89
CA VAL A 411 -8.57 9.15 -25.92
C VAL A 411 -8.89 7.93 -25.04
N LYS A 412 -9.09 6.74 -25.67
CA LYS A 412 -9.40 5.47 -25.01
C LYS A 412 -8.36 5.20 -23.93
N ASN A 413 -7.07 5.41 -24.27
CA ASN A 413 -5.91 5.20 -23.41
C ASN A 413 -5.83 6.20 -22.25
N ILE A 414 -6.22 7.49 -22.49
CA ILE A 414 -6.22 8.54 -21.45
C ILE A 414 -7.31 8.23 -20.43
N MSE A 415 -8.51 7.86 -20.92
CA MSE A 415 -9.66 7.54 -20.06
C MSE A 415 -9.39 6.39 -19.10
O MSE A 415 -9.89 6.40 -17.97
CB MSE A 415 -10.89 7.22 -20.93
CG MSE A 415 -11.45 8.42 -21.63
SE MSE A 415 -12.91 7.90 -22.79
CE MSE A 415 -14.30 7.54 -21.39
N ALA A 416 -8.59 5.40 -19.56
CA ALA A 416 -8.21 4.22 -18.80
C ALA A 416 -7.29 4.57 -17.63
N ARG A 417 -6.32 5.45 -17.88
CA ARG A 417 -5.29 5.82 -16.93
C ARG A 417 -5.53 7.07 -16.07
N THR A 418 -6.37 8.02 -16.52
CA THR A 418 -6.62 9.28 -15.81
C THR A 418 -7.34 9.17 -14.49
N ASP A 419 -7.04 10.12 -13.58
CA ASP A 419 -7.72 10.28 -12.29
C ASP A 419 -8.88 11.28 -12.43
N HIS A 420 -9.09 11.82 -13.66
CA HIS A 420 -10.15 12.75 -14.01
C HIS A 420 -11.50 12.17 -13.54
N PRO A 421 -12.33 12.95 -12.79
CA PRO A 421 -13.58 12.40 -12.23
C PRO A 421 -14.68 12.04 -13.21
N GLU A 422 -14.69 12.65 -14.40
CA GLU A 422 -15.74 12.34 -15.39
C GLU A 422 -15.06 11.98 -16.73
N PRO A 423 -14.34 10.81 -16.88
CA PRO A 423 -13.67 10.52 -18.18
C PRO A 423 -14.57 10.59 -19.42
N ILE A 424 -15.87 10.38 -19.25
CA ILE A 424 -16.81 10.46 -20.37
C ILE A 424 -16.72 11.83 -21.07
N GLN A 425 -16.32 12.89 -20.30
CA GLN A 425 -16.15 14.23 -20.82
C GLN A 425 -15.19 14.19 -21.99
N LEU A 426 -14.08 13.44 -21.83
CA LEU A 426 -13.07 13.22 -22.87
C LEU A 426 -13.69 12.57 -24.11
N ALA A 427 -14.52 11.54 -23.90
CA ALA A 427 -15.16 10.82 -24.99
C ALA A 427 -16.11 11.73 -25.79
N TYR A 428 -17.02 12.44 -25.10
CA TYR A 428 -17.96 13.37 -25.73
C TYR A 428 -17.20 14.49 -26.46
N ASN A 429 -16.18 15.07 -25.80
CA ASN A 429 -15.43 16.15 -26.44
C ASN A 429 -14.59 15.72 -27.62
N SER A 430 -14.17 14.42 -27.67
CA SER A 430 -13.38 13.92 -28.80
C SER A 430 -14.05 14.20 -30.15
N TYR A 431 -15.38 14.43 -30.14
CA TYR A 431 -16.17 14.69 -31.33
C TYR A 431 -15.91 16.08 -31.94
N GLU A 432 -15.16 16.92 -31.22
CA GLU A 432 -14.80 18.25 -31.64
C GLU A 432 -13.33 18.52 -31.40
N THR A 433 -12.77 18.03 -30.27
CA THR A 433 -11.36 18.26 -29.91
C THR A 433 -10.69 17.07 -29.23
N GLN A 434 -9.40 16.92 -29.42
CA GLN A 434 -8.60 15.83 -28.85
C GLN A 434 -7.72 16.31 -27.67
N VAL A 435 -7.54 17.64 -27.58
CA VAL A 435 -6.73 18.26 -26.54
C VAL A 435 -7.56 18.72 -25.33
N PRO A 436 -7.34 18.08 -24.16
CA PRO A 436 -8.08 18.48 -22.96
C PRO A 436 -7.64 19.87 -22.52
N VAL A 437 -8.59 20.67 -22.03
CA VAL A 437 -8.29 22.02 -21.61
C VAL A 437 -8.46 22.22 -20.12
N LEU A 438 -7.46 22.82 -19.50
CA LEU A 438 -7.42 23.14 -18.09
C LEU A 438 -8.01 24.55 -17.90
N PHE A 439 -9.22 24.60 -17.34
CA PHE A 439 -9.90 25.85 -17.07
C PHE A 439 -9.51 26.35 -15.69
N PRO A 440 -9.30 27.69 -15.52
CA PRO A 440 -8.97 28.20 -14.18
C PRO A 440 -10.06 27.87 -13.16
N LYS A 441 -9.63 27.47 -11.97
CA LYS A 441 -10.51 27.11 -10.88
C LYS A 441 -11.28 28.33 -10.35
N ILE A 442 -12.55 28.09 -9.99
CA ILE A 442 -13.43 29.12 -9.46
C ILE A 442 -13.43 29.09 -7.92
N ARG A 443 -13.04 30.21 -7.27
CA ARG A 443 -13.07 30.32 -5.82
C ARG A 443 -14.00 31.46 -5.45
N ASN A 444 -14.96 31.16 -4.54
CA ASN A 444 -15.99 32.07 -4.01
C ASN A 444 -17.06 32.33 -5.09
N GLY A 445 -16.64 32.99 -6.16
CA GLY A 445 -17.41 33.33 -7.35
C GLY A 445 -16.54 34.14 -8.29
N GLU A 446 -15.21 33.88 -8.23
CA GLU A 446 -14.17 34.53 -9.02
C GLU A 446 -13.19 33.53 -9.64
N VAL A 447 -12.68 33.87 -10.84
CA VAL A 447 -11.70 33.12 -11.60
C VAL A 447 -10.33 33.33 -10.95
N THR A 448 -9.57 32.24 -10.72
CA THR A 448 -8.24 32.28 -10.08
C THR A 448 -7.14 31.89 -11.05
N ASP A 449 -5.92 31.74 -10.53
CA ASP A 449 -4.79 31.21 -11.29
C ASP A 449 -4.41 29.81 -10.77
N THR A 450 -5.42 29.07 -10.26
CA THR A 450 -5.28 27.68 -9.83
C THR A 450 -5.94 26.85 -10.92
N TYR A 451 -5.40 25.64 -11.12
CA TYR A 451 -5.88 24.68 -12.12
C TYR A 451 -5.89 23.28 -11.56
N ASP A 452 -6.86 22.45 -11.97
CA ASP A 452 -6.89 21.07 -11.50
C ASP A 452 -5.87 20.27 -12.28
N ASN A 453 -5.06 19.47 -11.59
CA ASN A 453 -4.10 18.69 -12.33
C ASN A 453 -4.45 17.21 -12.31
N TYR A 454 -5.17 16.78 -13.37
CA TYR A 454 -5.53 15.38 -13.56
C TYR A 454 -4.44 14.69 -14.36
N THR A 455 -4.22 13.43 -14.04
CA THR A 455 -3.17 12.61 -14.63
C THR A 455 -3.46 12.23 -16.11
N PHE A 456 -2.38 12.00 -16.89
CA PHE A 456 -2.37 11.56 -18.30
C PHE A 456 -3.13 12.39 -19.33
N LEU A 457 -3.54 13.62 -18.97
CA LEU A 457 -4.30 14.46 -19.88
C LEU A 457 -3.54 15.08 -21.04
N ASN A 458 -2.28 15.56 -20.77
CA ASN A 458 -1.42 16.30 -21.72
C ASN A 458 -2.19 17.54 -22.11
N ALA A 459 -2.87 18.10 -21.10
CA ALA A 459 -3.76 19.23 -21.22
C ALA A 459 -3.05 20.53 -21.50
N ARG A 460 -3.86 21.56 -21.84
CA ARG A 460 -3.41 22.91 -22.13
C ARG A 460 -4.29 23.87 -21.30
N LYS A 461 -3.72 24.99 -20.86
CA LYS A 461 -4.45 26.00 -20.10
C LYS A 461 -5.44 26.71 -21.03
N LEU A 462 -6.59 27.16 -20.47
CA LEU A 462 -7.65 27.81 -21.26
C LEU A 462 -7.15 28.98 -22.06
N GLY A 463 -6.40 29.89 -21.40
CA GLY A 463 -5.91 31.11 -22.04
C GLY A 463 -7.09 31.96 -22.43
N ASP A 464 -7.11 32.41 -23.67
CA ASP A 464 -8.21 33.19 -24.26
C ASP A 464 -8.94 32.32 -25.30
N ASP A 465 -8.44 31.08 -25.48
CA ASP A 465 -8.90 30.09 -26.46
C ASP A 465 -9.94 29.10 -25.89
N VAL A 466 -11.23 29.41 -26.07
CA VAL A 466 -12.28 28.53 -25.58
C VAL A 466 -12.36 27.30 -26.50
N PRO A 467 -12.20 26.05 -25.95
CA PRO A 467 -12.27 24.85 -26.79
C PRO A 467 -13.69 24.51 -27.24
N PRO A 468 -13.89 23.84 -28.40
CA PRO A 468 -15.25 23.43 -28.80
C PRO A 468 -15.77 22.22 -27.99
N TYR A 469 -16.01 22.43 -26.69
CA TYR A 469 -16.52 21.39 -25.81
C TYR A 469 -17.99 21.06 -26.09
N VAL A 470 -18.32 19.77 -26.11
CA VAL A 470 -19.65 19.20 -26.24
C VAL A 470 -20.18 19.01 -24.80
N TYR A 471 -19.26 18.67 -23.90
CA TYR A 471 -19.49 18.38 -22.50
C TYR A 471 -18.58 19.29 -21.68
N ALA A 472 -19.19 20.07 -20.79
CA ALA A 472 -18.50 20.98 -19.91
C ALA A 472 -19.02 20.84 -18.49
N THR A 473 -18.25 21.35 -17.52
CA THR A 473 -18.56 21.41 -16.11
C THR A 473 -19.12 22.83 -15.79
N GLU A 474 -19.91 22.97 -14.69
CA GLU A 474 -20.48 24.25 -14.27
C GLU A 474 -19.38 25.34 -14.07
N ASP A 475 -18.27 24.94 -13.44
CA ASP A 475 -17.11 25.78 -13.18
C ASP A 475 -16.33 26.12 -14.45
N GLU A 476 -16.42 25.29 -15.50
CA GLU A 476 -15.76 25.56 -16.78
C GLU A 476 -16.60 26.62 -17.48
N ASP A 477 -17.94 26.45 -17.50
CA ASP A 477 -18.90 27.39 -18.09
C ASP A 477 -18.86 28.77 -17.38
N LEU A 478 -18.70 28.73 -16.04
CA LEU A 478 -18.62 29.92 -15.24
C LEU A 478 -17.39 30.76 -15.63
N ALA A 479 -16.23 30.07 -15.82
CA ALA A 479 -14.96 30.70 -16.21
C ALA A 479 -15.14 31.41 -17.54
N VAL A 480 -15.78 30.71 -18.52
CA VAL A 480 -16.07 31.25 -19.84
C VAL A 480 -16.88 32.55 -19.72
N GLU A 481 -17.97 32.53 -18.91
CA GLU A 481 -18.80 33.72 -18.71
C GLU A 481 -18.10 34.83 -17.98
N LEU A 482 -17.46 34.51 -16.83
CA LEU A 482 -16.74 35.51 -16.04
C LEU A 482 -15.63 36.19 -16.83
N LEU A 483 -14.96 35.44 -17.72
CA LEU A 483 -13.90 36.00 -18.54
C LEU A 483 -14.42 36.76 -19.80
N GLY A 484 -15.73 36.68 -20.05
CA GLY A 484 -16.40 37.34 -21.17
C GLY A 484 -16.13 36.68 -22.50
N LEU A 485 -15.80 35.39 -22.47
CA LEU A 485 -15.50 34.58 -23.65
C LEU A 485 -16.76 33.83 -24.07
N ASP A 486 -16.75 33.21 -25.26
CA ASP A 486 -17.90 32.44 -25.75
C ASP A 486 -17.55 31.01 -26.13
N TRP A 487 -18.51 30.09 -25.97
CA TRP A 487 -18.27 28.72 -26.37
C TRP A 487 -18.51 28.59 -27.87
N PRO A 488 -17.62 27.91 -28.64
CA PRO A 488 -17.86 27.73 -30.09
C PRO A 488 -19.14 26.98 -30.41
N ASP A 489 -19.65 27.18 -31.65
CA ASP A 489 -20.83 26.49 -32.15
C ASP A 489 -20.39 25.14 -32.73
N PRO A 490 -21.31 24.15 -32.89
CA PRO A 490 -20.89 22.86 -33.47
C PRO A 490 -20.14 23.04 -34.80
N GLY A 491 -18.98 22.39 -34.88
CA GLY A 491 -18.06 22.43 -36.03
C GLY A 491 -18.12 21.27 -37.02
N ASN A 492 -19.09 20.35 -36.88
CA ASN A 492 -19.23 19.24 -37.81
C ASN A 492 -20.68 18.77 -37.92
N GLN A 493 -21.00 18.01 -39.00
CA GLN A 493 -22.35 17.50 -39.26
C GLN A 493 -22.96 16.79 -38.05
N GLY A 494 -22.16 15.95 -37.41
CA GLY A 494 -22.58 15.19 -36.25
C GLY A 494 -23.12 16.05 -35.14
N THR A 495 -22.30 16.96 -34.64
CA THR A 495 -22.64 17.88 -33.56
C THR A 495 -23.73 18.87 -34.00
N VAL A 496 -23.69 19.29 -35.26
CA VAL A 496 -24.71 20.19 -35.78
C VAL A 496 -26.11 19.52 -35.72
N GLU A 497 -26.25 18.31 -36.30
CA GLU A 497 -27.50 17.56 -36.30
C GLU A 497 -27.94 17.22 -34.88
N ALA A 498 -26.98 16.85 -33.99
CA ALA A 498 -27.25 16.56 -32.59
C ALA A 498 -27.96 17.75 -31.96
N GLY A 499 -27.45 18.95 -32.23
CA GLY A 499 -28.02 20.20 -31.73
C GLY A 499 -29.38 20.51 -32.34
N ARG A 500 -29.52 20.28 -33.64
CA ARG A 500 -30.77 20.48 -34.37
C ARG A 500 -31.84 19.60 -33.74
N ALA A 501 -31.51 18.31 -33.46
CA ALA A 501 -32.38 17.31 -32.86
C ALA A 501 -32.80 17.76 -31.47
N LEU A 502 -31.86 18.33 -30.70
CA LEU A 502 -32.11 18.84 -29.35
C LEU A 502 -33.07 20.04 -29.35
N LYS A 503 -32.87 21.01 -30.26
CA LYS A 503 -33.71 22.20 -30.43
C LYS A 503 -35.14 21.75 -30.65
N GLN A 504 -35.29 20.77 -31.54
CA GLN A 504 -36.55 20.18 -31.94
C GLN A 504 -37.32 19.61 -30.76
N VAL A 505 -36.67 18.87 -29.88
CA VAL A 505 -37.33 18.26 -28.73
C VAL A 505 -37.81 19.33 -27.75
N VAL A 506 -36.93 20.27 -27.36
CA VAL A 506 -37.26 21.36 -26.43
C VAL A 506 -38.42 22.19 -26.95
N GLY A 507 -38.57 22.23 -28.28
CA GLY A 507 -39.67 22.90 -28.97
C GLY A 507 -40.98 22.18 -28.72
N LEU A 508 -41.04 20.86 -29.02
CA LEU A 508 -42.24 20.03 -28.81
C LEU A 508 -42.54 19.71 -27.31
N SER A 509 -41.76 20.35 -26.39
CA SER A 509 -41.85 20.29 -24.93
C SER A 509 -42.64 21.50 -24.38
N THR A 510 -42.47 22.63 -24.88
N LEU B 31 -17.37 -21.56 31.03
CA LEU B 31 -18.56 -20.73 30.85
C LEU B 31 -19.49 -20.75 32.08
N THR B 32 -19.76 -21.96 32.66
CA THR B 32 -20.56 -22.24 33.87
C THR B 32 -19.65 -22.22 35.13
N GLU B 33 -18.39 -22.71 35.00
CA GLU B 33 -17.42 -22.76 36.09
C GLU B 33 -16.98 -21.38 36.50
N MSE B 34 -16.80 -20.49 35.51
CA MSE B 34 -16.41 -19.11 35.71
C MSE B 34 -17.51 -18.39 36.48
O MSE B 34 -17.22 -17.67 37.44
CB MSE B 34 -16.24 -18.45 34.35
CG MSE B 34 -15.14 -17.44 34.31
SE MSE B 34 -15.20 -16.56 32.57
CE MSE B 34 -15.32 -18.15 31.28
N VAL B 35 -18.77 -18.62 36.09
CA VAL B 35 -19.93 -18.03 36.77
C VAL B 35 -19.95 -18.51 38.23
N LYS B 36 -19.78 -19.84 38.46
CA LYS B 36 -19.71 -20.42 39.80
C LYS B 36 -18.63 -19.73 40.64
N LYS B 37 -17.45 -19.45 40.02
CA LYS B 37 -16.33 -18.79 40.68
C LYS B 37 -16.64 -17.32 41.04
N ILE B 38 -17.21 -16.56 40.10
CA ILE B 38 -17.60 -15.16 40.33
C ILE B 38 -18.74 -15.10 41.34
N THR B 39 -19.77 -15.96 41.18
CA THR B 39 -20.93 -15.95 42.08
C THR B 39 -20.66 -16.29 43.53
N THR B 40 -19.53 -17.00 43.79
CA THR B 40 -19.13 -17.35 45.15
C THR B 40 -18.22 -16.33 45.84
N MSE B 41 -17.75 -15.28 45.11
CA MSE B 41 -16.88 -14.23 45.64
C MSE B 41 -17.46 -13.56 46.87
O MSE B 41 -18.66 -13.26 46.91
CB MSE B 41 -16.68 -13.12 44.61
CG MSE B 41 -15.77 -13.49 43.46
SE MSE B 41 -15.91 -12.07 42.14
CE MSE B 41 -15.01 -10.61 43.06
N ASN B 42 -16.62 -13.27 47.86
CA ASN B 42 -17.04 -12.53 49.05
C ASN B 42 -16.79 -11.04 48.85
N ARG B 43 -17.46 -10.18 49.64
CA ARG B 43 -17.23 -8.74 49.55
C ARG B 43 -15.73 -8.49 49.85
N GLY B 44 -15.14 -7.58 49.10
CA GLY B 44 -13.73 -7.29 49.23
C GLY B 44 -12.86 -8.06 48.26
N GLU B 45 -13.43 -8.97 47.47
CA GLU B 45 -12.65 -9.75 46.51
C GLU B 45 -12.59 -9.06 45.13
N PHE B 46 -11.57 -9.43 44.34
CA PHE B 46 -11.36 -8.96 42.98
C PHE B 46 -11.03 -10.17 42.12
N ARG B 47 -11.45 -10.17 40.84
CA ARG B 47 -11.13 -11.26 39.91
C ARG B 47 -10.83 -10.65 38.56
N GLN B 48 -9.86 -11.23 37.83
CA GLN B 48 -9.52 -10.81 36.50
C GLN B 48 -9.93 -11.94 35.57
N ILE B 49 -10.67 -11.63 34.50
CA ILE B 49 -11.13 -12.64 33.55
C ILE B 49 -10.59 -12.34 32.14
N THR B 50 -10.23 -13.44 31.43
CA THR B 50 -9.77 -13.40 30.04
C THR B 50 -10.58 -14.35 29.13
N LEU B 51 -11.44 -13.78 28.28
CA LEU B 51 -12.28 -14.53 27.33
C LEU B 51 -12.30 -13.88 25.93
N ALA B 52 -12.95 -14.60 24.92
CA ALA B 52 -13.15 -14.21 23.50
C ALA B 52 -11.85 -14.10 22.71
N GLY B 56 -19.04 -14.08 24.69
CA GLY B 56 -19.85 -13.32 25.63
C GLY B 56 -19.19 -12.03 26.12
N LYS B 57 -18.46 -12.11 27.24
CA LYS B 57 -17.75 -11.00 27.89
C LYS B 57 -18.68 -9.89 28.41
N THR B 58 -18.84 -8.82 27.60
CA THR B 58 -19.65 -7.62 27.80
C THR B 58 -21.14 -8.03 27.88
N THR B 59 -21.49 -9.09 27.13
CA THR B 59 -22.84 -9.56 27.05
C THR B 59 -23.17 -10.76 27.92
N GLU B 60 -22.75 -11.97 27.50
CA GLU B 60 -23.18 -13.18 28.17
C GLU B 60 -22.68 -13.46 29.56
N LEU B 61 -21.49 -12.96 29.95
CA LEU B 61 -20.98 -13.21 31.30
C LEU B 61 -21.87 -12.54 32.38
N PRO B 62 -22.07 -11.21 32.37
CA PRO B 62 -22.97 -10.61 33.37
C PRO B 62 -24.39 -11.17 33.34
N ARG B 63 -24.89 -11.53 32.13
CA ARG B 63 -26.21 -12.13 31.95
C ARG B 63 -26.31 -13.44 32.76
N SER B 64 -25.31 -14.32 32.60
CA SER B 64 -25.24 -15.58 33.29
C SER B 64 -25.15 -15.38 34.79
N VAL B 65 -24.35 -14.37 35.22
CA VAL B 65 -24.15 -14.02 36.63
C VAL B 65 -25.46 -13.60 37.25
N ILE B 66 -26.21 -12.71 36.57
CA ILE B 66 -27.49 -12.24 37.09
C ILE B 66 -28.55 -13.34 37.18
N GLU B 67 -28.59 -14.25 36.21
CA GLU B 67 -29.54 -15.36 36.25
C GLU B 67 -29.23 -16.26 37.46
N GLU B 68 -27.93 -16.39 37.80
CA GLU B 68 -27.48 -17.17 38.94
C GLU B 68 -27.78 -16.47 40.28
N ILE B 69 -27.38 -15.18 40.44
CA ILE B 69 -27.59 -14.44 41.69
C ILE B 69 -29.09 -14.10 41.96
N GLY B 70 -29.86 -13.90 40.90
CA GLY B 70 -31.26 -13.52 40.98
C GLY B 70 -31.54 -12.26 40.21
N ARG B 71 -32.60 -12.27 39.37
CA ARG B 71 -33.05 -11.19 38.48
C ARG B 71 -33.26 -9.81 39.11
N HIS B 72 -33.71 -9.75 40.38
CA HIS B 72 -33.93 -8.56 41.21
C HIS B 72 -32.60 -7.97 41.85
N LYS B 73 -31.44 -8.66 41.71
CA LYS B 73 -30.17 -8.16 42.27
C LYS B 73 -29.55 -7.15 41.29
N ARG B 74 -28.83 -6.13 41.79
CA ARG B 74 -28.23 -5.11 40.93
C ARG B 74 -26.85 -5.56 40.45
N VAL B 75 -26.58 -5.46 39.14
CA VAL B 75 -25.27 -5.79 38.55
C VAL B 75 -24.78 -4.63 37.67
N LEU B 76 -23.56 -4.15 37.88
CA LEU B 76 -23.03 -3.04 37.07
C LEU B 76 -21.93 -3.47 36.10
N VAL B 77 -22.04 -2.98 34.84
CA VAL B 77 -21.08 -3.23 33.76
C VAL B 77 -20.59 -1.87 33.24
N LEU B 78 -19.31 -1.53 33.50
CA LEU B 78 -18.72 -0.24 33.10
C LEU B 78 -17.94 -0.38 31.81
N ILE B 79 -18.36 0.42 30.83
CA ILE B 79 -17.86 0.42 29.45
C ILE B 79 -17.14 1.76 29.13
N PRO B 80 -15.96 1.75 28.44
CA PRO B 80 -15.27 3.02 28.13
C PRO B 80 -16.15 4.01 27.34
N LEU B 81 -16.63 3.65 26.16
CA LEU B 81 -17.43 4.54 25.33
C LEU B 81 -18.94 4.58 25.65
N ARG B 82 -19.50 5.81 25.62
CA ARG B 82 -20.93 6.09 25.85
C ARG B 82 -21.76 5.36 24.80
N ALA B 83 -21.33 5.45 23.51
CA ALA B 83 -22.00 4.82 22.37
C ALA B 83 -21.93 3.31 22.43
N ALA B 84 -20.84 2.77 23.00
CA ALA B 84 -20.64 1.35 23.17
C ALA B 84 -21.61 0.82 24.21
N ALA B 85 -21.77 1.56 25.33
CA ALA B 85 -22.69 1.25 26.42
C ALA B 85 -24.13 1.27 25.90
N GLU B 86 -24.46 2.25 25.03
CA GLU B 86 -25.78 2.36 24.44
C GLU B 86 -26.08 1.12 23.55
N SER B 87 -25.14 0.77 22.64
CA SER B 87 -25.20 -0.37 21.74
C SER B 87 -25.48 -1.68 22.50
N VAL B 88 -24.72 -1.97 23.56
CA VAL B 88 -24.93 -3.18 24.36
C VAL B 88 -26.36 -3.16 24.95
N TYR B 89 -26.72 -2.06 25.64
CA TYR B 89 -28.03 -1.89 26.25
C TYR B 89 -29.16 -2.21 25.26
N GLN B 90 -29.08 -1.64 24.06
CA GLN B 90 -30.05 -1.82 22.98
C GLN B 90 -30.15 -3.29 22.56
N TYR B 91 -28.99 -3.93 22.33
CA TYR B 91 -28.86 -5.33 21.91
C TYR B 91 -29.40 -6.30 22.97
N MSE B 92 -28.92 -6.13 24.21
CA MSE B 92 -29.26 -6.98 25.35
C MSE B 92 -30.74 -6.93 25.74
O MSE B 92 -31.32 -8.00 25.95
CB MSE B 92 -28.33 -6.74 26.52
CG MSE B 92 -26.91 -7.14 26.24
SE MSE B 92 -26.63 -9.06 26.10
CE MSE B 92 -26.76 -9.50 27.96
N ARG B 93 -31.35 -5.73 25.79
CA ARG B 93 -32.76 -5.64 26.14
C ARG B 93 -33.66 -6.37 25.14
N GLN B 94 -33.28 -6.38 23.84
CA GLN B 94 -34.00 -7.10 22.80
C GLN B 94 -33.79 -8.60 22.95
N LYS B 95 -32.51 -9.05 23.08
CA LYS B 95 -32.11 -10.46 23.21
C LYS B 95 -32.65 -11.14 24.46
N HIS B 96 -32.49 -10.50 25.63
CA HIS B 96 -32.97 -11.08 26.88
C HIS B 96 -34.12 -10.26 27.50
N PRO B 97 -35.37 -10.31 26.95
CA PRO B 97 -36.46 -9.52 27.56
C PRO B 97 -36.91 -9.95 28.95
N SER B 98 -36.44 -11.12 29.43
CA SER B 98 -36.75 -11.61 30.78
C SER B 98 -35.80 -10.96 31.86
N ILE B 99 -34.91 -10.04 31.47
CA ILE B 99 -34.01 -9.38 32.41
C ILE B 99 -34.06 -7.86 32.23
N ALA B 100 -34.10 -7.11 33.35
CA ALA B 100 -34.15 -5.66 33.30
C ALA B 100 -32.80 -5.12 32.93
N PHE B 101 -32.78 -4.19 31.99
CA PHE B 101 -31.55 -3.53 31.59
C PHE B 101 -31.70 -2.05 31.79
N ASN B 102 -30.62 -1.39 32.17
CA ASN B 102 -30.57 0.03 32.44
C ASN B 102 -29.36 0.63 31.78
N LEU B 103 -29.52 1.85 31.23
CA LEU B 103 -28.46 2.61 30.59
C LEU B 103 -28.13 3.86 31.39
N ARG B 104 -26.85 4.05 31.73
CA ARG B 104 -26.36 5.21 32.50
C ARG B 104 -25.20 5.89 31.79
N ILE B 105 -25.50 6.80 30.85
CA ILE B 105 -24.50 7.53 30.06
C ILE B 105 -24.73 9.06 30.09
N GLY B 106 -25.82 9.48 30.72
CA GLY B 106 -26.17 10.88 30.81
C GLY B 106 -26.05 11.43 32.20
N GLU B 107 -27.04 12.26 32.59
CA GLU B 107 -27.12 12.89 33.91
C GLU B 107 -27.37 11.84 34.99
N MSE B 108 -26.90 12.14 36.21
CA MSE B 108 -26.99 11.31 37.40
C MSE B 108 -28.42 10.99 37.75
O MSE B 108 -29.23 11.92 37.90
CB MSE B 108 -26.37 12.06 38.57
CG MSE B 108 -25.20 11.39 39.18
SE MSE B 108 -24.70 12.34 40.81
CE MSE B 108 -23.75 13.92 40.00
N LYS B 109 -28.76 9.69 37.89
CA LYS B 109 -30.10 9.29 38.30
C LYS B 109 -30.09 9.33 39.83
N GLU B 110 -30.88 10.25 40.42
CA GLU B 110 -30.91 10.40 41.87
C GLU B 110 -31.65 9.28 42.56
N GLY B 111 -30.97 8.66 43.52
CA GLY B 111 -31.45 7.52 44.29
C GLY B 111 -31.68 6.29 43.45
N ASP B 112 -30.89 6.13 42.36
CA ASP B 112 -30.99 5.00 41.43
C ASP B 112 -30.88 3.66 42.15
N MSE B 113 -31.96 2.86 42.07
CA MSE B 113 -32.05 1.54 42.70
C MSE B 113 -32.52 0.49 41.69
O MSE B 113 -33.03 -0.55 42.10
CB MSE B 113 -32.98 1.60 43.93
CG MSE B 113 -32.33 2.22 45.17
SE MSE B 113 -30.59 1.38 45.74
CE MSE B 113 -30.31 2.40 47.48
N ALA B 114 -32.29 0.75 40.39
CA ALA B 114 -32.67 -0.09 39.24
C ALA B 114 -32.15 -1.55 39.30
N THR B 115 -33.09 -2.52 39.23
CA THR B 115 -32.86 -3.95 39.41
C THR B 115 -32.04 -4.84 38.48
N GLY B 116 -32.03 -4.62 37.17
CA GLY B 116 -31.27 -5.57 36.35
C GLY B 116 -29.78 -5.30 36.18
N ILE B 117 -29.28 -5.55 34.97
CA ILE B 117 -27.90 -5.26 34.59
C ILE B 117 -27.90 -3.77 34.19
N THR B 118 -27.03 -2.98 34.81
CA THR B 118 -26.88 -1.55 34.47
C THR B 118 -25.62 -1.40 33.64
N TYR B 119 -25.78 -0.91 32.42
CA TYR B 119 -24.69 -0.62 31.50
C TYR B 119 -24.40 0.87 31.62
N ALA B 120 -23.20 1.20 32.08
CA ALA B 120 -22.81 2.59 32.25
C ALA B 120 -21.45 2.88 31.68
N SER B 121 -21.19 4.15 31.39
CA SER B 121 -19.88 4.65 30.95
C SER B 121 -19.13 4.97 32.26
N TYR B 122 -17.78 5.00 32.24
CA TYR B 122 -17.05 5.35 33.46
C TYR B 122 -17.27 6.82 33.78
N GLY B 123 -17.38 7.63 32.71
CA GLY B 123 -17.63 9.06 32.79
C GLY B 123 -18.92 9.41 33.52
N TYR B 124 -19.88 8.45 33.53
CA TYR B 124 -21.14 8.64 34.25
C TYR B 124 -20.83 8.80 35.76
N PHE B 125 -19.94 7.95 36.29
CA PHE B 125 -19.58 7.98 37.69
C PHE B 125 -18.61 9.08 38.04
N CYS B 126 -17.99 9.72 37.03
CA CYS B 126 -17.07 10.83 37.25
C CYS B 126 -17.77 12.09 37.74
N GLN B 127 -19.09 12.17 37.53
CA GLN B 127 -19.95 13.29 37.94
C GLN B 127 -20.11 13.34 39.47
N MSE B 128 -20.01 12.18 40.14
CA MSE B 128 -20.27 12.01 41.56
C MSE B 128 -19.11 12.25 42.46
O MSE B 128 -17.99 11.81 42.16
CB MSE B 128 -20.81 10.61 41.87
CG MSE B 128 -21.68 10.03 40.82
SE MSE B 128 -22.55 8.46 41.55
CE MSE B 128 -23.64 8.07 40.07
N SER B 129 -19.44 12.82 43.65
CA SER B 129 -18.53 13.02 44.78
C SER B 129 -18.17 11.63 45.35
N GLN B 130 -16.98 11.49 45.95
CA GLN B 130 -16.50 10.24 46.51
C GLN B 130 -17.54 9.58 47.42
N PRO B 131 -18.17 10.33 48.40
CA PRO B 131 -19.24 9.70 49.21
C PRO B 131 -20.39 9.14 48.37
N LYS B 132 -20.93 9.97 47.42
CA LYS B 132 -22.02 9.65 46.49
C LYS B 132 -21.65 8.43 45.69
N LEU B 133 -20.39 8.38 45.17
CA LEU B 133 -19.92 7.29 44.33
C LEU B 133 -19.94 5.99 45.12
N ARG B 134 -19.39 6.01 46.36
CA ARG B 134 -19.34 4.85 47.23
C ARG B 134 -20.75 4.37 47.52
N ALA B 135 -21.67 5.29 47.89
CA ALA B 135 -23.06 5.01 48.17
C ALA B 135 -23.71 4.26 47.01
N ALA B 136 -23.43 4.72 45.78
CA ALA B 136 -23.95 4.14 44.55
C ALA B 136 -23.36 2.75 44.29
N MSE B 137 -22.02 2.66 44.31
CA MSE B 137 -21.27 1.45 44.04
C MSE B 137 -21.59 0.31 44.98
O MSE B 137 -21.69 -0.82 44.49
CB MSE B 137 -19.75 1.74 44.05
CG MSE B 137 -19.27 2.59 42.90
SE MSE B 137 -19.51 1.80 41.15
CE MSE B 137 -18.08 0.62 41.12
N VAL B 138 -21.74 0.57 46.29
CA VAL B 138 -22.00 -0.51 47.27
C VAL B 138 -23.31 -1.25 47.04
N GLU B 139 -24.30 -0.59 46.37
CA GLU B 139 -25.61 -1.16 46.10
C GLU B 139 -25.59 -2.30 45.08
N TYR B 140 -24.61 -2.31 44.15
CA TYR B 140 -24.47 -3.38 43.16
C TYR B 140 -23.85 -4.61 43.84
N SER B 141 -24.29 -5.81 43.44
CA SER B 141 -23.78 -7.07 43.98
C SER B 141 -22.42 -7.35 43.33
N PHE B 142 -22.32 -7.05 42.01
CA PHE B 142 -21.13 -7.22 41.20
C PHE B 142 -20.88 -6.02 40.33
N ILE B 143 -19.59 -5.69 40.15
CA ILE B 143 -19.14 -4.59 39.30
C ILE B 143 -18.18 -5.17 38.29
N PHE B 144 -18.52 -5.03 37.01
CA PHE B 144 -17.71 -5.53 35.90
C PHE B 144 -17.01 -4.39 35.21
N LEU B 145 -15.70 -4.52 35.08
CA LEU B 145 -14.87 -3.52 34.44
C LEU B 145 -14.58 -4.06 33.06
N ASP B 146 -15.24 -3.51 32.05
CA ASP B 146 -15.00 -3.97 30.71
C ASP B 146 -13.83 -3.21 30.04
N GLU B 147 -13.07 -3.93 29.19
CA GLU B 147 -11.95 -3.44 28.39
C GLU B 147 -10.97 -2.52 29.16
N TYR B 148 -10.52 -2.95 30.36
CA TYR B 148 -9.59 -2.17 31.17
C TYR B 148 -8.26 -1.84 30.45
N HIS B 149 -7.94 -2.50 29.33
CA HIS B 149 -6.71 -2.23 28.60
C HIS B 149 -6.72 -0.95 27.79
N CYS B 150 -7.90 -0.31 27.67
CA CYS B 150 -8.06 0.94 26.96
C CYS B 150 -7.41 2.09 27.72
N ALA B 151 -7.49 1.99 29.05
CA ALA B 151 -6.91 2.92 30.01
C ALA B 151 -7.21 4.39 29.70
N THR B 152 -8.52 4.73 29.61
CA THR B 152 -8.96 6.09 29.35
C THR B 152 -8.82 6.91 30.67
N PRO B 153 -8.75 8.27 30.66
CA PRO B 153 -8.63 8.97 31.95
C PRO B 153 -9.79 8.71 32.93
N GLU B 154 -11.05 8.58 32.43
CA GLU B 154 -12.24 8.34 33.25
C GLU B 154 -12.14 6.96 33.84
N GLN B 155 -11.68 6.02 33.02
CA GLN B 155 -11.47 4.62 33.41
C GLN B 155 -10.46 4.53 34.56
N LEU B 156 -9.26 5.12 34.38
CA LEU B 156 -8.19 5.16 35.37
C LEU B 156 -8.60 5.82 36.67
N ALA B 157 -9.39 6.94 36.60
CA ALA B 157 -9.90 7.65 37.76
C ALA B 157 -10.91 6.78 38.52
N ILE B 158 -11.93 6.20 37.82
CA ILE B 158 -12.90 5.33 38.51
C ILE B 158 -12.27 4.09 39.17
N MSE B 159 -11.33 3.44 38.48
CA MSE B 159 -10.68 2.28 39.04
C MSE B 159 -9.94 2.63 40.31
O MSE B 159 -10.10 1.94 41.32
CB MSE B 159 -9.73 1.65 38.03
CG MSE B 159 -10.47 0.87 36.98
SE MSE B 159 -9.26 0.40 35.63
CE MSE B 159 -10.53 -0.01 34.33
N GLY B 160 -9.20 3.74 40.28
CA GLY B 160 -8.50 4.25 41.42
C GLY B 160 -9.44 4.62 42.55
N LYS B 161 -10.52 5.31 42.23
CA LYS B 161 -11.50 5.78 43.22
C LYS B 161 -12.27 4.64 43.88
N ILE B 162 -12.81 3.67 43.10
CA ILE B 162 -13.60 2.56 43.67
C ILE B 162 -12.72 1.64 44.49
N HIS B 163 -11.44 1.50 44.09
CA HIS B 163 -10.50 0.66 44.81
C HIS B 163 -10.35 1.16 46.23
N ARG B 164 -10.57 2.47 46.46
CA ARG B 164 -10.44 3.04 47.80
C ARG B 164 -11.39 2.37 48.78
N PHE B 165 -12.56 1.88 48.32
CA PHE B 165 -13.55 1.22 49.17
C PHE B 165 -13.82 -0.22 48.67
N SER B 166 -12.77 -0.81 48.03
CA SER B 166 -12.78 -2.16 47.44
C SER B 166 -13.25 -3.24 48.44
N GLU B 167 -12.99 -3.04 49.78
CA GLU B 167 -13.42 -3.93 50.88
C GLU B 167 -14.91 -4.20 50.85
N ASN B 168 -15.70 -3.22 50.32
CA ASN B 168 -17.14 -3.16 50.24
C ASN B 168 -17.72 -3.68 48.95
N LEU B 169 -16.86 -4.06 47.97
CA LEU B 169 -17.30 -4.47 46.63
C LEU B 169 -16.84 -5.86 46.20
N ARG B 170 -17.43 -6.36 45.09
CA ARG B 170 -17.04 -7.56 44.35
C ARG B 170 -16.75 -7.04 42.93
N VAL B 171 -15.47 -6.88 42.59
CA VAL B 171 -15.03 -6.31 41.30
C VAL B 171 -14.52 -7.44 40.38
N VAL B 172 -14.88 -7.38 39.11
CA VAL B 172 -14.41 -8.34 38.11
C VAL B 172 -13.89 -7.54 36.92
N ALA B 173 -12.57 -7.62 36.62
CA ALA B 173 -12.00 -6.93 35.47
C ALA B 173 -11.92 -7.93 34.30
N MSE B 174 -12.50 -7.54 33.17
CA MSE B 174 -12.59 -8.36 31.98
C MSE B 174 -11.80 -7.81 30.81
O MSE B 174 -11.75 -6.59 30.62
CB MSE B 174 -14.04 -8.47 31.54
CG MSE B 174 -14.93 -9.15 32.54
SE MSE B 174 -16.68 -9.23 31.81
CE MSE B 174 -17.13 -7.35 31.59
N THR B 175 -11.19 -8.72 30.00
CA THR B 175 -10.40 -8.44 28.79
C THR B 175 -10.42 -9.61 27.77
N ALA B 176 -10.08 -9.32 26.48
CA ALA B 176 -10.00 -10.32 25.40
C ALA B 176 -8.56 -10.67 25.02
N THR B 185 -7.88 -13.82 16.85
CA THR B 185 -8.10 -13.27 15.50
C THR B 185 -9.00 -14.20 14.63
N GLY B 186 -9.50 -13.65 13.52
CA GLY B 186 -10.37 -14.38 12.58
C GLY B 186 -9.73 -14.61 11.22
N GLN B 187 -8.53 -15.21 11.25
CA GLN B 187 -7.73 -15.54 10.06
C GLN B 187 -8.20 -16.86 9.45
N LYS B 188 -8.63 -16.79 8.20
CA LYS B 188 -9.09 -17.99 7.52
C LYS B 188 -8.13 -18.49 6.43
N HIS B 189 -7.16 -17.66 6.03
CA HIS B 189 -6.18 -17.97 5.00
C HIS B 189 -4.75 -17.64 5.45
N PRO B 190 -3.71 -18.29 4.86
CA PRO B 190 -2.34 -18.01 5.29
C PRO B 190 -1.90 -16.61 4.93
N ILE B 191 -1.09 -16.02 5.82
CA ILE B 191 -0.55 -14.66 5.67
C ILE B 191 0.95 -14.79 5.55
N GLU B 192 1.50 -14.36 4.39
CA GLU B 192 2.93 -14.37 4.17
C GLU B 192 3.50 -13.13 4.84
N GLU B 193 4.50 -13.31 5.69
CA GLU B 193 5.12 -12.24 6.45
C GLU B 193 6.49 -11.85 5.86
N PHE B 194 6.71 -10.54 5.71
CA PHE B 194 7.95 -9.97 5.19
C PHE B 194 8.41 -8.81 6.03
N ILE B 195 9.74 -8.62 6.08
CA ILE B 195 10.37 -7.46 6.72
C ILE B 195 10.87 -6.61 5.56
N ALA B 196 10.25 -5.45 5.37
CA ALA B 196 10.66 -4.55 4.31
C ALA B 196 11.86 -3.72 4.78
N PRO B 197 12.97 -3.66 4.00
CA PRO B 197 14.09 -2.84 4.44
C PRO B 197 13.75 -1.36 4.25
N GLU B 198 14.45 -0.53 4.98
CA GLU B 198 14.28 0.92 4.93
C GLU B 198 15.01 1.45 3.69
N VAL B 199 14.38 2.39 2.98
CA VAL B 199 14.94 3.03 1.79
C VAL B 199 15.97 4.08 2.28
N MSE B 200 17.26 3.91 1.93
CA MSE B 200 18.29 4.86 2.34
C MSE B 200 18.31 6.10 1.45
O MSE B 200 18.02 5.99 0.24
CB MSE B 200 19.67 4.21 2.37
CG MSE B 200 19.87 3.29 3.56
SE MSE B 200 20.88 1.69 3.04
CE MSE B 200 19.32 0.53 2.51
N LYS B 201 18.62 7.29 2.02
CA LYS B 201 18.67 8.55 1.26
C LYS B 201 19.75 8.47 0.16
N GLY B 202 19.29 8.49 -1.08
CA GLY B 202 20.14 8.38 -2.25
C GLY B 202 20.26 6.97 -2.78
N GLU B 203 19.27 6.12 -2.43
CA GLU B 203 19.22 4.72 -2.84
C GLU B 203 18.51 4.65 -4.18
N ASP B 204 19.08 3.90 -5.13
CA ASP B 204 18.43 3.69 -6.40
C ASP B 204 17.85 2.30 -6.49
N LEU B 205 16.53 2.27 -6.39
CA LEU B 205 15.65 1.11 -6.35
C LEU B 205 15.45 0.46 -7.72
N GLY B 206 15.59 1.29 -8.75
CA GLY B 206 15.44 0.90 -10.15
C GLY B 206 13.97 0.76 -10.48
N SER B 207 13.64 -0.34 -11.14
CA SER B 207 12.27 -0.67 -11.55
C SER B 207 11.74 -1.94 -10.88
N GLU B 208 12.42 -2.44 -9.83
CA GLU B 208 12.02 -3.67 -9.15
C GLU B 208 11.36 -3.40 -7.81
N TYR B 209 11.78 -2.30 -7.16
CA TYR B 209 11.27 -1.87 -5.86
C TYR B 209 10.85 -0.41 -5.92
N LEU B 210 9.94 0.00 -5.02
CA LEU B 210 9.48 1.38 -4.90
C LEU B 210 9.35 1.77 -3.43
N ASP B 211 9.52 3.08 -3.13
CA ASP B 211 9.42 3.64 -1.78
C ASP B 211 7.96 3.74 -1.29
N ILE B 212 7.60 2.91 -0.30
CA ILE B 212 6.26 2.97 0.30
C ILE B 212 6.48 3.39 1.75
N ALA B 213 6.32 4.72 2.00
CA ALA B 213 6.47 5.37 3.31
C ALA B 213 7.82 5.04 3.98
N GLY B 214 8.89 5.13 3.20
CA GLY B 214 10.23 4.86 3.68
C GLY B 214 10.69 3.42 3.62
N LEU B 215 9.78 2.49 3.24
CA LEU B 215 10.06 1.06 3.12
C LEU B 215 10.18 0.62 1.65
N LYS B 216 11.13 -0.31 1.37
CA LYS B 216 11.47 -0.87 0.06
C LYS B 216 10.55 -2.06 -0.25
N ILE B 217 9.56 -1.82 -1.14
CA ILE B 217 8.54 -2.79 -1.51
C ILE B 217 8.67 -3.25 -2.98
N PRO B 218 8.62 -4.58 -3.23
CA PRO B 218 8.67 -5.06 -4.62
C PRO B 218 7.52 -4.51 -5.46
N VAL B 219 7.83 -3.80 -6.58
CA VAL B 219 6.85 -3.17 -7.47
C VAL B 219 5.72 -4.12 -7.90
N GLU B 220 6.01 -5.43 -8.02
CA GLU B 220 5.03 -6.46 -8.38
C GLU B 220 3.81 -6.40 -7.44
N GLU B 221 3.99 -5.85 -6.23
CA GLU B 221 2.94 -5.71 -5.25
C GLU B 221 1.87 -4.70 -5.66
N MSE B 222 2.19 -3.78 -6.60
CA MSE B 222 1.28 -2.74 -7.10
C MSE B 222 0.18 -3.28 -8.05
O MSE B 222 -0.63 -2.51 -8.58
CB MSE B 222 2.06 -1.58 -7.74
CG MSE B 222 3.06 -0.88 -6.83
SE MSE B 222 2.42 -0.46 -5.05
CE MSE B 222 3.40 -1.82 -4.27
N LYS B 223 0.18 -4.59 -8.28
CA LYS B 223 -0.81 -5.26 -9.09
C LYS B 223 -1.96 -5.71 -8.16
N ASN B 224 -1.74 -5.59 -6.83
CA ASN B 224 -2.65 -5.99 -5.76
C ASN B 224 -3.27 -4.82 -4.99
N ASN B 225 -4.29 -5.15 -4.17
CA ASN B 225 -4.98 -4.20 -3.28
C ASN B 225 -4.17 -4.02 -2.00
N MSE B 226 -3.60 -2.82 -1.86
CA MSE B 226 -2.70 -2.46 -0.79
C MSE B 226 -3.28 -1.49 0.24
O MSE B 226 -3.95 -0.53 -0.13
CB MSE B 226 -1.42 -1.91 -1.40
CG MSE B 226 -0.38 -1.45 -0.42
SE MSE B 226 1.30 -1.19 -1.34
CE MSE B 226 1.70 -3.03 -1.66
N LEU B 227 -2.96 -1.74 1.52
CA LEU B 227 -3.28 -0.89 2.67
C LEU B 227 -1.94 -0.54 3.32
N VAL B 228 -1.67 0.78 3.46
CA VAL B 228 -0.43 1.24 4.05
C VAL B 228 -0.72 1.95 5.35
N PHE B 229 -0.09 1.49 6.44
CA PHE B 229 -0.23 2.12 7.75
C PHE B 229 0.96 3.07 8.00
N VAL B 230 0.67 4.35 8.18
CA VAL B 230 1.65 5.40 8.43
C VAL B 230 1.33 6.11 9.78
N PRO B 231 2.31 6.74 10.49
CA PRO B 231 1.99 7.37 11.79
C PRO B 231 1.23 8.68 11.70
N THR B 232 1.54 9.51 10.68
CA THR B 232 0.96 10.85 10.55
C THR B 232 0.03 11.07 9.39
N ARG B 233 -0.84 12.09 9.51
CA ARG B 233 -1.81 12.51 8.48
C ARG B 233 -1.03 13.09 7.29
N ASN B 234 0.05 13.84 7.59
CA ASN B 234 0.91 14.45 6.60
C ASN B 234 1.60 13.41 5.72
N MSE B 235 1.99 12.27 6.32
CA MSE B 235 2.63 11.17 5.60
C MSE B 235 1.65 10.44 4.70
O MSE B 235 2.03 10.08 3.58
CB MSE B 235 3.29 10.21 6.57
CG MSE B 235 4.66 10.66 7.00
SE MSE B 235 5.45 9.34 8.16
CE MSE B 235 6.02 8.01 6.79
N ALA B 236 0.39 10.21 5.17
CA ALA B 236 -0.66 9.57 4.40
C ALA B 236 -0.95 10.36 3.13
N VAL B 237 -1.00 11.69 3.25
CA VAL B 237 -1.26 12.60 2.14
C VAL B 237 -0.06 12.62 1.17
N GLU B 238 1.16 12.74 1.71
CA GLU B 238 2.40 12.74 0.92
C GLU B 238 2.65 11.40 0.21
N ALA B 239 2.38 10.27 0.89
CA ALA B 239 2.55 8.95 0.26
C ALA B 239 1.49 8.76 -0.82
N ALA B 240 0.22 9.17 -0.56
CA ALA B 240 -0.86 9.05 -1.53
C ALA B 240 -0.56 9.86 -2.77
N LYS B 241 -0.27 11.16 -2.60
CA LYS B 241 0.02 12.07 -3.70
C LYS B 241 1.17 11.62 -4.59
N LYS B 242 2.21 11.01 -3.99
CA LYS B 242 3.38 10.51 -4.73
C LYS B 242 3.01 9.32 -5.60
N LEU B 243 2.23 8.36 -5.03
CA LEU B 243 1.74 7.15 -5.72
C LEU B 243 0.76 7.49 -6.86
N LYS B 244 -0.06 8.55 -6.67
CA LYS B 244 -1.01 9.02 -7.69
C LYS B 244 -0.23 9.57 -8.90
N ALA B 245 0.87 10.29 -8.62
CA ALA B 245 1.78 10.89 -9.60
C ALA B 245 2.56 9.81 -10.38
N LYS B 246 2.75 8.62 -9.77
CA LYS B 246 3.41 7.46 -10.35
C LYS B 246 2.45 6.63 -11.22
N GLY B 247 1.16 7.00 -11.20
CA GLY B 247 0.11 6.36 -11.99
C GLY B 247 -0.83 5.46 -11.20
N TYR B 248 -0.47 5.08 -9.97
CA TYR B 248 -1.26 4.18 -9.12
C TYR B 248 -2.60 4.78 -8.65
N ASN B 249 -3.60 3.90 -8.42
CA ASN B 249 -4.91 4.30 -7.92
C ASN B 249 -4.79 4.43 -6.41
N SER B 250 -4.30 5.61 -5.96
CA SER B 250 -4.05 5.86 -4.53
C SER B 250 -5.07 6.74 -3.89
N GLY B 251 -5.24 6.57 -2.60
CA GLY B 251 -6.14 7.35 -1.76
C GLY B 251 -5.62 7.38 -0.34
N TYR B 252 -6.08 8.33 0.46
CA TYR B 252 -5.64 8.41 1.85
C TYR B 252 -6.83 8.44 2.82
N TYR B 253 -6.53 8.27 4.13
CA TYR B 253 -7.53 8.31 5.19
C TYR B 253 -6.89 8.76 6.51
N PRO B 259 -14.79 9.23 4.55
CA PRO B 259 -14.75 7.85 4.07
C PRO B 259 -15.37 7.64 2.67
N SER B 260 -16.40 8.42 2.33
CA SER B 260 -17.08 8.36 1.02
C SER B 260 -16.17 8.67 -0.19
N ASN B 261 -15.03 9.39 0.03
CA ASN B 261 -14.07 9.75 -1.01
C ASN B 261 -13.00 8.66 -1.25
N LEU B 262 -13.09 7.55 -0.49
CA LEU B 262 -12.25 6.36 -0.62
C LEU B 262 -13.01 5.34 -1.45
N ARG B 263 -14.36 5.46 -1.47
CA ARG B 263 -15.25 4.60 -2.23
C ARG B 263 -14.89 4.68 -3.70
N VAL B 264 -14.58 5.91 -4.20
CA VAL B 264 -14.13 6.17 -5.56
C VAL B 264 -12.80 5.44 -5.85
N VAL B 265 -11.92 5.31 -4.82
CA VAL B 265 -10.64 4.60 -4.96
C VAL B 265 -10.89 3.09 -4.92
N THR B 266 -11.45 2.60 -3.79
CA THR B 266 -11.70 1.18 -3.53
C THR B 266 -12.62 0.46 -4.50
N SER B 267 -13.48 1.20 -5.24
CA SER B 267 -14.40 0.63 -6.23
C SER B 267 -13.67 0.06 -7.48
N GLN B 268 -12.39 0.43 -7.68
CA GLN B 268 -11.59 -0.04 -8.81
C GLN B 268 -10.32 -0.71 -8.29
N SER B 269 -9.97 -1.88 -8.84
CA SER B 269 -8.76 -2.59 -8.43
C SER B 269 -7.75 -2.70 -9.59
N PRO B 270 -6.42 -2.60 -9.31
CA PRO B 270 -5.78 -2.47 -7.99
C PRO B 270 -5.93 -1.09 -7.39
N TYR B 271 -5.94 -1.04 -6.04
CA TYR B 271 -5.99 0.19 -5.26
C TYR B 271 -4.92 0.17 -4.18
N VAL B 272 -4.54 1.35 -3.75
CA VAL B 272 -3.58 1.55 -2.66
C VAL B 272 -4.11 2.63 -1.72
N VAL B 273 -4.26 2.26 -0.45
CA VAL B 273 -4.81 3.18 0.53
C VAL B 273 -3.86 3.42 1.65
N VAL B 274 -3.46 4.69 1.81
CA VAL B 274 -2.52 5.10 2.85
C VAL B 274 -3.34 5.67 4.00
N ALA B 275 -3.27 5.02 5.16
CA ALA B 275 -4.02 5.40 6.35
C ALA B 275 -3.17 5.39 7.61
N THR B 276 -3.62 6.15 8.61
CA THR B 276 -3.06 6.19 9.97
C THR B 276 -3.93 5.16 10.74
N ASN B 277 -3.62 4.83 12.00
CA ASN B 277 -4.44 3.86 12.77
C ASN B 277 -5.96 4.15 12.65
N ALA B 278 -6.72 3.26 11.97
CA ALA B 278 -8.18 3.40 11.70
C ALA B 278 -9.05 2.08 11.90
N ILE B 279 -10.37 2.18 11.60
CA ILE B 279 -11.36 1.11 11.79
C ILE B 279 -11.92 0.61 10.46
N VAL B 283 -14.06 2.16 7.66
CA VAL B 283 -13.38 1.84 6.40
C VAL B 283 -13.51 0.38 5.92
N THR B 284 -14.18 0.24 4.78
CA THR B 284 -14.59 -0.98 4.08
C THR B 284 -13.49 -1.95 3.62
N LEU B 285 -12.58 -1.47 2.73
CA LEU B 285 -11.47 -2.16 2.03
C LEU B 285 -11.77 -3.54 1.39
N PRO B 286 -12.48 -3.57 0.23
CA PRO B 286 -12.84 -4.85 -0.40
C PRO B 286 -11.69 -5.52 -1.14
N ASP B 287 -11.67 -6.86 -1.14
CA ASP B 287 -10.64 -7.69 -1.78
C ASP B 287 -9.19 -7.33 -1.39
N LEU B 288 -8.95 -7.00 -0.10
CA LEU B 288 -7.60 -6.63 0.35
C LEU B 288 -6.60 -7.77 0.24
N ASP B 289 -5.45 -7.46 -0.34
CA ASP B 289 -4.36 -8.41 -0.60
C ASP B 289 -3.17 -8.21 0.28
N VAL B 290 -2.62 -7.00 0.31
CA VAL B 290 -1.40 -6.69 1.03
C VAL B 290 -1.45 -5.48 1.99
N VAL B 291 -0.78 -5.63 3.14
CA VAL B 291 -0.61 -4.60 4.18
C VAL B 291 0.86 -4.21 4.25
N VAL B 292 1.14 -2.89 4.21
CA VAL B 292 2.49 -2.34 4.41
C VAL B 292 2.39 -1.55 5.72
N ASP B 293 3.12 -2.00 6.74
CA ASP B 293 3.06 -1.41 8.06
C ASP B 293 4.40 -0.78 8.46
N THR B 294 4.39 0.56 8.66
CA THR B 294 5.55 1.35 9.10
C THR B 294 5.90 1.00 10.57
N GLY B 295 4.97 0.35 11.27
CA GLY B 295 5.12 -0.04 12.68
C GLY B 295 5.10 1.12 13.66
N LEU B 296 4.73 2.31 13.18
CA LEU B 296 4.70 3.53 13.97
C LEU B 296 3.32 4.15 14.08
N LYS B 297 3.15 4.94 15.15
CA LYS B 297 1.99 5.73 15.52
C LYS B 297 2.39 7.08 16.19
N CYS B 298 1.52 8.07 16.10
CA CYS B 298 1.75 9.35 16.73
C CYS B 298 0.90 9.36 17.99
N GLU B 299 1.51 9.53 19.17
CA GLU B 299 0.72 9.51 20.41
C GLU B 299 1.16 10.50 21.47
N LYS B 300 0.25 10.97 22.32
CA LYS B 300 0.66 11.88 23.39
C LYS B 300 1.57 11.18 24.40
N ARG B 301 2.53 11.93 24.93
CA ARG B 301 3.53 11.47 25.88
C ARG B 301 3.83 12.56 26.89
N ILE B 302 4.34 12.20 28.08
CA ILE B 302 4.73 13.18 29.08
C ILE B 302 6.22 13.09 29.38
N ARG B 303 6.80 14.22 29.80
CA ARG B 303 8.21 14.41 30.15
C ARG B 303 8.17 15.04 31.54
N LEU B 304 8.71 14.36 32.55
CA LEU B 304 8.72 14.91 33.91
C LEU B 304 10.12 15.32 34.30
N SER B 305 10.27 16.48 34.95
CA SER B 305 11.58 17.05 35.27
C SER B 305 11.57 17.86 36.58
N PRO B 306 12.73 17.93 37.30
CA PRO B 306 12.78 18.76 38.51
C PRO B 306 12.94 20.25 38.14
N LYS B 307 13.26 20.57 36.85
CA LYS B 307 13.38 21.95 36.36
C LYS B 307 12.01 22.34 35.81
N MSE B 308 11.51 23.52 36.21
CA MSE B 308 10.19 23.98 35.80
C MSE B 308 10.16 24.45 34.34
O MSE B 308 11.12 25.09 33.92
CB MSE B 308 9.66 25.04 36.74
CG MSE B 308 8.27 24.72 37.22
SE MSE B 308 7.64 25.96 38.54
CE MSE B 308 7.59 27.66 37.48
N PRO B 309 9.07 24.17 33.54
CA PRO B 309 7.88 23.36 33.86
C PRO B 309 8.21 21.88 34.07
N PHE B 310 7.72 21.34 35.22
CA PHE B 310 7.92 19.96 35.62
C PHE B 310 7.20 18.99 34.68
N ILE B 311 6.03 19.40 34.15
CA ILE B 311 5.27 18.58 33.23
C ILE B 311 5.29 19.20 31.81
N VAL B 312 5.71 18.38 30.81
CA VAL B 312 5.71 18.74 29.39
C VAL B 312 5.06 17.61 28.60
N THR B 313 3.96 17.90 27.88
CA THR B 313 3.19 16.95 27.09
C THR B 313 3.20 17.31 25.58
N GLY B 314 2.92 16.32 24.73
CA GLY B 314 2.88 16.48 23.29
C GLY B 314 2.92 15.17 22.51
N LEU B 315 2.46 15.20 21.23
CA LEU B 315 2.51 14.03 20.33
C LEU B 315 3.97 13.70 20.01
N LYS B 316 4.29 12.40 20.03
CA LYS B 316 5.62 11.90 19.73
C LYS B 316 5.43 10.62 18.96
N ARG B 317 6.25 10.39 17.93
CA ARG B 317 6.19 9.14 17.15
C ARG B 317 6.81 8.03 17.99
N MSE B 318 6.14 6.89 18.02
CA MSE B 318 6.52 5.73 18.81
C MSE B 318 6.08 4.49 18.13
O MSE B 318 5.28 4.54 17.18
CB MSE B 318 5.90 5.80 20.19
CG MSE B 318 4.45 6.18 20.15
SE MSE B 318 3.73 6.57 21.88
CE MSE B 318 3.84 4.58 22.57
N ALA B 319 6.59 3.34 18.59
CA ALA B 319 6.27 2.07 18.00
C ALA B 319 4.90 1.62 18.45
N VAL B 320 4.27 0.84 17.60
CA VAL B 320 2.97 0.24 17.84
C VAL B 320 3.12 -0.92 18.83
N THR B 321 2.03 -1.25 19.52
CA THR B 321 2.07 -2.36 20.43
C THR B 321 1.92 -3.66 19.60
N ILE B 322 2.20 -4.83 20.23
CA ILE B 322 2.03 -6.16 19.63
C ILE B 322 0.56 -6.30 19.15
N GLY B 323 -0.38 -5.87 20.00
CA GLY B 323 -1.81 -5.88 19.73
C GLY B 323 -2.14 -5.08 18.51
N GLU B 324 -1.63 -3.82 18.46
CA GLU B 324 -1.84 -2.92 17.32
C GLU B 324 -1.33 -3.58 16.05
N GLN B 325 -0.07 -4.10 16.09
CA GLN B 325 0.55 -4.77 14.94
C GLN B 325 -0.32 -5.95 14.47
N ALA B 326 -0.86 -6.71 15.43
CA ALA B 326 -1.73 -7.85 15.16
C ALA B 326 -3.00 -7.39 14.47
N GLN B 327 -3.59 -6.23 14.87
CA GLN B 327 -4.78 -5.66 14.25
C GLN B 327 -4.48 -5.21 12.82
N ARG B 328 -3.28 -4.65 12.61
CA ARG B 328 -2.80 -4.20 11.31
C ARG B 328 -2.59 -5.38 10.37
N ARG B 329 -1.88 -6.42 10.82
CA ARG B 329 -1.67 -7.64 10.02
C ARG B 329 -3.02 -8.37 9.79
N GLY B 330 -3.93 -8.24 10.77
CA GLY B 330 -5.25 -8.87 10.76
C GLY B 330 -6.18 -8.40 9.67
N ARG B 331 -5.81 -7.32 8.97
CA ARG B 331 -6.60 -6.75 7.87
C ARG B 331 -6.59 -7.63 6.63
N VAL B 332 -5.64 -8.59 6.57
CA VAL B 332 -5.48 -9.56 5.50
C VAL B 332 -5.71 -11.01 6.00
N GLY B 333 -5.82 -11.95 5.05
CA GLY B 333 -6.04 -13.37 5.30
C GLY B 333 -7.42 -13.70 5.83
N ARG B 334 -8.39 -12.79 5.63
CA ARG B 334 -9.74 -12.97 6.14
C ARG B 334 -10.63 -13.72 5.14
N VAL B 335 -10.58 -13.33 3.86
CA VAL B 335 -11.41 -13.88 2.79
C VAL B 335 -10.58 -14.62 1.70
N LYS B 336 -9.29 -14.30 1.63
CA LYS B 336 -8.35 -14.87 0.66
C LYS B 336 -6.94 -14.80 1.28
N PRO B 337 -5.87 -15.43 0.70
CA PRO B 337 -4.53 -15.29 1.30
C PRO B 337 -4.08 -13.83 1.33
N GLY B 338 -3.17 -13.51 2.24
CA GLY B 338 -2.66 -12.16 2.40
C GLY B 338 -1.16 -12.10 2.52
N ARG B 339 -0.62 -10.90 2.34
CA ARG B 339 0.81 -10.59 2.51
C ARG B 339 0.92 -9.37 3.44
N TYR B 340 1.89 -9.42 4.36
CA TYR B 340 2.12 -8.39 5.36
C TYR B 340 3.58 -7.98 5.34
N TYR B 341 3.85 -6.71 4.99
CA TYR B 341 5.21 -6.15 4.98
C TYR B 341 5.32 -5.24 6.19
N ARG B 342 6.27 -5.56 7.10
CA ARG B 342 6.50 -4.76 8.30
C ARG B 342 7.93 -4.19 8.28
N SER B 343 8.14 -3.05 8.95
CA SER B 343 9.45 -2.42 9.10
C SER B 343 10.31 -3.22 10.13
N GLN B 344 11.60 -2.89 10.26
CA GLN B 344 12.47 -3.56 11.24
C GLN B 344 12.13 -3.15 12.70
N GLU B 345 11.25 -2.13 12.83
CA GLU B 345 10.73 -1.56 14.07
C GLU B 345 10.09 -2.61 14.96
N THR B 346 10.53 -2.67 16.21
CA THR B 346 10.05 -3.62 17.21
C THR B 346 8.78 -3.11 17.94
N PRO B 347 7.71 -3.90 18.04
CA PRO B 347 6.53 -3.43 18.77
C PRO B 347 6.76 -3.45 20.26
N VAL B 348 6.05 -2.56 20.97
CA VAL B 348 6.10 -2.49 22.45
C VAL B 348 5.06 -3.46 23.04
N GLY B 349 5.26 -3.82 24.29
CA GLY B 349 4.38 -4.76 24.94
C GLY B 349 3.01 -4.24 25.32
N SER B 350 2.96 -3.00 25.82
CA SER B 350 1.72 -2.41 26.28
C SER B 350 1.59 -0.90 25.95
N LYS B 351 0.30 -0.39 25.99
CA LYS B 351 -0.07 1.03 25.82
C LYS B 351 0.52 1.86 26.98
N ASP B 352 1.10 3.04 26.71
CA ASP B 352 1.66 3.90 27.74
C ASP B 352 0.50 4.74 28.30
N TYR B 353 0.08 4.45 29.52
CA TYR B 353 -1.05 5.17 30.13
C TYR B 353 -0.67 6.48 30.87
N HIS B 354 0.62 6.83 30.94
CA HIS B 354 1.07 8.06 31.66
C HIS B 354 0.37 9.37 31.34
N TYR B 355 0.16 9.69 30.04
CA TYR B 355 -0.56 10.93 29.66
C TYR B 355 -2.01 10.89 30.16
N ASP B 356 -2.70 9.76 29.94
CA ASP B 356 -4.07 9.54 30.43
C ASP B 356 -4.12 9.52 31.95
N LEU B 357 -3.07 9.02 32.63
CA LEU B 357 -3.02 9.07 34.10
C LEU B 357 -3.02 10.50 34.57
N LEU B 358 -2.17 11.35 33.95
CA LEU B 358 -2.06 12.77 34.25
C LEU B 358 -3.41 13.47 33.99
N GLN B 359 -4.10 13.09 32.94
CA GLN B 359 -5.39 13.68 32.65
C GLN B 359 -6.42 13.25 33.67
N ALA B 360 -6.29 12.00 34.13
CA ALA B 360 -7.22 11.42 35.11
C ALA B 360 -7.18 12.16 36.45
N GLN B 361 -6.04 12.76 36.78
CA GLN B 361 -5.82 13.48 38.02
C GLN B 361 -6.86 14.56 38.29
N ARG B 362 -7.46 15.08 37.22
CA ARG B 362 -8.48 16.13 37.26
C ARG B 362 -9.69 15.69 38.07
N TYR B 363 -10.09 14.43 37.88
CA TYR B 363 -11.25 13.84 38.52
C TYR B 363 -11.14 13.68 40.05
N GLY B 364 -9.97 13.96 40.63
CA GLY B 364 -9.75 13.87 42.07
C GLY B 364 -9.59 15.21 42.76
N ILE B 365 -9.59 16.31 42.00
CA ILE B 365 -9.46 17.70 42.47
C ILE B 365 -10.54 18.11 43.50
N GLU B 366 -11.82 18.02 43.14
CA GLU B 366 -12.94 18.37 43.99
C GLU B 366 -12.94 17.65 45.33
N ASP B 367 -12.58 16.35 45.34
CA ASP B 367 -12.58 15.52 46.56
C ASP B 367 -11.26 15.51 47.33
N GLY B 368 -10.25 16.16 46.78
CA GLY B 368 -8.94 16.22 47.37
C GLY B 368 -8.27 14.87 47.40
N ILE B 369 -8.50 14.08 46.36
CA ILE B 369 -7.97 12.74 46.19
C ILE B 369 -6.75 12.77 45.23
N ASN B 370 -5.66 12.09 45.59
CA ASN B 370 -4.54 11.98 44.69
C ASN B 370 -4.84 10.75 43.79
N ILE B 371 -5.24 10.99 42.52
CA ILE B 371 -5.56 9.93 41.58
C ILE B 371 -4.36 8.99 41.27
N THR B 372 -3.13 9.53 41.21
CA THR B 372 -1.92 8.75 40.99
C THR B 372 -1.74 7.77 42.16
N LYS B 373 -1.89 8.24 43.41
CA LYS B 373 -1.77 7.39 44.60
C LYS B 373 -2.81 6.26 44.53
N SER B 374 -4.06 6.62 44.17
CA SER B 374 -5.17 5.70 44.00
C SER B 374 -4.89 4.68 42.91
N PHE B 375 -4.27 5.14 41.78
CA PHE B 375 -3.90 4.26 40.67
C PHE B 375 -2.92 3.19 41.18
N ARG B 376 -1.80 3.67 41.73
CA ARG B 376 -0.72 2.87 42.28
C ARG B 376 -1.23 1.82 43.30
N GLU B 377 -2.06 2.26 44.31
CA GLU B 377 -2.62 1.34 45.31
C GLU B 377 -3.52 0.30 44.69
N MSE B 378 -4.33 0.71 43.73
CA MSE B 378 -5.23 -0.15 42.99
C MSE B 378 -4.43 -1.18 42.17
O MSE B 378 -4.71 -2.39 42.25
CB MSE B 378 -6.15 0.68 42.08
CG MSE B 378 -7.10 -0.14 41.19
SE MSE B 378 -6.29 -0.60 39.48
CE MSE B 378 -6.08 1.15 38.67
N ASN B 379 -3.44 -0.68 41.38
CA ASN B 379 -2.65 -1.56 40.53
C ASN B 379 -1.91 -2.60 41.36
N TYR B 380 -1.47 -2.25 42.58
CA TYR B 380 -0.80 -3.20 43.46
C TYR B 380 -1.71 -4.40 43.73
N ASP B 381 -2.96 -4.14 44.16
CA ASP B 381 -3.95 -5.18 44.47
C ASP B 381 -4.49 -5.90 43.24
N TRP B 382 -4.74 -5.17 42.14
CA TRP B 382 -5.38 -5.72 40.96
C TRP B 382 -4.47 -6.19 39.83
N SER B 383 -3.22 -5.68 39.75
CA SER B 383 -2.21 -6.07 38.77
C SER B 383 -2.71 -6.05 37.36
N LEU B 384 -3.36 -4.97 36.96
CA LEU B 384 -3.92 -4.87 35.61
C LEU B 384 -2.98 -4.25 34.60
N TYR B 385 -2.03 -3.39 35.07
CA TYR B 385 -1.08 -2.67 34.21
C TYR B 385 0.38 -2.82 34.61
N GLU B 386 1.27 -2.66 33.59
CA GLU B 386 2.72 -2.60 33.78
C GLU B 386 3.01 -1.27 34.46
N GLU B 387 4.05 -1.19 35.30
CA GLU B 387 4.36 0.05 36.01
C GLU B 387 5.75 0.52 35.78
N ASP B 388 5.96 1.85 35.73
CA ASP B 388 7.28 2.51 35.70
C ASP B 388 7.33 3.26 37.02
N SER B 389 7.95 2.62 38.03
CA SER B 389 8.01 3.18 39.38
C SER B 389 8.54 4.60 39.52
N LEU B 390 9.58 4.97 38.76
CA LEU B 390 10.09 6.31 38.82
C LEU B 390 9.02 7.29 38.36
N MSE B 391 8.38 6.99 37.21
CA MSE B 391 7.33 7.79 36.62
C MSE B 391 6.14 8.01 37.55
O MSE B 391 5.75 9.14 37.73
CB MSE B 391 6.89 7.16 35.31
CG MSE B 391 6.02 8.08 34.45
SE MSE B 391 7.04 9.37 33.38
CE MSE B 391 8.27 8.07 32.37
N ILE B 392 5.58 6.93 38.15
CA ILE B 392 4.45 6.99 39.07
C ILE B 392 4.77 7.86 40.30
N THR B 393 6.01 7.70 40.84
CA THR B 393 6.49 8.48 41.97
C THR B 393 6.45 9.96 41.66
N GLN B 394 7.10 10.35 40.58
CA GLN B 394 7.16 11.72 40.12
C GLN B 394 5.74 12.31 39.97
N LEU B 395 4.88 11.53 39.26
CA LEU B 395 3.48 11.86 38.98
C LEU B 395 2.68 12.11 40.28
N GLU B 396 2.97 11.30 41.35
CA GLU B 396 2.33 11.38 42.67
C GLU B 396 2.75 12.64 43.44
N ILE B 397 4.07 12.98 43.38
CA ILE B 397 4.64 14.17 43.99
C ILE B 397 3.92 15.40 43.39
N LEU B 398 3.74 15.43 42.02
CA LEU B 398 3.08 16.53 41.31
C LEU B 398 1.64 16.51 41.65
N ASN B 399 0.98 15.30 41.68
CA ASN B 399 -0.45 15.19 42.02
C ASN B 399 -0.78 15.80 43.41
N ASN B 400 0.17 15.68 44.36
CA ASN B 400 -0.02 16.20 45.69
C ASN B 400 -0.02 17.72 45.62
N LEU B 401 0.81 18.28 44.71
CA LEU B 401 0.89 19.73 44.53
C LEU B 401 -0.45 20.20 43.96
N LEU B 402 -0.97 19.49 42.94
CA LEU B 402 -2.23 19.80 42.25
C LEU B 402 -3.37 20.00 43.27
N ILE B 403 -3.36 19.19 44.31
CA ILE B 403 -4.43 19.21 45.30
C ILE B 403 -4.07 19.91 46.58
N SER B 404 -2.82 20.45 46.68
CA SER B 404 -2.29 21.10 47.90
C SER B 404 -3.11 22.26 48.40
N GLU B 405 -3.82 22.93 47.49
CA GLU B 405 -4.64 24.09 47.80
C GLU B 405 -5.98 24.03 47.07
N GLU B 406 -6.98 24.77 47.59
CA GLU B 406 -8.30 24.81 46.98
C GLU B 406 -8.20 25.59 45.70
N LEU B 407 -8.71 25.02 44.60
CA LEU B 407 -8.66 25.60 43.27
C LEU B 407 -9.47 26.88 43.19
N PRO B 408 -8.89 27.97 42.64
CA PRO B 408 -9.65 29.22 42.52
C PRO B 408 -10.90 29.05 41.65
N MSE B 409 -12.03 29.63 42.11
CA MSE B 409 -13.33 29.59 41.44
C MSE B 409 -13.21 30.03 39.99
O MSE B 409 -13.76 29.37 39.10
CB MSE B 409 -14.34 30.48 42.17
CG MSE B 409 -15.42 29.68 42.89
SE MSE B 409 -16.65 28.67 41.72
CE MSE B 409 -18.02 30.17 41.45
N ALA B 410 -12.43 31.12 39.74
CA ALA B 410 -12.12 31.66 38.43
C ALA B 410 -11.63 30.55 37.49
N VAL B 411 -10.64 29.77 37.94
CA VAL B 411 -9.99 28.67 37.23
C VAL B 411 -10.98 27.51 37.05
N LYS B 412 -11.68 27.14 38.13
CA LYS B 412 -12.67 26.06 38.16
C LYS B 412 -13.71 26.29 37.04
N ASN B 413 -14.19 27.54 36.92
CA ASN B 413 -15.18 27.99 35.95
C ASN B 413 -14.66 27.99 34.51
N ILE B 414 -13.36 28.37 34.29
CA ILE B 414 -12.73 28.37 32.96
C ILE B 414 -12.62 26.92 32.47
N MSE B 415 -12.13 26.02 33.34
CA MSE B 415 -11.92 24.61 33.02
C MSE B 415 -13.21 23.91 32.58
O MSE B 415 -13.17 23.02 31.72
CB MSE B 415 -11.32 23.88 34.21
CG MSE B 415 -9.88 24.26 34.51
SE MSE B 415 -9.25 23.37 36.13
CE MSE B 415 -9.10 21.55 35.44
N ALA B 416 -14.34 24.31 33.19
CA ALA B 416 -15.66 23.77 32.91
C ALA B 416 -16.14 24.10 31.48
N ARG B 417 -15.94 25.37 31.09
CA ARG B 417 -16.42 25.94 29.85
C ARG B 417 -15.47 25.93 28.65
N THR B 418 -14.14 25.89 28.88
CA THR B 418 -13.14 25.95 27.80
C THR B 418 -13.13 24.78 26.85
N ASP B 419 -12.74 25.04 25.58
CA ASP B 419 -12.52 24.02 24.55
C ASP B 419 -11.05 23.54 24.55
N HIS B 420 -10.19 24.12 25.45
CA HIS B 420 -8.78 23.75 25.66
C HIS B 420 -8.68 22.23 25.85
N PRO B 421 -7.80 21.56 25.10
CA PRO B 421 -7.72 20.09 25.18
C PRO B 421 -7.17 19.49 26.47
N GLU B 422 -6.39 20.27 27.26
CA GLU B 422 -5.82 19.78 28.52
C GLU B 422 -6.18 20.76 29.66
N PRO B 423 -7.46 20.82 30.11
CA PRO B 423 -7.82 21.83 31.13
C PRO B 423 -7.08 21.73 32.45
N ILE B 424 -6.44 20.59 32.75
CA ILE B 424 -5.60 20.36 33.92
C ILE B 424 -4.40 21.29 33.92
N GLN B 425 -3.91 21.68 32.70
CA GLN B 425 -2.80 22.62 32.53
C GLN B 425 -3.10 23.90 33.33
N LEU B 426 -4.37 24.41 33.24
CA LEU B 426 -4.86 25.57 33.96
C LEU B 426 -4.76 25.36 35.47
N ALA B 427 -5.18 24.17 35.94
CA ALA B 427 -5.13 23.84 37.36
C ALA B 427 -3.71 23.82 37.89
N TYR B 428 -2.78 23.08 37.21
CA TYR B 428 -1.38 23.00 37.61
C TYR B 428 -0.75 24.38 37.59
N ASN B 429 -0.98 25.14 36.53
CA ASN B 429 -0.36 26.47 36.45
C ASN B 429 -0.90 27.47 37.46
N SER B 430 -2.16 27.26 37.96
CA SER B 430 -2.75 28.18 38.95
C SER B 430 -1.87 28.36 40.17
N TYR B 431 -0.97 27.41 40.40
CA TYR B 431 -0.01 27.38 41.49
C TYR B 431 1.07 28.43 41.40
N GLU B 432 1.19 29.07 40.21
CA GLU B 432 2.17 30.09 39.92
C GLU B 432 1.52 31.27 39.23
N THR B 433 0.58 31.03 38.31
CA THR B 433 -0.09 32.09 37.58
C THR B 433 -1.57 31.80 37.28
N GLN B 434 -2.39 32.86 37.20
CA GLN B 434 -3.82 32.76 36.91
C GLN B 434 -4.15 33.14 35.46
N VAL B 435 -3.20 33.80 34.78
CA VAL B 435 -3.37 34.24 33.41
C VAL B 435 -2.82 33.24 32.38
N PRO B 436 -3.73 32.61 31.59
CA PRO B 436 -3.28 31.67 30.54
C PRO B 436 -2.52 32.43 29.46
N VAL B 437 -1.49 31.81 28.92
CA VAL B 437 -0.66 32.44 27.89
C VAL B 437 -0.74 31.72 26.55
N LEU B 438 -0.96 32.50 25.49
CA LEU B 438 -1.06 32.04 24.11
C LEU B 438 0.35 32.07 23.49
N PHE B 439 0.89 30.86 23.27
CA PHE B 439 2.23 30.75 22.71
C PHE B 439 2.17 30.72 21.19
N PRO B 440 3.10 31.39 20.45
CA PRO B 440 3.04 31.33 18.98
C PRO B 440 3.20 29.89 18.51
N LYS B 441 2.38 29.54 17.50
CA LYS B 441 2.36 28.20 16.91
C LYS B 441 3.64 27.91 16.15
N ILE B 442 4.07 26.66 16.23
CA ILE B 442 5.29 26.19 15.59
C ILE B 442 4.94 25.48 14.28
N ARG B 443 5.54 25.95 13.19
CA ARG B 443 5.29 25.39 11.86
C ARG B 443 6.63 25.21 11.19
N ASN B 444 6.94 23.97 10.72
CA ASN B 444 8.19 23.65 10.01
C ASN B 444 9.45 24.05 10.85
N GLY B 445 9.42 23.66 12.15
CA GLY B 445 10.44 23.93 13.17
C GLY B 445 10.80 25.40 13.30
N GLU B 446 9.80 26.27 13.08
CA GLU B 446 9.89 27.72 13.11
C GLU B 446 8.71 28.36 13.87
N VAL B 447 9.01 29.46 14.57
CA VAL B 447 8.03 30.23 15.35
C VAL B 447 7.29 31.11 14.35
N THR B 448 5.94 31.05 14.34
CA THR B 448 5.10 31.83 13.44
C THR B 448 4.31 32.85 14.22
N ASP B 449 3.44 33.63 13.54
CA ASP B 449 2.56 34.62 14.16
C ASP B 449 1.09 34.12 14.21
N THR B 450 0.93 32.79 14.28
CA THR B 450 -0.35 32.11 14.45
C THR B 450 -0.44 31.68 15.91
N TYR B 451 -1.65 31.67 16.45
CA TYR B 451 -1.94 31.33 17.84
C TYR B 451 -3.19 30.51 17.93
N ASP B 452 -3.26 29.59 18.90
CA ASP B 452 -4.47 28.78 19.09
C ASP B 452 -5.52 29.61 19.81
N ASN B 453 -6.81 29.51 19.40
CA ASN B 453 -7.80 30.36 20.06
C ASN B 453 -8.21 29.99 21.50
N TYR B 454 -8.84 28.82 21.71
CA TYR B 454 -9.36 28.33 22.99
C TYR B 454 -10.26 29.30 23.79
N THR B 455 -11.51 28.90 23.93
CA THR B 455 -12.61 29.63 24.56
C THR B 455 -12.44 29.85 26.07
N PHE B 456 -13.05 30.95 26.58
CA PHE B 456 -13.11 31.36 28.00
C PHE B 456 -11.79 31.54 28.74
N LEU B 457 -10.66 31.59 28.02
CA LEU B 457 -9.34 31.70 28.66
C LEU B 457 -8.98 33.07 29.21
N ASN B 458 -9.34 34.16 28.47
CA ASN B 458 -9.00 35.55 28.78
C ASN B 458 -7.48 35.61 28.79
N ALA B 459 -6.90 34.88 27.84
CA ALA B 459 -5.47 34.68 27.65
C ALA B 459 -4.76 35.90 27.15
N ARG B 460 -3.43 35.82 27.18
CA ARG B 460 -2.53 36.87 26.69
C ARG B 460 -1.46 36.23 25.80
N LYS B 461 -0.97 36.97 24.80
CA LYS B 461 0.07 36.46 23.90
C LYS B 461 1.39 36.38 24.70
N LEU B 462 2.21 35.36 24.44
CA LEU B 462 3.50 35.14 25.11
C LEU B 462 4.40 36.42 25.11
N GLY B 463 4.67 36.98 23.94
CA GLY B 463 5.54 38.15 23.80
C GLY B 463 6.99 37.86 24.16
N ASP B 464 7.53 38.62 25.09
CA ASP B 464 8.88 38.38 25.59
C ASP B 464 8.77 37.86 27.06
N ASP B 465 7.51 37.83 27.58
CA ASP B 465 7.18 37.47 28.95
C ASP B 465 6.84 35.99 29.12
N VAL B 466 7.82 35.17 29.44
CA VAL B 466 7.60 33.74 29.65
C VAL B 466 6.90 33.55 31.00
N PRO B 467 5.69 32.89 31.00
CA PRO B 467 4.95 32.71 32.27
C PRO B 467 5.55 31.64 33.16
N PRO B 468 5.41 31.74 34.50
CA PRO B 468 5.94 30.66 35.36
C PRO B 468 5.08 29.38 35.31
N TYR B 469 5.07 28.72 34.14
CA TYR B 469 4.29 27.49 33.93
C TYR B 469 4.90 26.29 34.68
N VAL B 470 4.03 25.52 35.32
CA VAL B 470 4.34 24.27 36.02
C VAL B 470 4.15 23.14 34.99
N TYR B 471 3.17 23.35 34.12
CA TYR B 471 2.73 22.43 33.08
C TYR B 471 2.79 23.18 31.76
N ALA B 472 3.54 22.62 30.81
CA ALA B 472 3.67 23.17 29.46
C ALA B 472 3.51 22.06 28.41
N THR B 473 3.53 22.47 27.15
CA THR B 473 3.38 21.65 25.96
C THR B 473 4.73 21.60 25.23
N GLU B 474 4.95 20.60 24.36
CA GLU B 474 6.21 20.51 23.59
C GLU B 474 6.43 21.76 22.70
N ASP B 475 5.35 22.20 22.04
CA ASP B 475 5.36 23.36 21.19
C ASP B 475 5.47 24.67 21.97
N GLU B 476 5.05 24.67 23.26
CA GLU B 476 5.17 25.87 24.10
C GLU B 476 6.65 25.99 24.50
N ASP B 477 7.27 24.87 24.93
CA ASP B 477 8.68 24.77 25.30
C ASP B 477 9.59 25.09 24.11
N LEU B 478 9.19 24.60 22.91
CA LEU B 478 9.95 24.84 21.69
C LEU B 478 10.01 26.33 21.38
N ALA B 479 8.86 27.05 21.52
CA ALA B 479 8.74 28.48 21.27
C ALA B 479 9.69 29.23 22.20
N VAL B 480 9.69 28.84 23.50
CA VAL B 480 10.58 29.43 24.49
C VAL B 480 12.06 29.29 24.06
N GLU B 481 12.46 28.07 23.62
CA GLU B 481 13.82 27.83 23.18
C GLU B 481 14.17 28.57 21.89
N LEU B 482 13.31 28.44 20.86
CA LEU B 482 13.54 29.11 19.58
C LEU B 482 13.61 30.62 19.70
N LEU B 483 12.85 31.19 20.66
CA LEU B 483 12.86 32.63 20.90
C LEU B 483 14.05 33.09 21.80
N GLY B 484 14.79 32.11 22.33
CA GLY B 484 15.96 32.37 23.17
C GLY B 484 15.61 32.86 24.56
N LEU B 485 14.39 32.53 25.00
CA LEU B 485 13.86 32.92 26.29
C LEU B 485 14.04 31.78 27.27
N ASP B 486 13.79 32.03 28.56
CA ASP B 486 13.94 31.00 29.60
C ASP B 486 12.69 30.85 30.42
N TRP B 487 12.45 29.65 30.93
CA TRP B 487 11.29 29.45 31.79
C TRP B 487 11.67 29.90 33.21
N PRO B 488 10.81 30.66 33.92
CA PRO B 488 11.12 31.01 35.32
C PRO B 488 11.29 29.80 36.25
N ASP B 489 11.98 30.02 37.37
CA ASP B 489 12.16 28.99 38.39
C ASP B 489 10.95 29.01 39.34
N PRO B 490 10.70 27.91 40.13
CA PRO B 490 9.57 27.93 41.09
C PRO B 490 9.60 29.18 41.99
N GLY B 491 8.45 29.87 42.05
CA GLY B 491 8.28 31.13 42.78
C GLY B 491 7.61 31.07 44.15
N ASN B 492 7.37 29.86 44.68
CA ASN B 492 6.78 29.69 46.01
C ASN B 492 7.22 28.37 46.64
N GLN B 493 7.10 28.27 47.99
CA GLN B 493 7.48 27.09 48.76
C GLN B 493 6.95 25.79 48.17
N GLY B 494 5.68 25.82 47.80
CA GLY B 494 5.01 24.66 47.23
C GLY B 494 5.71 24.12 46.01
N THR B 495 5.87 24.98 44.99
CA THR B 495 6.48 24.65 43.71
C THR B 495 7.94 24.24 43.91
N VAL B 496 8.65 24.98 44.81
CA VAL B 496 10.05 24.79 45.19
C VAL B 496 10.30 23.39 45.77
N GLU B 497 9.50 23.02 46.80
CA GLU B 497 9.56 21.70 47.43
C GLU B 497 9.21 20.56 46.45
N ALA B 498 8.20 20.73 45.61
CA ALA B 498 7.83 19.73 44.60
C ALA B 498 9.03 19.45 43.70
N GLY B 499 9.76 20.51 43.32
CA GLY B 499 10.97 20.38 42.52
C GLY B 499 12.09 19.69 43.25
N ARG B 500 12.29 20.06 44.52
CA ARG B 500 13.28 19.44 45.40
C ARG B 500 13.00 17.94 45.49
N ALA B 501 11.73 17.57 45.71
CA ALA B 501 11.27 16.19 45.83
C ALA B 501 11.54 15.43 44.54
N LEU B 502 11.29 16.07 43.37
CA LEU B 502 11.53 15.49 42.05
C LEU B 502 13.02 15.21 41.81
N LYS B 503 13.90 16.19 42.15
CA LYS B 503 15.35 16.09 42.00
C LYS B 503 15.82 14.86 42.75
N GLN B 504 15.32 14.71 43.98
CA GLN B 504 15.63 13.65 44.91
C GLN B 504 15.33 12.27 44.33
N VAL B 505 14.17 12.08 43.68
CA VAL B 505 13.79 10.81 43.10
C VAL B 505 14.69 10.45 41.92
N VAL B 506 14.90 11.40 40.97
CA VAL B 506 15.76 11.18 39.79
C VAL B 506 17.18 10.84 40.20
N GLY B 507 17.57 11.32 41.39
CA GLY B 507 18.85 11.03 42.00
C GLY B 507 18.94 9.57 42.42
N LEU B 508 17.96 9.10 43.25
CA LEU B 508 17.93 7.70 43.71
C LEU B 508 17.51 6.67 42.64
N SER B 509 17.40 7.15 41.38
CA SER B 509 17.07 6.40 40.16
C SER B 509 18.37 6.02 39.41
N THR B 510 19.28 6.86 39.30
N ASP C 30 9.11 -18.16 -55.04
CA ASP C 30 10.32 -17.37 -54.77
C ASP C 30 10.21 -16.58 -53.44
N LEU C 31 8.95 -16.24 -53.02
CA LEU C 31 8.64 -15.54 -51.77
C LEU C 31 9.14 -16.41 -50.64
N THR C 32 8.84 -17.73 -50.73
CA THR C 32 9.24 -18.78 -49.81
C THR C 32 10.77 -18.88 -49.69
N GLU C 33 11.51 -18.67 -50.81
CA GLU C 33 12.98 -18.72 -50.86
C GLU C 33 13.58 -17.55 -50.10
N MSE C 34 12.96 -16.37 -50.23
CA MSE C 34 13.37 -15.16 -49.54
C MSE C 34 13.21 -15.36 -48.04
O MSE C 34 14.13 -15.04 -47.29
CB MSE C 34 12.47 -14.03 -49.99
CG MSE C 34 13.15 -12.70 -50.08
SE MSE C 34 11.72 -11.37 -50.39
CE MSE C 34 10.62 -12.23 -51.90
N VAL C 35 12.07 -15.94 -47.60
CA VAL C 35 11.81 -16.23 -46.20
C VAL C 35 12.88 -17.21 -45.67
N LYS C 36 13.15 -18.31 -46.43
CA LYS C 36 14.19 -19.28 -46.09
C LYS C 36 15.54 -18.57 -45.93
N LYS C 37 15.87 -17.62 -46.82
CA LYS C 37 17.13 -16.88 -46.77
C LYS C 37 17.21 -15.95 -45.54
N ILE C 38 16.14 -15.20 -45.23
CA ILE C 38 16.07 -14.31 -44.08
C ILE C 38 16.08 -15.15 -42.80
N THR C 39 15.26 -16.23 -42.74
CA THR C 39 15.16 -17.09 -41.54
C THR C 39 16.41 -17.83 -41.17
N THR C 40 17.33 -18.02 -42.12
CA THR C 40 18.61 -18.69 -41.85
C THR C 40 19.74 -17.73 -41.44
N MSE C 41 19.55 -16.38 -41.55
CA MSE C 41 20.54 -15.37 -41.20
C MSE C 41 21.09 -15.56 -39.81
O MSE C 41 20.33 -15.87 -38.89
CB MSE C 41 19.91 -13.97 -41.22
CG MSE C 41 19.64 -13.41 -42.59
SE MSE C 41 18.60 -11.75 -42.43
CE MSE C 41 19.94 -10.61 -41.62
N ASN C 42 22.41 -15.36 -39.65
CA ASN C 42 23.06 -15.45 -38.34
C ASN C 42 23.10 -14.04 -37.74
N ARG C 43 23.30 -13.94 -36.42
CA ARG C 43 23.42 -12.64 -35.76
C ARG C 43 24.61 -11.94 -36.40
N GLY C 44 24.49 -10.64 -36.64
CA GLY C 44 25.53 -9.85 -37.29
C GLY C 44 25.33 -9.71 -38.78
N GLU C 45 24.34 -10.41 -39.36
CA GLU C 45 24.09 -10.31 -40.80
C GLU C 45 23.09 -9.18 -41.15
N PHE C 46 23.15 -8.72 -42.41
CA PHE C 46 22.28 -7.67 -42.95
C PHE C 46 21.82 -8.15 -44.31
N ARG C 47 20.60 -7.82 -44.73
CA ARG C 47 20.10 -8.17 -46.07
C ARG C 47 19.27 -7.01 -46.56
N GLN C 48 19.35 -6.75 -47.87
CA GLN C 48 18.57 -5.71 -48.52
C GLN C 48 17.57 -6.40 -49.43
N ILE C 49 16.29 -6.09 -49.29
CA ILE C 49 15.23 -6.72 -50.09
C ILE C 49 14.52 -5.69 -50.93
N THR C 50 14.19 -6.06 -52.18
CA THR C 50 13.38 -5.24 -53.07
C THR C 50 12.15 -6.01 -53.66
N LEU C 51 11.12 -5.22 -54.07
CA LEU C 51 9.81 -5.55 -54.65
C LEU C 51 8.72 -5.47 -53.60
N LYS C 57 3.15 -6.70 -50.66
CA LYS C 57 4.19 -7.72 -50.49
C LYS C 57 5.16 -7.45 -49.27
N THR C 58 5.64 -6.17 -49.05
CA THR C 58 6.55 -5.87 -47.92
C THR C 58 5.87 -5.80 -46.54
N THR C 59 4.57 -6.05 -46.51
CA THR C 59 3.74 -6.07 -45.30
C THR C 59 3.73 -7.53 -44.80
N GLU C 60 3.48 -8.48 -45.74
CA GLU C 60 3.45 -9.94 -45.62
C GLU C 60 4.82 -10.59 -45.39
N LEU C 61 5.94 -9.88 -45.67
CA LEU C 61 7.26 -10.46 -45.43
C LEU C 61 7.49 -10.75 -43.93
N PRO C 62 7.39 -9.75 -43.01
CA PRO C 62 7.56 -10.05 -41.59
C PRO C 62 6.57 -11.11 -41.06
N ARG C 63 5.34 -11.10 -41.58
CA ARG C 63 4.31 -12.06 -41.22
C ARG C 63 4.81 -13.49 -41.53
N SER C 64 5.31 -13.70 -42.75
CA SER C 64 5.83 -14.98 -43.19
C SER C 64 7.02 -15.41 -42.35
N VAL C 65 7.90 -14.45 -42.02
CA VAL C 65 9.10 -14.69 -41.22
C VAL C 65 8.72 -15.14 -39.82
N ILE C 66 7.77 -14.43 -39.18
CA ILE C 66 7.33 -14.81 -37.84
C ILE C 66 6.64 -16.18 -37.79
N GLU C 67 5.83 -16.52 -38.81
CA GLU C 67 5.19 -17.83 -38.84
C GLU C 67 6.25 -18.94 -38.93
N GLU C 68 7.37 -18.65 -39.64
CA GLU C 68 8.46 -19.58 -39.82
C GLU C 68 9.32 -19.70 -38.55
N ILE C 69 9.73 -18.57 -37.95
CA ILE C 69 10.57 -18.60 -36.75
C ILE C 69 9.91 -19.03 -35.44
N GLY C 70 8.65 -18.67 -35.23
CA GLY C 70 7.92 -18.96 -34.00
C GLY C 70 7.08 -17.77 -33.59
N ARG C 71 5.75 -17.97 -33.50
CA ARG C 71 4.76 -16.95 -33.12
C ARG C 71 5.14 -16.13 -31.89
N HIS C 72 5.88 -16.72 -30.95
CA HIS C 72 6.26 -16.06 -29.73
C HIS C 72 7.61 -15.32 -29.80
N LYS C 73 8.34 -15.49 -30.91
CA LYS C 73 9.61 -14.79 -31.09
C LYS C 73 9.29 -13.31 -31.39
N ARG C 74 10.15 -12.39 -30.96
CA ARG C 74 9.93 -10.95 -31.17
C ARG C 74 10.48 -10.52 -32.54
N VAL C 75 9.66 -9.79 -33.33
CA VAL C 75 10.08 -9.26 -34.64
C VAL C 75 9.76 -7.76 -34.71
N LEU C 76 10.75 -6.94 -35.07
CA LEU C 76 10.53 -5.50 -35.15
C LEU C 76 10.48 -4.97 -36.59
N VAL C 77 9.49 -4.11 -36.87
CA VAL C 77 9.31 -3.46 -38.17
C VAL C 77 9.29 -1.95 -37.94
N LEU C 78 10.33 -1.26 -38.45
CA LEU C 78 10.52 0.19 -38.31
C LEU C 78 9.93 0.96 -39.51
N ILE C 79 8.97 1.84 -39.19
CA ILE C 79 8.26 2.63 -40.17
C ILE C 79 8.52 4.13 -39.99
N PRO C 80 8.78 4.90 -41.09
CA PRO C 80 9.08 6.33 -40.92
C PRO C 80 7.98 7.13 -40.18
N LEU C 81 6.77 7.14 -40.71
CA LEU C 81 5.67 7.88 -40.10
C LEU C 81 4.94 7.16 -38.97
N ARG C 82 4.57 7.92 -37.91
CA ARG C 82 3.82 7.41 -36.75
C ARG C 82 2.45 6.91 -37.20
N ALA C 83 1.79 7.70 -38.07
CA ALA C 83 0.46 7.41 -38.61
C ALA C 83 0.50 6.18 -39.52
N ALA C 84 1.61 6.00 -40.24
CA ALA C 84 1.81 4.88 -41.13
C ALA C 84 1.92 3.60 -40.32
N ALA C 85 2.69 3.66 -39.21
CA ALA C 85 2.90 2.56 -38.26
C ALA C 85 1.57 2.15 -37.65
N GLU C 86 0.73 3.13 -37.30
CA GLU C 86 -0.59 2.90 -36.73
C GLU C 86 -1.47 2.15 -37.75
N SER C 87 -1.55 2.67 -39.00
CA SER C 87 -2.30 2.09 -40.11
C SER C 87 -1.96 0.63 -40.34
N VAL C 88 -0.66 0.28 -40.44
CA VAL C 88 -0.22 -1.12 -40.62
C VAL C 88 -0.73 -1.98 -39.45
N TYR C 89 -0.43 -1.54 -38.20
CA TYR C 89 -0.83 -2.23 -36.97
C TYR C 89 -2.31 -2.57 -37.01
N GLN C 90 -3.15 -1.57 -37.35
CA GLN C 90 -4.61 -1.71 -37.43
C GLN C 90 -5.03 -2.74 -38.47
N TYR C 91 -4.44 -2.65 -39.69
CA TYR C 91 -4.70 -3.52 -40.82
C TYR C 91 -4.29 -4.98 -40.54
N MSE C 92 -3.05 -5.16 -40.08
CA MSE C 92 -2.45 -6.46 -39.79
C MSE C 92 -3.11 -7.23 -38.68
O MSE C 92 -3.35 -8.42 -38.85
CB MSE C 92 -0.95 -6.36 -39.59
CG MSE C 92 -0.22 -5.92 -40.86
SE MSE C 92 -0.16 -7.22 -42.31
CE MSE C 92 1.14 -8.46 -41.45
N ARG C 93 -3.49 -6.56 -37.57
CA ARG C 93 -4.16 -7.26 -36.47
C ARG C 93 -5.54 -7.81 -36.89
N GLN C 94 -6.23 -7.12 -37.80
CA GLN C 94 -7.50 -7.56 -38.35
C GLN C 94 -7.30 -8.74 -39.29
N LYS C 95 -6.36 -8.60 -40.26
CA LYS C 95 -6.02 -9.62 -41.26
C LYS C 95 -5.45 -10.93 -40.67
N HIS C 96 -4.58 -10.83 -39.65
CA HIS C 96 -3.94 -11.99 -39.02
C HIS C 96 -4.16 -12.06 -37.48
N PRO C 97 -5.35 -12.55 -37.06
CA PRO C 97 -5.64 -12.65 -35.62
C PRO C 97 -4.90 -13.78 -34.88
N SER C 98 -4.25 -14.69 -35.63
CA SER C 98 -3.44 -15.79 -35.10
C SER C 98 -2.06 -15.26 -34.65
N ILE C 99 -1.64 -14.09 -35.21
CA ILE C 99 -0.37 -13.44 -34.92
C ILE C 99 -0.58 -12.21 -34.02
N ALA C 100 0.28 -12.08 -33.00
CA ALA C 100 0.25 -10.98 -32.07
C ALA C 100 0.88 -9.72 -32.69
N PHE C 101 0.25 -8.55 -32.50
CA PHE C 101 0.75 -7.29 -33.03
C PHE C 101 0.84 -6.25 -31.94
N ASN C 102 1.90 -5.42 -32.02
CA ASN C 102 2.16 -4.37 -31.06
C ASN C 102 2.48 -3.09 -31.79
N LEU C 103 2.00 -1.96 -31.24
CA LEU C 103 2.25 -0.63 -31.77
C LEU C 103 3.11 0.19 -30.81
N ARG C 104 4.22 0.75 -31.31
CA ARG C 104 5.15 1.56 -30.51
C ARG C 104 5.42 2.92 -31.17
N ILE C 105 4.53 3.91 -30.92
CA ILE C 105 4.62 5.26 -31.49
C ILE C 105 4.53 6.37 -30.44
N GLY C 106 4.27 5.98 -29.19
CA GLY C 106 4.14 6.92 -28.09
C GLY C 106 5.28 6.84 -27.10
N GLU C 107 4.94 6.89 -25.81
CA GLU C 107 5.88 6.81 -24.70
C GLU C 107 6.53 5.43 -24.63
N MSE C 108 7.77 5.39 -24.10
CA MSE C 108 8.59 4.19 -23.95
C MSE C 108 7.91 3.17 -23.05
O MSE C 108 7.56 3.49 -21.91
CB MSE C 108 9.92 4.59 -23.30
CG MSE C 108 11.13 4.30 -24.13
SE MSE C 108 12.70 4.65 -23.02
CE MSE C 108 12.77 6.63 -23.06
N LYS C 109 7.75 1.92 -23.54
CA LYS C 109 7.19 0.84 -22.74
C LYS C 109 8.38 0.25 -21.98
N GLU C 110 8.39 0.42 -20.65
CA GLU C 110 9.52 -0.08 -19.84
C GLU C 110 9.52 -1.58 -19.71
N GLY C 111 10.67 -2.17 -20.05
CA GLY C 111 10.86 -3.63 -20.02
C GLY C 111 9.98 -4.36 -21.01
N ASP C 112 9.68 -3.71 -22.16
CA ASP C 112 8.83 -4.26 -23.22
C ASP C 112 9.40 -5.59 -23.72
N MSE C 113 8.60 -6.66 -23.56
CA MSE C 113 8.95 -8.02 -23.97
C MSE C 113 7.85 -8.63 -24.82
O MSE C 113 7.77 -9.85 -24.92
CB MSE C 113 9.26 -8.89 -22.73
CG MSE C 113 10.66 -8.65 -22.13
SE MSE C 113 12.21 -8.78 -23.40
CE MSE C 113 13.71 -8.63 -22.08
N ALA C 114 7.03 -7.80 -25.47
CA ALA C 114 5.88 -8.17 -26.33
C ALA C 114 6.23 -9.12 -27.49
N THR C 115 5.53 -10.28 -27.53
CA THR C 115 5.77 -11.40 -28.43
C THR C 115 5.58 -11.37 -29.95
N GLY C 116 4.62 -10.66 -30.52
CA GLY C 116 4.48 -10.77 -31.96
C GLY C 116 5.33 -9.84 -32.81
N ILE C 117 4.74 -9.31 -33.88
CA ILE C 117 5.37 -8.33 -34.74
C ILE C 117 5.12 -6.97 -34.07
N THR C 118 6.19 -6.21 -33.78
CA THR C 118 6.10 -4.89 -33.20
C THR C 118 6.31 -3.88 -34.32
N TYR C 119 5.29 -3.04 -34.55
CA TYR C 119 5.33 -1.94 -35.53
C TYR C 119 5.67 -0.69 -34.76
N ALA C 120 6.83 -0.12 -35.06
CA ALA C 120 7.27 1.09 -34.37
C ALA C 120 7.75 2.16 -35.34
N SER C 121 7.71 3.43 -34.89
CA SER C 121 8.25 4.56 -35.63
C SER C 121 9.72 4.62 -35.22
N TYR C 122 10.59 5.25 -36.04
CA TYR C 122 12.01 5.37 -35.68
C TYR C 122 12.15 6.32 -34.48
N GLY C 123 11.30 7.35 -34.47
CA GLY C 123 11.23 8.34 -33.41
C GLY C 123 10.94 7.75 -32.04
N TYR C 124 10.29 6.57 -32.01
CA TYR C 124 10.02 5.87 -30.75
C TYR C 124 11.35 5.50 -30.07
N PHE C 125 12.31 5.00 -30.85
CA PHE C 125 13.61 4.61 -30.33
C PHE C 125 14.55 5.78 -30.09
N CYS C 126 14.21 6.97 -30.62
CA CYS C 126 15.03 8.17 -30.42
C CYS C 126 14.98 8.69 -28.99
N GLN C 127 13.94 8.29 -28.22
CA GLN C 127 13.71 8.63 -26.82
C GLN C 127 14.76 7.96 -25.90
N MSE C 128 15.29 6.79 -26.30
CA MSE C 128 16.22 5.98 -25.52
C MSE C 128 17.67 6.29 -25.67
O MSE C 128 18.16 6.54 -26.79
CB MSE C 128 16.07 4.49 -25.86
CG MSE C 128 14.67 4.07 -26.20
SE MSE C 128 14.65 2.14 -26.15
CE MSE C 128 12.74 1.92 -26.56
N SER C 129 18.41 6.10 -24.56
CA SER C 129 19.87 6.22 -24.47
C SER C 129 20.48 5.04 -25.23
N GLN C 130 21.71 5.22 -25.77
CA GLN C 130 22.41 4.17 -26.53
C GLN C 130 22.41 2.79 -25.79
N PRO C 131 22.78 2.72 -24.48
CA PRO C 131 22.68 1.43 -23.77
C PRO C 131 21.25 0.85 -23.76
N LYS C 132 20.22 1.69 -23.43
CA LYS C 132 18.81 1.32 -23.40
C LYS C 132 18.37 0.83 -24.76
N LEU C 133 18.78 1.55 -25.82
CA LEU C 133 18.41 1.21 -27.19
C LEU C 133 18.96 -0.17 -27.56
N ARG C 134 20.25 -0.43 -27.24
CA ARG C 134 20.90 -1.71 -27.52
C ARG C 134 20.19 -2.83 -26.80
N ALA C 135 19.92 -2.64 -25.50
CA ALA C 135 19.21 -3.59 -24.66
C ALA C 135 17.88 -3.98 -25.32
N ALA C 136 17.14 -2.99 -25.87
CA ALA C 136 15.85 -3.17 -26.48
C ALA C 136 15.98 -3.91 -27.78
N MSE C 137 16.87 -3.42 -28.67
CA MSE C 137 17.12 -3.95 -30.00
C MSE C 137 17.56 -5.39 -30.03
O MSE C 137 17.08 -6.14 -30.87
CB MSE C 137 18.13 -3.07 -30.74
CG MSE C 137 17.59 -1.70 -31.15
SE MSE C 137 16.09 -1.84 -32.44
CE MSE C 137 15.83 0.09 -32.87
N VAL C 138 18.45 -5.81 -29.10
CA VAL C 138 18.97 -7.19 -29.07
C VAL C 138 17.91 -8.25 -28.79
N GLU C 139 16.80 -7.86 -28.12
CA GLU C 139 15.70 -8.75 -27.79
C GLU C 139 14.90 -9.26 -29.02
N TYR C 140 14.83 -8.47 -30.09
CA TYR C 140 14.15 -8.86 -31.33
C TYR C 140 15.02 -9.86 -32.09
N SER C 141 14.39 -10.86 -32.73
CA SER C 141 15.07 -11.87 -33.54
C SER C 141 15.45 -11.26 -34.89
N PHE C 142 14.54 -10.43 -35.44
CA PHE C 142 14.73 -9.72 -36.71
C PHE C 142 14.27 -8.29 -36.58
N ILE C 143 14.99 -7.37 -37.28
CA ILE C 143 14.67 -5.95 -37.35
C ILE C 143 14.51 -5.62 -38.82
N PHE C 144 13.33 -5.15 -39.18
CA PHE C 144 13.02 -4.78 -40.55
C PHE C 144 12.98 -3.28 -40.67
N LEU C 145 13.73 -2.75 -41.64
CA LEU C 145 13.79 -1.33 -41.89
C LEU C 145 12.90 -1.12 -43.07
N ASP C 146 11.74 -0.53 -42.83
CA ASP C 146 10.84 -0.26 -43.94
C ASP C 146 11.13 1.13 -44.55
N GLU C 147 10.96 1.22 -45.87
CA GLU C 147 11.11 2.43 -46.70
C GLU C 147 12.34 3.29 -46.38
N TYR C 148 13.53 2.67 -46.28
CA TYR C 148 14.78 3.38 -45.98
C TYR C 148 15.10 4.54 -46.98
N HIS C 149 14.43 4.61 -48.13
CA HIS C 149 14.66 5.68 -49.12
C HIS C 149 14.08 7.02 -48.73
N CYS C 150 13.27 7.06 -47.66
CA CYS C 150 12.65 8.29 -47.17
C CYS C 150 13.67 9.17 -46.49
N ALA C 151 14.66 8.52 -45.83
CA ALA C 151 15.80 9.13 -45.16
C ALA C 151 15.44 10.33 -44.26
N THR C 152 14.55 10.09 -43.27
CA THR C 152 14.14 11.12 -42.31
C THR C 152 15.27 11.28 -41.25
N PRO C 153 15.41 12.41 -40.51
CA PRO C 153 16.51 12.51 -39.53
C PRO C 153 16.48 11.41 -38.46
N GLU C 154 15.27 10.99 -37.98
CA GLU C 154 15.10 9.93 -36.97
C GLU C 154 15.55 8.61 -37.55
N GLN C 155 15.17 8.38 -38.82
CA GLN C 155 15.53 7.17 -39.57
C GLN C 155 17.07 7.06 -39.69
N LEU C 156 17.72 8.14 -40.17
CA LEU C 156 19.17 8.21 -40.34
C LEU C 156 19.93 8.04 -39.03
N ALA C 157 19.40 8.62 -37.92
CA ALA C 157 20.00 8.48 -36.59
C ALA C 157 19.87 7.04 -36.09
N ILE C 158 18.67 6.44 -36.14
CA ILE C 158 18.52 5.03 -35.71
C ILE C 158 19.37 4.05 -36.52
N MSE C 159 19.42 4.22 -37.84
CA MSE C 159 20.23 3.33 -38.66
C MSE C 159 21.70 3.40 -38.27
O MSE C 159 22.32 2.36 -38.05
CB MSE C 159 20.03 3.64 -40.13
CG MSE C 159 18.72 3.10 -40.65
SE MSE C 159 18.46 3.80 -42.39
CE MSE C 159 16.66 3.47 -42.50
N GLY C 160 22.20 4.62 -38.08
CA GLY C 160 23.55 4.88 -37.64
C GLY C 160 23.84 4.32 -36.28
N LYS C 161 22.88 4.52 -35.34
CA LYS C 161 22.99 4.08 -33.93
C LYS C 161 22.93 2.55 -33.78
N ILE C 162 21.96 1.88 -34.44
CA ILE C 162 21.85 0.43 -34.33
C ILE C 162 23.00 -0.28 -34.99
N HIS C 163 23.53 0.33 -36.09
CA HIS C 163 24.66 -0.25 -36.80
C HIS C 163 25.85 -0.39 -35.88
N ARG C 164 25.91 0.45 -34.84
CA ARG C 164 27.01 0.42 -33.90
C ARG C 164 27.11 -0.93 -33.24
N PHE C 165 25.98 -1.60 -33.02
CA PHE C 165 25.98 -2.91 -32.37
C PHE C 165 25.34 -3.99 -33.33
N SER C 166 25.57 -3.78 -34.65
CA SER C 166 25.06 -4.59 -35.73
C SER C 166 25.45 -6.07 -35.57
N GLU C 167 26.60 -6.33 -34.93
CA GLU C 167 27.13 -7.68 -34.61
C GLU C 167 26.12 -8.55 -33.91
N ASN C 168 25.21 -7.91 -33.16
CA ASN C 168 24.20 -8.50 -32.29
C ASN C 168 22.84 -8.54 -32.91
N LEU C 169 22.68 -8.05 -34.14
CA LEU C 169 21.37 -8.00 -34.79
C LEU C 169 21.29 -8.76 -36.09
N ARG C 170 20.03 -9.01 -36.57
CA ARG C 170 19.70 -9.55 -37.88
C ARG C 170 18.83 -8.44 -38.49
N VAL C 171 19.40 -7.73 -39.48
CA VAL C 171 18.77 -6.55 -40.06
C VAL C 171 18.36 -6.78 -41.50
N VAL C 172 17.14 -6.41 -41.81
CA VAL C 172 16.68 -6.54 -43.19
C VAL C 172 16.15 -5.17 -43.64
N ALA C 173 16.76 -4.57 -44.67
CA ALA C 173 16.28 -3.30 -45.20
C ALA C 173 15.42 -3.58 -46.42
N MSE C 174 14.17 -3.11 -46.38
CA MSE C 174 13.19 -3.32 -47.41
C MSE C 174 12.84 -2.05 -48.16
O MSE C 174 12.76 -0.97 -47.57
CB MSE C 174 11.93 -3.86 -46.77
CG MSE C 174 12.08 -5.22 -46.16
SE MSE C 174 10.35 -5.77 -45.52
CE MSE C 174 10.00 -4.30 -44.18
N THR C 175 12.60 -2.24 -49.48
CA THR C 175 12.20 -1.20 -50.43
C THR C 175 11.27 -1.82 -51.50
N ALA C 176 10.14 -1.16 -51.75
CA ALA C 176 9.18 -1.62 -52.75
C ALA C 176 9.43 -0.80 -53.99
N THR C 177 9.61 -1.51 -55.13
CA THR C 177 9.94 -0.98 -56.47
C THR C 177 9.23 0.37 -56.86
N PRO C 178 7.87 0.47 -56.99
CA PRO C 178 7.27 1.76 -57.36
C PRO C 178 6.92 2.67 -56.16
N GLY C 186 -3.40 2.50 -46.00
CA GLY C 186 -3.83 3.86 -45.71
C GLY C 186 -4.89 4.41 -46.65
N GLN C 187 -4.88 3.94 -47.92
CA GLN C 187 -5.82 4.33 -48.97
C GLN C 187 -7.02 3.39 -48.89
N LYS C 188 -8.18 3.94 -48.53
CA LYS C 188 -9.36 3.12 -48.37
C LYS C 188 -10.29 3.13 -49.58
N HIS C 189 -10.10 4.11 -50.49
CA HIS C 189 -10.93 4.31 -51.69
C HIS C 189 -10.08 4.46 -52.93
N PRO C 190 -10.62 4.18 -54.15
CA PRO C 190 -9.79 4.32 -55.36
C PRO C 190 -9.40 5.77 -55.66
N ILE C 191 -8.17 5.96 -56.17
CA ILE C 191 -7.68 7.29 -56.59
C ILE C 191 -7.46 7.29 -58.11
N GLU C 192 -8.25 8.11 -58.84
CA GLU C 192 -8.14 8.25 -60.29
C GLU C 192 -6.91 9.09 -60.58
N GLU C 193 -6.00 8.58 -61.42
CA GLU C 193 -4.77 9.28 -61.74
C GLU C 193 -4.78 9.90 -63.13
N PHE C 194 -4.33 11.17 -63.22
CA PHE C 194 -4.25 11.92 -64.46
C PHE C 194 -2.93 12.62 -64.64
N ILE C 195 -2.52 12.79 -65.92
CA ILE C 195 -1.36 13.60 -66.28
C ILE C 195 -1.93 14.88 -66.89
N ALA C 196 -1.76 16.00 -66.18
CA ALA C 196 -2.27 17.27 -66.66
C ALA C 196 -1.27 17.86 -67.63
N PRO C 197 -1.70 18.34 -68.83
CA PRO C 197 -0.73 18.97 -69.72
C PRO C 197 -0.33 20.34 -69.21
N GLU C 198 0.85 20.80 -69.62
CA GLU C 198 1.38 22.10 -69.24
C GLU C 198 0.69 23.17 -70.08
N VAL C 199 0.14 24.23 -69.41
CA VAL C 199 -0.46 25.37 -70.11
C VAL C 199 0.74 26.07 -70.72
N MSE C 200 0.63 26.44 -71.99
CA MSE C 200 1.76 27.06 -72.64
C MSE C 200 1.52 28.50 -73.03
O MSE C 200 0.40 28.88 -73.36
CB MSE C 200 2.40 26.18 -73.72
CG MSE C 200 1.47 25.13 -74.27
SE MSE C 200 1.22 25.30 -76.19
CE MSE C 200 0.59 27.25 -76.39
N LYS C 201 2.59 29.32 -72.89
CA LYS C 201 2.67 30.75 -73.18
C LYS C 201 1.50 31.29 -74.03
N GLY C 202 0.50 31.83 -73.32
CA GLY C 202 -0.71 32.40 -73.88
C GLY C 202 -1.52 31.52 -74.79
N GLU C 203 -2.44 30.74 -74.21
CA GLU C 203 -3.29 29.87 -74.99
C GLU C 203 -4.76 29.97 -74.55
N ASP C 204 -5.70 29.89 -75.52
CA ASP C 204 -7.14 29.98 -75.29
C ASP C 204 -7.67 28.68 -74.68
N LEU C 205 -7.75 28.59 -73.33
CA LEU C 205 -8.24 27.39 -72.65
C LEU C 205 -9.78 27.28 -72.79
N GLY C 206 -10.40 28.46 -72.86
CA GLY C 206 -11.82 28.72 -73.07
C GLY C 206 -12.88 27.82 -72.48
N SER C 207 -13.27 28.10 -71.23
CA SER C 207 -14.37 27.50 -70.47
C SER C 207 -14.39 25.98 -70.23
N GLU C 208 -13.41 25.22 -70.75
CA GLU C 208 -13.39 23.78 -70.50
C GLU C 208 -12.27 23.43 -69.54
N TYR C 209 -11.16 24.20 -69.63
CA TYR C 209 -9.95 24.07 -68.81
C TYR C 209 -9.55 25.40 -68.20
N LEU C 210 -8.81 25.34 -67.09
CA LEU C 210 -8.27 26.51 -66.42
C LEU C 210 -6.85 26.26 -65.94
N ASP C 211 -6.03 27.32 -65.85
CA ASP C 211 -4.63 27.25 -65.42
C ASP C 211 -4.52 27.07 -63.90
N ILE C 212 -4.05 25.89 -63.47
CA ILE C 212 -3.79 25.62 -62.07
C ILE C 212 -2.30 25.40 -61.94
N ALA C 213 -1.59 26.47 -61.53
CA ALA C 213 -0.14 26.52 -61.34
C ALA C 213 0.64 25.96 -62.54
N GLY C 214 0.26 26.41 -63.73
CA GLY C 214 0.90 26.05 -64.98
C GLY C 214 0.37 24.80 -65.64
N LEU C 215 -0.57 24.10 -64.97
CA LEU C 215 -1.20 22.86 -65.47
C LEU C 215 -2.62 23.11 -65.95
N LYS C 216 -3.01 22.42 -67.03
CA LYS C 216 -4.32 22.53 -67.70
C LYS C 216 -5.28 21.54 -67.05
N ILE C 217 -6.19 22.08 -66.21
CA ILE C 217 -7.16 21.29 -65.44
C ILE C 217 -8.61 21.50 -65.91
N PRO C 218 -9.37 20.38 -66.11
CA PRO C 218 -10.79 20.52 -66.49
C PRO C 218 -11.59 21.34 -65.48
N VAL C 219 -12.23 22.46 -65.92
CA VAL C 219 -13.01 23.39 -65.05
C VAL C 219 -14.01 22.71 -64.14
N GLU C 220 -14.60 21.58 -64.59
CA GLU C 220 -15.54 20.74 -63.84
C GLU C 220 -14.96 20.36 -62.48
N GLU C 221 -13.60 20.35 -62.37
CA GLU C 221 -12.90 20.04 -61.14
C GLU C 221 -13.07 21.11 -60.05
N MSE C 222 -13.47 22.35 -60.43
CA MSE C 222 -13.70 23.47 -59.50
C MSE C 222 -15.00 23.34 -58.69
O MSE C 222 -15.32 24.23 -57.89
CB MSE C 222 -13.64 24.83 -60.22
CG MSE C 222 -12.31 25.12 -60.92
SE MSE C 222 -10.68 24.70 -59.89
CE MSE C 222 -10.79 25.99 -58.43
N LYS C 223 -15.72 22.23 -58.91
CA LYS C 223 -16.95 21.92 -58.18
C LYS C 223 -16.58 21.07 -56.95
N ASN C 224 -15.32 20.66 -56.90
CA ASN C 224 -14.76 19.80 -55.86
C ASN C 224 -13.78 20.51 -54.94
N ASN C 225 -13.42 19.83 -53.83
CA ASN C 225 -12.44 20.29 -52.84
C ASN C 225 -11.03 19.96 -53.34
N MSE C 226 -10.30 21.02 -53.72
CA MSE C 226 -8.99 20.94 -54.32
C MSE C 226 -7.82 21.36 -53.43
O MSE C 226 -7.89 22.35 -52.71
CB MSE C 226 -9.01 21.76 -55.61
CG MSE C 226 -7.71 21.78 -56.37
SE MSE C 226 -7.99 22.22 -58.20
CE MSE C 226 -7.63 23.95 -58.20
N LEU C 227 -6.72 20.60 -53.53
CA LEU C 227 -5.42 20.86 -52.90
C LEU C 227 -4.39 20.95 -54.02
N VAL C 228 -3.70 22.09 -54.09
CA VAL C 228 -2.70 22.33 -55.13
C VAL C 228 -1.34 22.42 -54.50
N PHE C 229 -0.41 21.58 -54.93
CA PHE C 229 0.95 21.59 -54.45
C PHE C 229 1.81 22.39 -55.40
N VAL C 230 2.40 23.46 -54.87
CA VAL C 230 3.29 24.37 -55.60
C VAL C 230 4.68 24.41 -54.91
N PRO C 231 5.80 24.73 -55.60
CA PRO C 231 7.08 24.73 -54.90
C PRO C 231 7.31 25.91 -54.00
N THR C 232 6.86 27.13 -54.38
CA THR C 232 7.15 28.36 -53.60
C THR C 232 5.97 29.00 -52.91
N ARG C 233 6.27 29.81 -51.88
CA ARG C 233 5.32 30.59 -51.08
C ARG C 233 4.69 31.65 -51.98
N ASN C 234 5.51 32.29 -52.83
CA ASN C 234 5.08 33.32 -53.77
C ASN C 234 4.08 32.78 -54.78
N MSE C 235 4.26 31.54 -55.23
CA MSE C 235 3.37 30.89 -56.18
C MSE C 235 2.03 30.55 -55.55
O MSE C 235 1.00 30.73 -56.20
CB MSE C 235 4.00 29.63 -56.76
CG MSE C 235 4.94 29.91 -57.92
SE MSE C 235 5.59 28.22 -58.66
CE MSE C 235 3.91 27.63 -59.73
N ALA C 236 2.04 30.07 -54.28
CA ALA C 236 0.83 29.75 -53.51
C ALA C 236 -0.04 30.98 -53.35
N VAL C 237 0.58 32.14 -53.04
CA VAL C 237 -0.11 33.42 -52.87
C VAL C 237 -0.66 33.93 -54.22
N GLU C 238 0.17 33.93 -55.27
CA GLU C 238 -0.21 34.35 -56.61
C GLU C 238 -1.31 33.46 -57.23
N ALA C 239 -1.20 32.12 -57.05
CA ALA C 239 -2.23 31.20 -57.56
C ALA C 239 -3.54 31.38 -56.79
N ALA C 240 -3.46 31.58 -55.45
CA ALA C 240 -4.64 31.80 -54.61
C ALA C 240 -5.35 33.08 -55.02
N LYS C 241 -4.61 34.21 -55.05
CA LYS C 241 -5.19 35.50 -55.41
C LYS C 241 -5.85 35.55 -56.79
N LYS C 242 -5.27 34.85 -57.76
CA LYS C 242 -5.83 34.76 -59.12
C LYS C 242 -7.16 33.97 -59.15
N LEU C 243 -7.23 32.82 -58.43
CA LEU C 243 -8.42 31.99 -58.29
C LEU C 243 -9.56 32.72 -57.52
N LYS C 244 -9.19 33.55 -56.53
CA LYS C 244 -10.15 34.35 -55.74
C LYS C 244 -10.81 35.39 -56.67
N ALA C 245 -9.99 36.00 -57.57
CA ALA C 245 -10.41 36.99 -58.57
C ALA C 245 -11.32 36.37 -59.65
N LYS C 246 -11.20 35.04 -59.86
CA LYS C 246 -12.01 34.28 -60.81
C LYS C 246 -13.35 33.82 -60.17
N GLY C 247 -13.49 34.07 -58.87
CA GLY C 247 -14.68 33.76 -58.09
C GLY C 247 -14.59 32.56 -57.16
N TYR C 248 -13.54 31.74 -57.31
CA TYR C 248 -13.34 30.53 -56.49
C TYR C 248 -13.02 30.81 -55.02
N ASN C 249 -13.42 29.87 -54.14
CA ASN C 249 -13.14 29.96 -52.70
C ASN C 249 -11.72 29.43 -52.49
N SER C 250 -10.74 30.33 -52.71
CA SER C 250 -9.32 30.00 -52.62
C SER C 250 -8.66 30.49 -51.35
N GLY C 251 -7.64 29.77 -50.95
CA GLY C 251 -6.80 30.06 -49.80
C GLY C 251 -5.42 29.49 -50.04
N TYR C 252 -4.44 29.96 -49.29
CA TYR C 252 -3.07 29.47 -49.43
C TYR C 252 -2.48 29.00 -48.10
N TYR C 253 -1.32 28.34 -48.15
CA TYR C 253 -0.57 27.91 -46.97
C TYR C 253 0.92 27.76 -47.26
N TYR C 254 1.80 28.38 -46.45
CA TYR C 254 3.26 28.27 -46.61
C TYR C 254 4.00 28.09 -45.26
N SER C 255 5.34 28.32 -45.23
CA SER C 255 6.16 28.20 -44.01
C SER C 255 5.85 29.29 -42.94
N GLY C 256 5.17 30.37 -43.35
CA GLY C 256 4.74 31.48 -42.49
C GLY C 256 3.75 31.06 -41.42
N GLU C 257 3.04 29.94 -41.67
CA GLU C 257 2.09 29.25 -40.80
C GLU C 257 0.69 29.83 -40.63
N ASP C 258 0.13 29.59 -39.42
CA ASP C 258 -1.21 29.90 -38.93
C ASP C 258 -2.32 29.20 -39.71
N PRO C 259 -2.56 27.90 -39.42
CA PRO C 259 -3.60 27.15 -40.17
C PRO C 259 -5.04 27.59 -39.88
N SER C 260 -5.25 28.35 -38.79
CA SER C 260 -6.58 28.85 -38.40
C SER C 260 -7.27 29.74 -39.43
N ASN C 261 -6.48 30.39 -40.33
CA ASN C 261 -7.03 31.27 -41.38
C ASN C 261 -7.43 30.55 -42.69
N LEU C 262 -7.26 29.22 -42.68
CA LEU C 262 -7.64 28.32 -43.76
C LEU C 262 -8.97 27.71 -43.38
N ARG C 263 -9.27 27.69 -42.06
CA ARG C 263 -10.52 27.18 -41.49
C ARG C 263 -11.69 27.96 -42.10
N VAL C 264 -11.53 29.30 -42.30
CA VAL C 264 -12.52 30.16 -42.95
C VAL C 264 -12.75 29.73 -44.43
N VAL C 265 -11.70 29.22 -45.10
CA VAL C 265 -11.80 28.73 -46.48
C VAL C 265 -12.42 27.32 -46.47
N THR C 266 -11.77 26.36 -45.79
CA THR C 266 -12.17 24.95 -45.70
C THR C 266 -13.54 24.67 -45.10
N SER C 267 -14.12 25.61 -44.31
CA SER C 267 -15.44 25.47 -43.71
C SER C 267 -16.59 25.52 -44.74
N GLN C 268 -16.31 26.02 -45.95
CA GLN C 268 -17.29 26.11 -47.03
C GLN C 268 -16.78 25.34 -48.25
N SER C 269 -17.65 24.53 -48.85
CA SER C 269 -17.28 23.75 -50.03
C SER C 269 -18.10 24.18 -51.25
N PRO C 270 -17.50 24.20 -52.47
CA PRO C 270 -16.12 23.79 -52.80
C PRO C 270 -15.06 24.79 -52.35
N TYR C 271 -13.86 24.26 -52.07
CA TYR C 271 -12.70 25.05 -51.69
C TYR C 271 -11.48 24.64 -52.51
N VAL C 272 -10.53 25.55 -52.63
CA VAL C 272 -9.25 25.32 -53.31
C VAL C 272 -8.14 25.88 -52.45
N VAL C 273 -7.20 25.02 -52.04
CA VAL C 273 -6.08 25.44 -51.21
C VAL C 273 -4.80 25.23 -51.98
N VAL C 274 -4.04 26.31 -52.13
CA VAL C 274 -2.75 26.25 -52.79
C VAL C 274 -1.70 26.24 -51.68
N ALA C 275 -0.93 25.14 -51.59
CA ALA C 275 0.08 24.92 -50.55
C ALA C 275 1.38 24.42 -51.10
N THR C 276 2.45 24.62 -50.33
CA THR C 276 3.81 24.12 -50.57
C THR C 276 3.88 22.83 -49.77
N ASN C 277 4.98 22.02 -49.90
CA ASN C 277 5.09 20.74 -49.16
C ASN C 277 4.69 20.85 -47.68
N ALA C 278 4.83 22.08 -47.10
CA ALA C 278 4.50 22.49 -45.72
C ALA C 278 3.17 21.99 -45.09
N ILE C 279 2.34 21.20 -45.84
CA ILE C 279 1.07 20.58 -45.43
C ILE C 279 -0.15 21.53 -45.55
N VAL C 283 -2.38 21.90 -41.94
CA VAL C 283 -3.01 20.73 -41.32
C VAL C 283 -4.53 20.72 -41.63
N THR C 284 -5.13 19.49 -41.68
CA THR C 284 -6.56 19.18 -41.92
C THR C 284 -7.30 19.95 -43.01
N LEU C 285 -7.71 19.19 -44.02
CA LEU C 285 -8.44 19.61 -45.19
C LEU C 285 -9.65 18.66 -45.24
N PRO C 286 -10.84 19.10 -44.75
CA PRO C 286 -12.00 18.20 -44.70
C PRO C 286 -12.63 17.95 -46.07
N ASP C 287 -13.14 16.71 -46.27
CA ASP C 287 -13.82 16.26 -47.50
C ASP C 287 -13.01 16.52 -48.78
N LEU C 288 -11.68 16.32 -48.72
CA LEU C 288 -10.81 16.51 -49.89
C LEU C 288 -11.13 15.56 -51.05
N ASP C 289 -11.25 16.13 -52.25
CA ASP C 289 -11.59 15.41 -53.45
C ASP C 289 -10.42 15.26 -54.40
N VAL C 290 -9.79 16.38 -54.76
CA VAL C 290 -8.76 16.39 -55.78
C VAL C 290 -7.44 17.07 -55.39
N VAL C 291 -6.32 16.47 -55.84
CA VAL C 291 -4.97 16.97 -55.67
C VAL C 291 -4.40 17.34 -57.06
N VAL C 292 -3.85 18.56 -57.18
CA VAL C 292 -3.15 19.02 -58.36
C VAL C 292 -1.69 19.20 -57.91
N ASP C 293 -0.80 18.40 -58.47
CA ASP C 293 0.60 18.39 -58.10
C ASP C 293 1.49 18.83 -59.23
N THR C 294 2.17 19.97 -59.00
CA THR C 294 3.14 20.59 -59.91
C THR C 294 4.40 19.72 -60.08
N GLY C 295 4.56 18.76 -59.16
CA GLY C 295 5.69 17.83 -59.11
C GLY C 295 6.98 18.49 -58.70
N LEU C 296 6.92 19.76 -58.25
CA LEU C 296 8.10 20.53 -57.83
C LEU C 296 8.04 20.88 -56.37
N LYS C 297 9.22 21.00 -55.76
CA LYS C 297 9.37 21.35 -54.37
C LYS C 297 10.58 22.24 -54.17
N CYS C 298 10.54 23.01 -53.11
CA CYS C 298 11.66 23.81 -52.71
C CYS C 298 12.21 23.02 -51.51
N GLU C 299 13.40 22.40 -51.67
CA GLU C 299 13.95 21.58 -50.62
C GLU C 299 15.28 22.04 -50.10
N LYS C 300 15.39 21.80 -48.80
CA LYS C 300 16.51 22.07 -47.91
C LYS C 300 17.79 21.40 -48.38
N ARG C 301 18.82 22.19 -48.53
CA ARG C 301 20.16 21.79 -48.95
C ARG C 301 21.16 22.45 -48.03
N ILE C 302 22.37 21.89 -47.95
CA ILE C 302 23.41 22.49 -47.12
C ILE C 302 24.60 22.95 -47.95
N ARG C 303 25.31 23.97 -47.45
CA ARG C 303 26.47 24.59 -48.06
C ARG C 303 27.52 24.51 -46.96
N LEU C 304 28.62 23.77 -47.18
CA LEU C 304 29.69 23.68 -46.17
C LEU C 304 30.92 24.43 -46.66
N SER C 305 31.55 25.18 -45.76
CA SER C 305 32.67 26.05 -46.09
C SER C 305 33.72 26.17 -44.97
N PRO C 306 35.02 26.43 -45.28
CA PRO C 306 36.00 26.65 -44.21
C PRO C 306 35.89 28.09 -43.65
N LYS C 307 35.11 28.98 -44.32
CA LYS C 307 34.88 30.36 -43.84
C LYS C 307 33.59 30.34 -43.04
N MSE C 308 33.58 30.94 -41.87
CA MSE C 308 32.40 30.93 -41.00
C MSE C 308 31.30 31.89 -41.44
O MSE C 308 31.61 32.98 -41.89
CB MSE C 308 32.81 31.21 -39.55
CG MSE C 308 32.27 30.17 -38.59
SE MSE C 308 32.94 30.43 -36.78
CE MSE C 308 32.15 32.20 -36.36
N PRO C 309 29.97 31.52 -41.32
CA PRO C 309 29.41 30.23 -40.85
C PRO C 309 29.76 29.07 -41.80
N PHE C 310 30.28 27.99 -41.21
CA PHE C 310 30.67 26.79 -41.92
C PHE C 310 29.45 26.06 -42.47
N ILE C 311 28.28 26.16 -41.79
CA ILE C 311 27.04 25.52 -42.23
C ILE C 311 26.02 26.60 -42.61
N VAL C 312 25.52 26.53 -43.86
CA VAL C 312 24.45 27.39 -44.38
C VAL C 312 23.38 26.50 -45.02
N THR C 313 22.15 26.56 -44.49
CA THR C 313 21.03 25.73 -44.89
C THR C 313 19.98 26.56 -45.67
N GLY C 314 19.78 26.22 -46.94
CA GLY C 314 18.83 26.90 -47.77
C GLY C 314 17.91 25.98 -48.52
N LEU C 315 17.20 26.57 -49.48
CA LEU C 315 16.28 25.88 -50.34
C LEU C 315 16.76 25.96 -51.77
N LYS C 316 16.49 24.91 -52.57
CA LYS C 316 16.75 24.82 -54.01
C LYS C 316 15.58 24.11 -54.66
N ARG C 317 15.09 24.61 -55.82
CA ARG C 317 13.96 23.98 -56.51
C ARG C 317 14.41 22.69 -57.17
N MSE C 318 13.58 21.66 -57.07
CA MSE C 318 13.85 20.35 -57.64
C MSE C 318 12.54 19.58 -57.83
O MSE C 318 11.49 20.01 -57.36
CB MSE C 318 14.76 19.55 -56.70
CG MSE C 318 14.35 19.66 -55.22
SE MSE C 318 15.84 19.36 -54.00
CE MSE C 318 17.15 20.67 -54.80
N ALA C 319 12.62 18.42 -58.51
CA ALA C 319 11.44 17.54 -58.70
C ALA C 319 11.24 16.75 -57.41
N VAL C 320 10.01 16.42 -57.08
CA VAL C 320 9.67 15.62 -55.91
C VAL C 320 10.18 14.21 -56.14
N THR C 321 10.45 13.44 -55.06
CA THR C 321 10.85 12.04 -55.16
C THR C 321 9.53 11.24 -55.38
N ILE C 322 9.66 9.94 -55.77
CA ILE C 322 8.55 9.00 -55.93
C ILE C 322 7.75 8.95 -54.59
N GLY C 323 8.47 8.86 -53.48
CA GLY C 323 7.89 8.86 -52.14
C GLY C 323 7.10 10.12 -51.85
N GLU C 324 7.70 11.29 -52.13
CA GLU C 324 7.03 12.58 -51.96
C GLU C 324 5.73 12.62 -52.78
N GLN C 325 5.82 12.26 -54.06
CA GLN C 325 4.66 12.20 -54.95
C GLN C 325 3.57 11.30 -54.35
N ALA C 326 3.97 10.16 -53.77
CA ALA C 326 3.07 9.20 -53.13
C ALA C 326 2.39 9.84 -51.94
N GLN C 327 3.13 10.67 -51.16
CA GLN C 327 2.57 11.38 -50.00
C GLN C 327 1.55 12.45 -50.45
N ARG C 328 1.85 13.12 -51.59
CA ARG C 328 0.99 14.14 -52.19
C ARG C 328 -0.28 13.50 -52.71
N ARG C 329 -0.18 12.38 -53.47
CA ARG C 329 -1.34 11.63 -53.98
C ARG C 329 -2.13 11.02 -52.80
N GLY C 330 -1.42 10.67 -51.76
CA GLY C 330 -2.00 10.06 -50.57
C GLY C 330 -2.93 10.93 -49.76
N ARG C 331 -3.04 12.23 -50.13
CA ARG C 331 -3.90 13.20 -49.44
C ARG C 331 -5.37 12.98 -49.74
N VAL C 332 -5.63 12.18 -50.79
CA VAL C 332 -6.95 11.77 -51.23
C VAL C 332 -7.14 10.24 -51.09
N GLY C 333 -8.36 9.76 -51.29
CA GLY C 333 -8.71 8.34 -51.21
C GLY C 333 -8.68 7.76 -49.81
N ARG C 334 -8.67 8.63 -48.79
CA ARG C 334 -8.61 8.22 -47.39
C ARG C 334 -9.99 7.97 -46.80
N VAL C 335 -10.93 8.90 -47.03
CA VAL C 335 -12.30 8.88 -46.51
C VAL C 335 -13.38 8.68 -47.60
N LYS C 336 -13.04 9.02 -48.84
CA LYS C 336 -13.93 8.92 -50.01
C LYS C 336 -13.04 8.74 -51.26
N PRO C 337 -13.58 8.44 -52.48
CA PRO C 337 -12.69 8.38 -53.66
C PRO C 337 -11.97 9.69 -53.94
N GLY C 338 -10.83 9.62 -54.62
CA GLY C 338 -10.06 10.80 -54.94
C GLY C 338 -9.57 10.86 -56.38
N ARG C 339 -9.10 12.05 -56.79
CA ARG C 339 -8.51 12.31 -58.11
C ARG C 339 -7.17 13.00 -57.89
N TYR C 340 -6.17 12.61 -58.65
CA TYR C 340 -4.82 13.14 -58.58
C TYR C 340 -4.32 13.56 -59.95
N TYR C 341 -4.06 14.87 -60.14
CA TYR C 341 -3.53 15.40 -61.40
C TYR C 341 -2.06 15.73 -61.17
N ARG C 342 -1.17 15.12 -61.96
CA ARG C 342 0.27 15.34 -61.86
C ARG C 342 0.80 15.89 -63.17
N SER C 343 1.89 16.66 -63.10
CA SER C 343 2.56 17.24 -64.27
C SER C 343 3.37 16.15 -65.03
N GLN C 344 3.93 16.50 -66.21
CA GLN C 344 4.78 15.61 -67.01
C GLN C 344 6.15 15.46 -66.36
N GLU C 345 6.43 16.25 -65.27
CA GLU C 345 7.66 16.28 -64.48
C GLU C 345 7.92 14.90 -63.91
N THR C 346 9.13 14.35 -64.14
CA THR C 346 9.47 13.01 -63.67
C THR C 346 10.02 13.04 -62.25
N PRO C 347 9.47 12.21 -61.31
CA PRO C 347 10.01 12.22 -59.95
C PRO C 347 11.39 11.59 -59.92
N VAL C 348 12.19 11.98 -58.95
CA VAL C 348 13.52 11.42 -58.75
C VAL C 348 13.37 10.15 -57.83
N GLY C 349 14.30 9.20 -57.94
CA GLY C 349 14.27 7.96 -57.17
C GLY C 349 14.53 8.16 -55.69
N SER C 350 15.55 8.98 -55.40
CA SER C 350 15.98 9.28 -54.04
C SER C 350 16.48 10.71 -53.92
N LYS C 351 16.30 11.26 -52.75
CA LYS C 351 16.63 12.61 -52.38
C LYS C 351 18.02 12.72 -51.81
N ASP C 352 18.44 13.98 -51.66
CA ASP C 352 19.70 14.37 -51.04
C ASP C 352 19.48 14.38 -49.54
N TYR C 353 20.11 13.45 -48.86
CA TYR C 353 19.93 13.31 -47.41
C TYR C 353 20.82 14.20 -46.53
N HIS C 354 21.77 14.97 -47.13
CA HIS C 354 22.69 15.84 -46.35
C HIS C 354 22.07 16.76 -45.30
N TYR C 355 20.97 17.50 -45.63
CA TYR C 355 20.29 18.37 -44.67
C TYR C 355 19.68 17.51 -43.53
N ASP C 356 19.00 16.41 -43.86
CA ASP C 356 18.45 15.51 -42.85
C ASP C 356 19.56 14.85 -42.04
N LEU C 357 20.72 14.54 -42.67
CA LEU C 357 21.84 13.96 -41.91
C LEU C 357 22.29 14.97 -40.84
N LEU C 358 22.43 16.25 -41.22
CA LEU C 358 22.80 17.35 -40.33
C LEU C 358 21.77 17.46 -39.19
N GLN C 359 20.49 17.34 -39.50
CA GLN C 359 19.44 17.42 -38.48
C GLN C 359 19.51 16.19 -37.57
N ALA C 360 19.85 15.01 -38.14
CA ALA C 360 19.96 13.76 -37.40
C ALA C 360 21.04 13.83 -36.34
N GLN C 361 22.10 14.65 -36.55
CA GLN C 361 23.22 14.82 -35.64
C GLN C 361 22.80 15.13 -34.20
N ARG C 362 21.60 15.72 -34.06
CA ARG C 362 21.01 16.13 -32.79
C ARG C 362 20.82 14.95 -31.88
N TYR C 363 20.37 13.84 -32.47
CA TYR C 363 20.07 12.59 -31.78
C TYR C 363 21.26 11.85 -31.20
N GLY C 364 22.47 12.32 -31.45
CA GLY C 364 23.67 11.73 -30.87
C GLY C 364 24.35 12.59 -29.83
N ILE C 365 23.78 13.78 -29.54
CA ILE C 365 24.33 14.76 -28.60
C ILE C 365 24.43 14.24 -27.18
N GLU C 366 23.32 13.75 -26.60
CA GLU C 366 23.32 13.26 -25.21
C GLU C 366 24.30 12.11 -24.98
N ASP C 367 24.46 11.22 -25.99
CA ASP C 367 25.30 10.03 -25.88
C ASP C 367 26.73 10.27 -26.34
N GLY C 368 27.00 11.47 -26.87
CA GLY C 368 28.31 11.86 -27.37
C GLY C 368 28.75 11.01 -28.53
N ILE C 369 27.77 10.70 -29.41
CA ILE C 369 27.93 9.90 -30.61
C ILE C 369 28.01 10.82 -31.83
N ASN C 370 28.99 10.60 -32.72
CA ASN C 370 29.04 11.40 -33.97
C ASN C 370 28.11 10.66 -34.97
N ILE C 371 26.91 11.22 -35.21
CA ILE C 371 25.91 10.62 -36.12
C ILE C 371 26.42 10.48 -37.56
N THR C 372 27.22 11.45 -38.03
CA THR C 372 27.78 11.39 -39.38
C THR C 372 28.73 10.16 -39.49
N LYS C 373 29.60 9.95 -38.48
CA LYS C 373 30.54 8.83 -38.44
C LYS C 373 29.76 7.55 -38.46
N SER C 374 28.69 7.48 -37.67
CA SER C 374 27.77 6.35 -37.59
C SER C 374 27.08 6.10 -38.92
N PHE C 375 26.64 7.16 -39.59
CA PHE C 375 25.99 7.06 -40.90
C PHE C 375 26.98 6.43 -41.89
N ARG C 376 28.18 7.05 -41.99
CA ARG C 376 29.28 6.68 -42.83
C ARG C 376 29.62 5.21 -42.68
N GLU C 377 29.84 4.75 -41.42
CA GLU C 377 30.21 3.38 -41.14
C GLU C 377 29.11 2.42 -41.49
N MSE C 378 27.84 2.81 -41.24
CA MSE C 378 26.65 2.02 -41.55
C MSE C 378 26.52 1.89 -43.05
O MSE C 378 26.37 0.78 -43.56
CB MSE C 378 25.40 2.67 -40.91
CG MSE C 378 24.08 2.00 -41.26
SE MSE C 378 23.25 2.69 -42.93
CE MSE C 378 22.89 4.51 -42.41
N ASN C 379 26.57 3.02 -43.77
CA ASN C 379 26.44 3.00 -45.23
C ASN C 379 27.51 2.16 -45.91
N TYR C 380 28.74 2.13 -45.35
CA TYR C 380 29.81 1.28 -45.86
C TYR C 380 29.36 -0.21 -45.88
N ASP C 381 28.89 -0.71 -44.72
CA ASP C 381 28.44 -2.06 -44.54
C ASP C 381 27.11 -2.36 -45.24
N TRP C 382 26.15 -1.43 -45.23
CA TRP C 382 24.82 -1.66 -45.77
C TRP C 382 24.54 -1.20 -47.20
N SER C 383 25.35 -0.27 -47.74
CA SER C 383 25.27 0.28 -49.11
C SER C 383 23.87 0.66 -49.47
N LEU C 384 23.24 1.45 -48.59
CA LEU C 384 21.87 1.85 -48.84
C LEU C 384 21.72 3.10 -49.65
N TYR C 385 22.61 4.06 -49.43
CA TYR C 385 22.62 5.39 -50.07
C TYR C 385 23.87 5.70 -50.87
N GLU C 386 23.73 6.58 -51.86
CA GLU C 386 24.88 7.11 -52.60
C GLU C 386 25.67 8.03 -51.64
N GLU C 387 26.98 8.15 -51.82
CA GLU C 387 27.78 8.98 -50.92
C GLU C 387 28.58 10.02 -51.67
N ASP C 388 28.73 11.21 -51.05
CA ASP C 388 29.59 12.29 -51.53
C ASP C 388 30.66 12.36 -50.44
N SER C 389 31.79 11.70 -50.69
CA SER C 389 32.86 11.62 -49.71
C SER C 389 33.37 12.94 -49.15
N LEU C 390 33.49 13.98 -49.98
CA LEU C 390 33.94 15.27 -49.49
C LEU C 390 32.93 15.82 -48.49
N MSE C 391 31.63 15.78 -48.85
CA MSE C 391 30.52 16.25 -48.03
C MSE C 391 30.46 15.55 -46.69
O MSE C 391 30.39 16.24 -45.67
CB MSE C 391 29.21 16.06 -48.78
CG MSE C 391 28.04 16.79 -48.15
SE MSE C 391 27.93 18.68 -48.65
CE MSE C 391 27.93 18.54 -50.62
N ILE C 392 30.50 14.19 -46.65
CA ILE C 392 30.47 13.39 -45.43
C ILE C 392 31.65 13.73 -44.50
N THR C 393 32.84 13.90 -45.09
CA THR C 393 34.05 14.26 -44.36
C THR C 393 33.86 15.56 -43.62
N GLN C 394 33.47 16.60 -44.35
CA GLN C 394 33.22 17.95 -43.84
C GLN C 394 32.20 17.89 -42.70
N LEU C 395 31.08 17.20 -42.95
CA LEU C 395 29.98 16.99 -42.02
C LEU C 395 30.45 16.31 -40.70
N GLU C 396 31.38 15.34 -40.83
CA GLU C 396 31.97 14.60 -39.71
C GLU C 396 32.89 15.48 -38.85
N ILE C 397 33.69 16.35 -39.50
CA ILE C 397 34.58 17.31 -38.86
C ILE C 397 33.74 18.23 -37.98
N LEU C 398 32.66 18.77 -38.52
CA LEU C 398 31.77 19.66 -37.77
C LEU C 398 30.97 18.91 -36.68
N ASN C 399 30.58 17.64 -36.97
CA ASN C 399 29.85 16.79 -36.04
C ASN C 399 30.67 16.57 -34.77
N ASN C 400 32.02 16.47 -34.97
CA ASN C 400 32.95 16.27 -33.87
C ASN C 400 32.98 17.54 -33.02
N LEU C 401 32.86 18.72 -33.67
CA LEU C 401 32.82 19.99 -32.96
C LEU C 401 31.55 20.04 -32.11
N LEU C 402 30.40 19.68 -32.70
CA LEU C 402 29.08 19.68 -32.07
C LEU C 402 29.12 18.94 -30.71
N ILE C 403 29.86 17.84 -30.68
CA ILE C 403 29.94 17.00 -29.51
C ILE C 403 31.23 17.17 -28.70
N SER C 404 32.11 18.11 -29.12
CA SER C 404 33.40 18.37 -28.47
C SER C 404 33.30 18.75 -27.00
N GLU C 405 32.19 19.40 -26.63
CA GLU C 405 31.94 19.85 -25.26
C GLU C 405 30.52 19.53 -24.84
N GLU C 406 30.28 19.47 -23.52
CA GLU C 406 28.95 19.20 -22.99
C GLU C 406 28.05 20.40 -23.33
N LEU C 407 26.84 20.15 -23.87
CA LEU C 407 25.93 21.22 -24.26
C LEU C 407 25.42 21.98 -23.04
N PRO C 408 25.46 23.34 -23.07
CA PRO C 408 24.98 24.11 -21.91
C PRO C 408 23.50 23.83 -21.65
N MSE C 409 23.15 23.64 -20.37
CA MSE C 409 21.80 23.38 -19.88
C MSE C 409 20.81 24.40 -20.46
O MSE C 409 19.74 24.02 -20.93
CB MSE C 409 21.82 23.44 -18.36
CG MSE C 409 20.82 22.55 -17.68
SE MSE C 409 20.52 23.25 -15.85
CE MSE C 409 19.18 24.69 -16.19
N ALA C 410 21.20 25.70 -20.48
CA ALA C 410 20.41 26.80 -21.02
C ALA C 410 19.96 26.48 -22.44
N VAL C 411 20.92 26.08 -23.29
CA VAL C 411 20.70 25.75 -24.70
C VAL C 411 19.85 24.48 -24.83
N LYS C 412 20.20 23.44 -24.07
CA LYS C 412 19.52 22.14 -24.03
C LYS C 412 18.03 22.35 -23.77
N ASN C 413 17.71 23.24 -22.80
CA ASN C 413 16.36 23.59 -22.37
C ASN C 413 15.57 24.38 -23.41
N ILE C 414 16.26 25.28 -24.16
CA ILE C 414 15.64 26.08 -25.23
C ILE C 414 15.25 25.14 -26.38
N MSE C 415 16.19 24.27 -26.79
CA MSE C 415 15.98 23.34 -27.89
C MSE C 415 14.79 22.41 -27.68
O MSE C 415 14.10 22.06 -28.64
CB MSE C 415 17.24 22.51 -28.13
CG MSE C 415 18.42 23.28 -28.70
SE MSE C 415 20.00 22.15 -28.84
CE MSE C 415 19.48 21.10 -30.30
N ALA C 416 14.56 22.03 -26.41
CA ALA C 416 13.47 21.15 -26.00
C ALA C 416 12.11 21.80 -26.16
N ARG C 417 12.00 23.06 -25.78
CA ARG C 417 10.75 23.80 -25.73
C ARG C 417 10.37 24.65 -26.96
N THR C 418 11.34 24.96 -27.84
CA THR C 418 11.13 25.83 -29.00
C THR C 418 10.35 25.27 -30.19
N ASP C 419 9.80 26.21 -31.01
CA ASP C 419 9.12 25.89 -32.27
C ASP C 419 10.02 26.25 -33.49
N HIS C 420 11.30 26.62 -33.20
CA HIS C 420 12.37 26.93 -34.17
C HIS C 420 12.50 25.70 -35.07
N PRO C 421 12.48 25.88 -36.41
CA PRO C 421 12.57 24.72 -37.31
C PRO C 421 13.89 23.97 -37.31
N GLU C 422 15.01 24.61 -36.91
CA GLU C 422 16.32 23.96 -36.89
C GLU C 422 16.98 24.08 -35.51
N PRO C 423 16.46 23.37 -34.48
CA PRO C 423 17.06 23.49 -33.13
C PRO C 423 18.59 23.35 -33.05
N ILE C 424 19.15 22.47 -33.91
CA ILE C 424 20.58 22.17 -33.96
C ILE C 424 21.43 23.43 -34.18
N GLN C 425 20.85 24.44 -34.85
CA GLN C 425 21.49 25.73 -35.09
C GLN C 425 21.96 26.32 -33.76
N LEU C 426 21.10 26.24 -32.72
CA LEU C 426 21.39 26.69 -31.37
C LEU C 426 22.58 25.92 -30.80
N ALA C 427 22.61 24.58 -30.98
CA ALA C 427 23.68 23.73 -30.50
C ALA C 427 25.03 24.07 -31.12
N TYR C 428 25.09 24.16 -32.48
CA TYR C 428 26.30 24.54 -33.22
C TYR C 428 26.75 25.93 -32.85
N ASN C 429 25.82 26.88 -32.80
CA ASN C 429 26.21 28.24 -32.47
C ASN C 429 26.68 28.42 -31.04
N SER C 430 26.22 27.55 -30.10
CA SER C 430 26.65 27.64 -28.69
C SER C 430 28.17 27.67 -28.54
N TYR C 431 28.89 27.18 -29.56
CA TYR C 431 30.35 27.13 -29.62
C TYR C 431 31.01 28.48 -29.82
N GLU C 432 30.20 29.52 -30.09
CA GLU C 432 30.64 30.90 -30.28
C GLU C 432 29.75 31.86 -29.52
N THR C 433 28.44 31.62 -29.51
CA THR C 433 27.47 32.50 -28.84
C THR C 433 26.31 31.76 -28.19
N GLN C 434 25.77 32.32 -27.10
CA GLN C 434 24.64 31.75 -26.35
C GLN C 434 23.33 32.49 -26.66
N VAL C 435 23.45 33.69 -27.24
CA VAL C 435 22.31 34.53 -27.56
C VAL C 435 21.81 34.35 -29.00
N PRO C 436 20.59 33.79 -29.18
CA PRO C 436 20.02 33.66 -30.52
C PRO C 436 19.71 35.03 -31.10
N VAL C 437 19.94 35.19 -32.40
CA VAL C 437 19.72 36.47 -33.05
C VAL C 437 18.59 36.39 -34.09
N LEU C 438 17.68 37.37 -34.00
CA LEU C 438 16.53 37.52 -34.88
C LEU C 438 16.97 38.38 -36.09
N PHE C 439 17.13 37.73 -37.24
CA PHE C 439 17.53 38.43 -38.46
C PHE C 439 16.28 38.92 -39.19
N PRO C 440 16.32 40.12 -39.80
CA PRO C 440 15.14 40.60 -40.52
C PRO C 440 14.78 39.64 -41.66
N LYS C 441 13.47 39.42 -41.80
CA LYS C 441 12.92 38.55 -42.82
C LYS C 441 13.14 39.08 -44.25
N ILE C 442 13.44 38.17 -45.18
CA ILE C 442 13.67 38.51 -46.59
C ILE C 442 12.37 38.26 -47.37
N ARG C 443 11.76 39.35 -47.91
CA ARG C 443 10.50 39.28 -48.68
C ARG C 443 10.85 39.72 -50.07
N ASN C 444 11.01 38.72 -50.95
CA ASN C 444 11.58 38.79 -52.30
C ASN C 444 13.09 39.01 -52.04
N GLY C 445 13.83 39.60 -52.95
CA GLY C 445 15.25 39.82 -52.69
C GLY C 445 15.47 41.10 -51.92
N GLU C 446 14.64 41.37 -50.89
CA GLU C 446 14.67 42.59 -50.08
C GLU C 446 14.58 42.34 -48.57
N VAL C 447 15.35 43.12 -47.77
CA VAL C 447 15.36 43.06 -46.30
C VAL C 447 14.16 43.87 -45.84
N THR C 448 13.36 43.30 -44.93
CA THR C 448 12.15 43.91 -44.36
C THR C 448 12.33 44.19 -42.86
N ASP C 449 11.38 44.91 -42.21
CA ASP C 449 11.42 45.13 -40.77
C ASP C 449 10.51 44.11 -40.04
N THR C 450 10.36 42.91 -40.64
CA THR C 450 9.61 41.80 -40.08
C THR C 450 10.62 40.82 -39.53
N TYR C 451 10.24 40.11 -38.46
CA TYR C 451 11.10 39.13 -37.79
C TYR C 451 10.26 37.93 -37.39
N ASP C 452 10.83 36.71 -37.52
CA ASP C 452 10.15 35.48 -37.11
C ASP C 452 10.13 35.44 -35.59
N ASN C 453 9.04 34.97 -34.98
CA ASN C 453 9.00 34.94 -33.53
C ASN C 453 9.83 33.85 -32.80
N TYR C 454 9.51 32.55 -33.01
CA TYR C 454 10.12 31.37 -32.36
C TYR C 454 10.23 31.43 -30.85
N THR C 455 9.40 30.62 -30.20
CA THR C 455 9.26 30.49 -28.75
C THR C 455 10.54 30.11 -28.00
N PHE C 456 10.63 30.54 -26.72
CA PHE C 456 11.73 30.28 -25.76
C PHE C 456 13.15 30.69 -26.16
N LEU C 457 13.32 31.51 -27.19
CA LEU C 457 14.67 31.91 -27.63
C LEU C 457 15.36 32.94 -26.76
N ASN C 458 14.63 33.96 -26.25
CA ASN C 458 15.18 35.09 -25.50
C ASN C 458 16.18 35.79 -26.41
N ALA C 459 15.80 35.85 -27.68
CA ALA C 459 16.55 36.36 -28.80
C ALA C 459 16.70 37.85 -28.78
N ARG C 460 17.59 38.34 -29.64
CA ARG C 460 17.83 39.76 -29.85
C ARG C 460 17.78 40.05 -31.35
N LYS C 461 17.34 41.27 -31.73
CA LYS C 461 17.29 41.66 -33.14
C LYS C 461 18.72 41.84 -33.65
N LEU C 462 18.95 41.57 -34.95
CA LEU C 462 20.27 41.67 -35.57
C LEU C 462 20.94 43.02 -35.35
N GLY C 463 20.21 44.10 -35.67
CA GLY C 463 20.74 45.45 -35.59
C GLY C 463 21.87 45.58 -36.59
N ASP C 464 23.02 46.11 -36.13
CA ASP C 464 24.24 46.24 -36.95
C ASP C 464 25.25 45.18 -36.48
N ASP C 465 24.91 44.45 -35.41
CA ASP C 465 25.74 43.46 -34.73
C ASP C 465 25.56 42.03 -35.26
N VAL C 466 26.40 41.63 -36.23
CA VAL C 466 26.37 40.29 -36.80
C VAL C 466 26.96 39.31 -35.76
N PRO C 467 26.17 38.28 -35.36
CA PRO C 467 26.67 37.32 -34.37
C PRO C 467 27.68 36.32 -34.93
N PRO C 468 28.62 35.79 -34.11
CA PRO C 468 29.58 34.80 -34.63
C PRO C 468 28.92 33.41 -34.85
N TYR C 469 28.01 33.33 -35.80
CA TYR C 469 27.30 32.09 -36.12
C TYR C 469 28.22 31.07 -36.84
N VAL C 470 28.12 29.81 -36.41
CA VAL C 470 28.81 28.64 -36.96
C VAL C 470 27.84 28.09 -38.01
N TYR C 471 26.54 28.18 -37.70
CA TYR C 471 25.44 27.66 -38.47
C TYR C 471 24.47 28.82 -38.75
N ALA C 472 24.19 29.05 -40.03
CA ALA C 472 23.29 30.11 -40.49
C ALA C 472 22.36 29.58 -41.56
N THR C 473 21.42 30.42 -42.01
CA THR C 473 20.33 30.17 -42.97
C THR C 473 20.61 31.01 -44.18
N GLU C 474 20.16 30.57 -45.38
CA GLU C 474 20.37 31.34 -46.60
C GLU C 474 19.85 32.78 -46.43
N ASP C 475 18.66 32.93 -45.81
CA ASP C 475 18.01 34.21 -45.54
C ASP C 475 18.71 35.04 -44.47
N GLU C 476 19.47 34.38 -43.57
CA GLU C 476 20.24 35.08 -42.53
C GLU C 476 21.47 35.65 -43.22
N ASP C 477 22.14 34.83 -44.06
CA ASP C 477 23.33 35.20 -44.85
C ASP C 477 22.98 36.33 -45.87
N LEU C 478 21.79 36.23 -46.47
CA LEU C 478 21.33 37.20 -47.44
C LEU C 478 21.16 38.57 -46.78
N ALA C 479 20.60 38.60 -45.55
CA ALA C 479 20.38 39.84 -44.78
C ALA C 479 21.73 40.49 -44.52
N VAL C 480 22.72 39.68 -44.10
CA VAL C 480 24.09 40.11 -43.84
C VAL C 480 24.65 40.79 -45.11
N GLU C 481 24.51 40.14 -46.28
CA GLU C 481 25.03 40.70 -47.55
C GLU C 481 24.28 41.94 -48.01
N LEU C 482 22.94 41.87 -48.02
CA LEU C 482 22.11 43.01 -48.43
C LEU C 482 22.33 44.23 -47.56
N LEU C 483 22.61 44.03 -46.26
CA LEU C 483 22.86 45.13 -45.33
C LEU C 483 24.34 45.61 -45.37
N GLY C 484 25.18 44.90 -46.13
CA GLY C 484 26.60 45.22 -46.31
C GLY C 484 27.45 44.96 -45.08
N LEU C 485 26.98 44.03 -44.25
CA LEU C 485 27.65 43.63 -43.03
C LEU C 485 28.48 42.37 -43.30
N ASP C 486 29.33 41.96 -42.34
CA ASP C 486 30.19 40.77 -42.51
C ASP C 486 30.02 39.76 -41.38
N TRP C 487 30.22 38.47 -41.67
CA TRP C 487 30.17 37.47 -40.61
C TRP C 487 31.53 37.41 -39.89
N PRO C 488 31.56 37.37 -38.53
CA PRO C 488 32.85 37.25 -37.82
C PRO C 488 33.63 35.98 -38.14
N ASP C 489 34.93 36.01 -37.87
CA ASP C 489 35.81 34.85 -38.09
C ASP C 489 35.78 33.98 -36.83
N PRO C 490 36.20 32.68 -36.89
CA PRO C 490 36.20 31.87 -35.66
C PRO C 490 36.96 32.56 -34.52
N GLY C 491 36.29 32.61 -33.35
CA GLY C 491 36.77 33.28 -32.15
C GLY C 491 37.42 32.44 -31.07
N ASN C 492 37.57 31.13 -31.31
CA ASN C 492 38.21 30.23 -30.34
C ASN C 492 38.94 29.10 -31.01
N GLN C 493 39.89 28.44 -30.28
CA GLN C 493 40.66 27.30 -30.80
C GLN C 493 39.83 26.23 -31.49
N GLY C 494 38.71 25.87 -30.84
CA GLY C 494 37.76 24.89 -31.33
C GLY C 494 37.27 25.23 -32.72
N THR C 495 36.65 26.41 -32.87
CA THR C 495 36.10 26.83 -34.17
C THR C 495 37.16 27.05 -35.20
N VAL C 496 38.33 27.56 -34.75
CA VAL C 496 39.50 27.84 -35.60
C VAL C 496 40.01 26.52 -36.21
N GLU C 497 40.27 25.51 -35.38
CA GLU C 497 40.76 24.20 -35.84
C GLU C 497 39.76 23.51 -36.77
N ALA C 498 38.45 23.58 -36.46
CA ALA C 498 37.37 23.01 -37.29
C ALA C 498 37.47 23.61 -38.70
N GLY C 499 37.70 24.93 -38.78
CA GLY C 499 37.90 25.64 -40.05
C GLY C 499 39.19 25.23 -40.77
N ARG C 500 40.32 25.05 -40.02
CA ARG C 500 41.61 24.61 -40.57
C ARG C 500 41.43 23.22 -41.18
N ALA C 501 40.71 22.33 -40.45
CA ALA C 501 40.43 20.97 -40.89
C ALA C 501 39.61 20.97 -42.16
N LEU C 502 38.61 21.89 -42.27
CA LEU C 502 37.73 22.02 -43.43
C LEU C 502 38.52 22.51 -44.67
N LYS C 503 39.38 23.53 -44.49
CA LYS C 503 40.22 24.10 -45.54
C LYS C 503 41.07 22.97 -46.14
N GLN C 504 41.66 22.16 -45.25
CA GLN C 504 42.51 21.04 -45.57
C GLN C 504 41.83 19.99 -46.46
N VAL C 505 40.58 19.64 -46.17
CA VAL C 505 39.83 18.66 -46.97
C VAL C 505 39.56 19.19 -48.37
N VAL C 506 39.02 20.44 -48.48
CA VAL C 506 38.69 21.06 -49.77
C VAL C 506 39.95 21.16 -50.65
N GLY C 507 41.10 21.25 -49.99
CA GLY C 507 42.41 21.28 -50.62
C GLY C 507 42.76 19.94 -51.27
N LEU C 508 42.71 18.84 -50.48
CA LEU C 508 42.99 17.47 -50.97
C LEU C 508 41.90 16.87 -51.89
N SER C 509 40.85 17.68 -52.20
CA SER C 509 39.70 17.41 -53.06
C SER C 509 39.98 17.89 -54.51
N THR C 510 40.55 18.99 -54.69
N ASP D 30 25.42 3.62 20.55
CA ASP D 30 26.01 3.10 19.32
C ASP D 30 26.89 1.87 19.59
N LEU D 31 27.54 1.35 18.52
CA LEU D 31 28.43 0.18 18.56
C LEU D 31 29.81 0.55 19.03
N THR D 32 30.34 1.70 18.55
CA THR D 32 31.67 2.21 18.93
C THR D 32 31.78 2.40 20.44
N GLU D 33 30.70 2.89 21.09
CA GLU D 33 30.63 3.13 22.53
C GLU D 33 30.66 1.84 23.32
N MSE D 34 29.94 0.83 22.81
CA MSE D 34 29.88 -0.50 23.40
C MSE D 34 31.26 -1.14 23.35
O MSE D 34 31.73 -1.68 24.36
CB MSE D 34 28.91 -1.34 22.58
CG MSE D 34 28.16 -2.36 23.39
SE MSE D 34 27.11 -3.42 22.11
CE MSE D 34 26.03 -1.93 21.20
N VAL D 35 31.95 -1.02 22.20
CA VAL D 35 33.30 -1.54 22.03
C VAL D 35 34.24 -0.86 23.03
N LYS D 36 34.17 0.49 23.14
CA LYS D 36 34.96 1.26 24.10
C LYS D 36 34.72 0.74 25.51
N LYS D 37 33.47 0.45 25.87
CA LYS D 37 33.10 -0.05 27.19
C LYS D 37 33.65 -1.46 27.46
N ILE D 38 33.51 -2.39 26.49
CA ILE D 38 34.03 -3.75 26.61
C ILE D 38 35.57 -3.71 26.63
N THR D 39 36.20 -2.94 25.73
CA THR D 39 37.66 -2.87 25.63
C THR D 39 38.37 -2.30 26.84
N THR D 40 37.66 -1.50 27.64
CA THR D 40 38.21 -0.93 28.87
C THR D 40 37.98 -1.79 30.15
N MSE D 41 37.21 -2.91 30.06
CA MSE D 41 36.94 -3.82 31.17
C MSE D 41 38.23 -4.32 31.82
O MSE D 41 39.20 -4.65 31.12
CB MSE D 41 36.19 -5.05 30.69
CG MSE D 41 34.75 -4.84 30.35
SE MSE D 41 34.06 -6.47 29.46
CE MSE D 41 34.07 -7.69 30.98
N ASN D 42 38.22 -4.42 33.16
CA ASN D 42 39.34 -4.97 33.90
C ASN D 42 39.09 -6.46 34.14
N ARG D 43 40.15 -7.23 34.46
CA ARG D 43 39.97 -8.66 34.75
C ARG D 43 39.01 -8.76 35.94
N GLY D 44 38.12 -9.74 35.90
CA GLY D 44 37.14 -9.94 36.95
C GLY D 44 35.83 -9.28 36.69
N GLU D 45 35.72 -8.53 35.57
CA GLU D 45 34.46 -7.84 35.22
C GLU D 45 33.60 -8.73 34.30
N PHE D 46 32.30 -8.47 34.32
CA PHE D 46 31.33 -9.17 33.50
C PHE D 46 30.44 -8.10 32.89
N ARG D 47 29.94 -8.33 31.66
CA ARG D 47 29.03 -7.39 31.01
C ARG D 47 28.01 -8.18 30.28
N GLN D 48 26.76 -7.69 30.27
CA GLN D 48 25.65 -8.32 29.55
C GLN D 48 25.28 -7.39 28.43
N ILE D 49 25.21 -7.90 27.20
CA ILE D 49 24.89 -7.09 26.01
C ILE D 49 23.62 -7.62 25.38
N THR D 50 22.70 -6.72 25.04
CA THR D 50 21.45 -7.05 24.33
C THR D 50 21.48 -6.19 23.07
N LEU D 51 21.78 -6.83 21.92
CA LEU D 51 21.96 -6.11 20.67
C LEU D 51 20.79 -5.42 20.00
N ALA D 52 19.72 -6.17 19.65
CA ALA D 52 18.53 -5.64 18.95
C ALA D 52 18.77 -5.18 17.51
N GLY D 56 23.53 -3.58 14.42
CA GLY D 56 24.65 -4.42 14.80
C GLY D 56 24.33 -5.90 14.86
N LYS D 57 25.37 -6.77 14.99
CA LYS D 57 25.23 -8.23 15.07
C LYS D 57 26.25 -8.81 16.04
N THR D 58 25.91 -9.93 16.74
CA THR D 58 26.79 -10.61 17.71
C THR D 58 27.99 -11.29 17.00
N THR D 59 27.97 -11.26 15.66
CA THR D 59 29.00 -11.78 14.74
C THR D 59 30.13 -10.74 14.67
N GLU D 60 29.74 -9.44 14.46
CA GLU D 60 30.59 -8.24 14.35
C GLU D 60 31.10 -7.65 15.67
N LEU D 61 30.47 -7.95 16.82
CA LEU D 61 30.95 -7.40 18.10
C LEU D 61 32.35 -7.94 18.42
N PRO D 62 32.59 -9.28 18.50
CA PRO D 62 33.97 -9.77 18.77
C PRO D 62 34.99 -9.27 17.74
N ARG D 63 34.58 -9.16 16.45
CA ARG D 63 35.42 -8.65 15.37
C ARG D 63 35.90 -7.24 15.71
N SER D 64 34.95 -6.36 16.09
CA SER D 64 35.23 -4.97 16.44
C SER D 64 36.15 -4.90 17.66
N VAL D 65 35.90 -5.77 18.66
CA VAL D 65 36.67 -5.83 19.89
C VAL D 65 38.10 -6.23 19.58
N ILE D 66 38.29 -7.30 18.77
CA ILE D 66 39.64 -7.74 18.41
C ILE D 66 40.42 -6.70 17.60
N GLU D 67 39.76 -5.98 16.68
CA GLU D 67 40.43 -4.93 15.90
C GLU D 67 40.91 -3.82 16.82
N GLU D 68 40.14 -3.56 17.90
CA GLU D 68 40.45 -2.53 18.86
C GLU D 68 41.59 -2.96 19.80
N ILE D 69 41.50 -4.16 20.38
CA ILE D 69 42.51 -4.64 21.31
C ILE D 69 43.84 -5.05 20.66
N GLY D 70 43.75 -5.53 19.42
CA GLY D 70 44.88 -5.99 18.64
C GLY D 70 44.66 -7.40 18.12
N ARG D 71 44.93 -7.60 16.82
CA ARG D 71 44.74 -8.83 16.05
C ARG D 71 45.38 -10.07 16.63
N HIS D 72 46.50 -9.88 17.35
CA HIS D 72 47.29 -10.93 17.99
C HIS D 72 46.66 -11.50 19.27
N LYS D 73 45.84 -10.68 19.96
CA LYS D 73 45.24 -11.03 21.26
C LYS D 73 44.26 -12.17 21.07
N ARG D 74 44.14 -13.09 22.05
CA ARG D 74 43.21 -14.23 21.96
C ARG D 74 41.81 -13.82 22.42
N VAL D 75 40.77 -14.12 21.62
CA VAL D 75 39.37 -13.81 21.97
C VAL D 75 38.52 -15.07 21.79
N LEU D 76 37.75 -15.45 22.82
CA LEU D 76 36.92 -16.65 22.75
C LEU D 76 35.43 -16.32 22.61
N VAL D 77 34.76 -17.03 21.70
CA VAL D 77 33.32 -16.90 21.46
C VAL D 77 32.72 -18.31 21.60
N LEU D 78 31.95 -18.50 22.68
CA LEU D 78 31.35 -19.78 22.97
C LEU D 78 29.97 -19.85 22.39
N ILE D 79 29.71 -20.88 21.56
CA ILE D 79 28.46 -21.09 20.85
C ILE D 79 27.78 -22.43 21.29
N PRO D 80 26.46 -22.46 21.53
CA PRO D 80 25.83 -23.72 21.95
C PRO D 80 26.02 -24.89 20.98
N LEU D 81 25.61 -24.76 19.71
CA LEU D 81 25.74 -25.84 18.74
C LEU D 81 27.09 -25.94 18.05
N ARG D 82 27.57 -27.18 17.87
CA ARG D 82 28.83 -27.48 17.18
C ARG D 82 28.77 -27.02 15.72
N ALA D 83 27.63 -27.29 15.06
CA ALA D 83 27.38 -26.94 13.67
C ALA D 83 27.27 -25.43 13.50
N ALA D 84 26.73 -24.74 14.52
CA ALA D 84 26.57 -23.30 14.52
C ALA D 84 27.95 -22.66 14.60
N ALA D 85 28.83 -23.20 15.48
CA ALA D 85 30.21 -22.75 15.67
C ALA D 85 30.99 -22.90 14.35
N GLU D 86 30.77 -24.02 13.65
CA GLU D 86 31.41 -24.30 12.37
C GLU D 86 30.97 -23.26 11.33
N SER D 87 29.66 -23.03 11.19
CA SER D 87 29.05 -22.08 10.27
C SER D 87 29.65 -20.66 10.44
N VAL D 88 29.70 -20.14 11.68
CA VAL D 88 30.28 -18.82 11.95
C VAL D 88 31.74 -18.80 11.49
N TYR D 89 32.55 -19.77 11.96
CA TYR D 89 33.98 -19.89 11.63
C TYR D 89 34.19 -19.79 10.12
N GLN D 90 33.40 -20.56 9.36
CA GLN D 90 33.45 -20.60 7.89
C GLN D 90 33.15 -19.24 7.25
N TYR D 91 32.06 -18.59 7.73
CA TYR D 91 31.58 -17.29 7.27
C TYR D 91 32.58 -16.17 7.57
N MSE D 92 33.01 -16.10 8.83
CA MSE D 92 33.93 -15.09 9.34
C MSE D 92 35.30 -15.10 8.71
O MSE D 92 35.79 -14.03 8.35
CB MSE D 92 34.00 -15.07 10.86
CG MSE D 92 32.67 -14.65 11.48
SE MSE D 92 32.22 -12.73 11.36
CE MSE D 92 32.42 -12.32 9.61
N ARG D 93 35.90 -16.30 8.54
CA ARG D 93 37.21 -16.37 7.92
C ARG D 93 37.22 -15.86 6.48
N GLN D 94 36.10 -16.07 5.75
CA GLN D 94 35.93 -15.59 4.38
C GLN D 94 35.73 -14.07 4.38
N LYS D 95 34.78 -13.55 5.17
CA LYS D 95 34.46 -12.12 5.26
C LYS D 95 35.63 -11.24 5.80
N HIS D 96 36.42 -11.74 6.76
CA HIS D 96 37.52 -11.00 7.38
C HIS D 96 38.88 -11.71 7.21
N PRO D 97 39.56 -11.53 6.04
CA PRO D 97 40.83 -12.25 5.82
C PRO D 97 41.97 -11.68 6.64
N SER D 98 41.81 -10.42 7.08
CA SER D 98 42.74 -9.66 7.89
C SER D 98 42.85 -10.22 9.33
N ILE D 99 41.82 -10.95 9.79
CA ILE D 99 41.76 -11.50 11.14
C ILE D 99 41.90 -13.02 11.12
N ALA D 100 42.57 -13.57 12.15
CA ALA D 100 42.76 -15.00 12.32
C ALA D 100 41.54 -15.64 13.04
N PHE D 101 41.10 -16.82 12.53
CA PHE D 101 39.95 -17.53 13.11
C PHE D 101 40.31 -18.97 13.39
N ASN D 102 39.77 -19.48 14.49
CA ASN D 102 40.00 -20.85 14.95
C ASN D 102 38.69 -21.50 15.31
N LEU D 103 38.57 -22.81 14.99
CA LEU D 103 37.39 -23.60 15.32
C LEU D 103 37.74 -24.68 16.35
N ARG D 104 36.99 -24.75 17.46
CA ARG D 104 37.21 -25.74 18.52
C ARG D 104 35.91 -26.50 18.87
N ILE D 105 35.61 -27.57 18.11
CA ILE D 105 34.40 -28.40 18.27
C ILE D 105 34.68 -29.90 18.40
N GLY D 106 35.95 -30.28 18.24
CA GLY D 106 36.36 -31.67 18.32
C GLY D 106 37.22 -31.96 19.52
N GLU D 107 38.29 -32.75 19.31
CA GLU D 107 39.24 -33.15 20.35
C GLU D 107 40.05 -31.94 20.82
N MSE D 108 40.49 -32.00 22.09
CA MSE D 108 41.25 -30.96 22.79
C MSE D 108 42.56 -30.65 22.09
O MSE D 108 43.35 -31.57 21.87
CB MSE D 108 41.56 -31.44 24.21
CG MSE D 108 40.98 -30.60 25.29
SE MSE D 108 41.70 -31.25 26.99
CE MSE D 108 40.63 -32.91 27.27
N LYS D 109 42.80 -29.37 21.75
CA LYS D 109 44.06 -28.95 21.16
C LYS D 109 45.01 -28.70 22.35
N GLU D 110 46.04 -29.54 22.49
CA GLU D 110 46.97 -29.42 23.61
C GLU D 110 47.91 -28.24 23.44
N GLY D 111 47.97 -27.40 24.47
CA GLY D 111 48.77 -26.19 24.49
C GLY D 111 48.32 -25.15 23.46
N ASP D 112 47.01 -25.14 23.14
CA ASP D 112 46.41 -24.21 22.17
C ASP D 112 46.69 -22.77 22.57
N MSE D 113 47.40 -22.04 21.70
CA MSE D 113 47.76 -20.64 21.91
C MSE D 113 47.40 -19.79 20.68
O MSE D 113 47.97 -18.72 20.48
CB MSE D 113 49.26 -20.52 22.26
CG MSE D 113 49.59 -20.89 23.70
SE MSE D 113 48.58 -19.90 25.08
CE MSE D 113 49.60 -20.50 26.72
N ALA D 114 46.42 -20.26 19.88
CA ALA D 114 45.94 -19.65 18.64
C ALA D 114 45.47 -18.18 18.80
N THR D 115 46.05 -17.27 17.99
CA THR D 115 45.87 -15.83 18.04
C THR D 115 44.57 -15.08 17.74
N GLY D 116 43.75 -15.52 16.82
CA GLY D 116 42.58 -14.70 16.53
C GLY D 116 41.36 -14.91 17.39
N ILE D 117 40.18 -14.87 16.74
CA ILE D 117 38.91 -15.15 17.39
C ILE D 117 38.77 -16.68 17.35
N THR D 118 38.55 -17.31 18.49
CA THR D 118 38.34 -18.76 18.57
C THR D 118 36.86 -19.00 18.79
N TYR D 119 36.23 -19.71 17.85
CA TYR D 119 34.83 -20.09 17.90
C TYR D 119 34.79 -21.53 18.42
N ALA D 120 34.21 -21.72 19.60
CA ALA D 120 34.14 -23.04 20.21
C ALA D 120 32.75 -23.36 20.72
N SER D 121 32.46 -24.65 20.84
CA SER D 121 31.22 -25.15 21.43
C SER D 121 31.51 -25.23 22.94
N TYR D 122 30.46 -25.19 23.79
CA TYR D 122 30.70 -25.30 25.24
C TYR D 122 31.16 -26.71 25.57
N GLY D 123 30.64 -27.70 24.84
CA GLY D 123 31.00 -29.11 24.98
C GLY D 123 32.47 -29.38 24.77
N TYR D 124 33.16 -28.51 23.98
CA TYR D 124 34.59 -28.61 23.76
C TYR D 124 35.33 -28.47 25.11
N PHE D 125 34.92 -27.51 25.93
CA PHE D 125 35.54 -27.27 27.24
C PHE D 125 35.10 -28.25 28.31
N CYS D 126 34.01 -29.01 28.07
CA CYS D 126 33.53 -30.01 29.03
C CYS D 126 34.48 -31.21 29.17
N GLN D 127 35.34 -31.44 28.15
CA GLN D 127 36.35 -32.50 28.09
C GLN D 127 37.48 -32.28 29.14
N MSE D 128 37.74 -31.01 29.49
CA MSE D 128 38.81 -30.62 30.40
C MSE D 128 38.47 -30.61 31.89
O MSE D 128 37.36 -30.21 32.30
CB MSE D 128 39.31 -29.21 30.07
CG MSE D 128 39.28 -28.87 28.62
SE MSE D 128 40.28 -27.24 28.40
CE MSE D 128 40.15 -27.13 26.44
N SER D 129 39.48 -30.97 32.70
CA SER D 129 39.47 -30.92 34.16
C SER D 129 39.44 -29.44 34.58
N GLN D 130 38.86 -29.14 35.76
CA GLN D 130 38.76 -27.78 36.29
C GLN D 130 40.10 -27.01 36.23
N PRO D 131 41.26 -27.58 36.70
CA PRO D 131 42.55 -26.90 36.51
C PRO D 131 42.89 -26.59 35.04
N LYS D 132 42.76 -27.61 34.15
CA LYS D 132 43.01 -27.49 32.71
C LYS D 132 42.14 -26.41 32.11
N LEU D 133 40.83 -26.42 32.47
CA LEU D 133 39.84 -25.46 31.98
C LEU D 133 40.25 -24.03 32.33
N ARG D 134 40.63 -23.82 33.61
CA ARG D 134 41.06 -22.52 34.10
C ARG D 134 42.26 -22.04 33.35
N ALA D 135 43.27 -22.92 33.22
CA ALA D 135 44.51 -22.65 32.51
C ALA D 135 44.18 -22.16 31.06
N ALA D 136 43.20 -22.83 30.40
CA ALA D 136 42.81 -22.51 29.04
C ALA D 136 42.11 -21.18 28.95
N MSE D 137 41.09 -21.01 29.80
CA MSE D 137 40.25 -19.82 29.88
C MSE D 137 41.02 -18.54 30.16
O MSE D 137 40.73 -17.53 29.53
CB MSE D 137 39.14 -20.02 30.91
CG MSE D 137 38.08 -21.03 30.47
SE MSE D 137 37.11 -20.39 28.89
CE MSE D 137 35.70 -21.79 28.79
N VAL D 138 41.96 -18.56 31.10
CA VAL D 138 42.73 -17.36 31.47
C VAL D 138 43.56 -16.77 30.33
N GLU D 139 43.93 -17.59 29.33
CA GLU D 139 44.74 -17.16 28.19
C GLU D 139 44.01 -16.19 27.23
N TYR D 140 42.66 -16.29 27.14
CA TYR D 140 41.86 -15.38 26.32
C TYR D 140 41.73 -14.04 27.02
N SER D 141 41.74 -12.93 26.24
CA SER D 141 41.58 -11.56 26.75
C SER D 141 40.10 -11.29 27.06
N PHE D 142 39.21 -11.81 26.22
CA PHE D 142 37.76 -11.70 26.34
C PHE D 142 37.12 -13.02 26.04
N ILE D 143 36.05 -13.32 26.77
CA ILE D 143 35.23 -14.51 26.60
C ILE D 143 33.81 -14.05 26.34
N PHE D 144 33.29 -14.41 25.17
CA PHE D 144 31.94 -14.06 24.78
C PHE D 144 31.05 -15.26 24.91
N LEU D 145 29.93 -15.08 25.62
CA LEU D 145 28.94 -16.14 25.81
C LEU D 145 27.84 -15.82 24.86
N ASP D 146 27.78 -16.56 23.77
CA ASP D 146 26.72 -16.33 22.79
C ASP D 146 25.47 -17.17 23.13
N GLU D 147 24.32 -16.57 22.87
CA GLU D 147 22.99 -17.16 23.06
C GLU D 147 22.78 -17.90 24.41
N TYR D 148 23.15 -17.26 25.51
CA TYR D 148 22.97 -17.84 26.85
C TYR D 148 21.50 -18.25 27.19
N HIS D 149 20.53 -17.82 26.39
CA HIS D 149 19.12 -18.17 26.60
C HIS D 149 18.77 -19.60 26.19
N CYS D 150 19.68 -20.29 25.50
CA CYS D 150 19.48 -21.68 25.06
C CYS D 150 19.54 -22.64 26.21
N ALA D 151 20.38 -22.29 27.20
CA ALA D 151 20.61 -23.00 28.47
C ALA D 151 20.74 -24.55 28.30
N THR D 152 21.71 -24.99 27.47
CA THR D 152 22.00 -26.41 27.27
C THR D 152 22.78 -26.95 28.52
N PRO D 153 22.80 -28.28 28.82
CA PRO D 153 23.54 -28.73 30.02
C PRO D 153 25.03 -28.37 30.00
N GLU D 154 25.69 -28.42 28.81
CA GLU D 154 27.12 -28.08 28.64
C GLU D 154 27.29 -26.59 28.88
N GLN D 155 26.35 -25.79 28.38
CA GLN D 155 26.34 -24.33 28.55
C GLN D 155 26.27 -23.97 30.04
N LEU D 156 25.28 -24.53 30.75
CA LEU D 156 25.06 -24.33 32.20
C LEU D 156 26.23 -24.78 33.04
N ALA D 157 26.86 -25.92 32.67
CA ALA D 157 28.05 -26.43 33.36
C ALA D 157 29.22 -25.51 33.13
N ILE D 158 29.53 -25.12 31.89
CA ILE D 158 30.66 -24.18 31.65
C ILE D 158 30.47 -22.81 32.31
N MSE D 159 29.28 -22.25 32.24
CA MSE D 159 29.03 -20.95 32.90
C MSE D 159 29.29 -21.03 34.39
O MSE D 159 29.99 -20.18 34.93
CB MSE D 159 27.62 -20.46 32.61
CG MSE D 159 27.48 -19.91 31.23
SE MSE D 159 25.60 -19.63 30.92
CE MSE D 159 25.78 -19.49 29.04
N GLY D 160 28.77 -22.09 35.02
CA GLY D 160 28.96 -22.35 36.44
C GLY D 160 30.41 -22.58 36.78
N LYS D 161 31.11 -23.37 35.95
CA LYS D 161 32.53 -23.72 36.13
C LYS D 161 33.48 -22.54 35.95
N ILE D 162 33.31 -21.75 34.88
CA ILE D 162 34.20 -20.60 34.62
C ILE D 162 33.99 -19.51 35.64
N HIS D 163 32.72 -19.37 36.11
CA HIS D 163 32.40 -18.36 37.11
C HIS D 163 33.20 -18.59 38.38
N ARG D 164 33.63 -19.83 38.62
CA ARG D 164 34.38 -20.18 39.81
C ARG D 164 35.67 -19.36 39.87
N PHE D 165 36.26 -19.03 38.70
CA PHE D 165 37.50 -18.27 38.59
C PHE D 165 37.25 -17.05 37.74
N SER D 166 36.06 -16.45 37.90
CA SER D 166 35.62 -15.26 37.18
C SER D 166 36.51 -14.02 37.44
N GLU D 167 37.19 -13.98 38.60
CA GLU D 167 38.14 -12.93 39.00
C GLU D 167 39.24 -12.76 37.99
N ASN D 168 39.52 -13.83 37.24
CA ASN D 168 40.58 -13.92 36.25
C ASN D 168 40.10 -13.72 34.82
N LEU D 169 38.82 -13.47 34.60
CA LEU D 169 38.33 -13.35 33.25
C LEU D 169 37.64 -12.05 32.97
N ARG D 170 37.40 -11.75 31.66
CA ARG D 170 36.60 -10.62 31.18
C ARG D 170 35.50 -11.33 30.40
N VAL D 171 34.30 -11.43 31.00
CA VAL D 171 33.22 -12.18 30.37
C VAL D 171 32.14 -11.24 29.84
N VAL D 172 31.67 -11.50 28.62
CA VAL D 172 30.59 -10.71 28.02
C VAL D 172 29.49 -11.68 27.58
N ALA D 173 28.29 -11.57 28.18
CA ALA D 173 27.17 -12.42 27.79
C ALA D 173 26.31 -11.64 26.81
N MSE D 174 26.09 -12.24 25.63
CA MSE D 174 25.33 -11.64 24.53
C MSE D 174 24.04 -12.35 24.21
O MSE D 174 23.98 -13.60 24.29
CB MSE D 174 26.18 -11.67 23.27
CG MSE D 174 27.43 -10.84 23.35
SE MSE D 174 28.30 -10.92 21.63
CE MSE D 174 28.67 -12.94 21.55
N THR D 175 23.05 -11.57 23.75
CA THR D 175 21.72 -11.94 23.22
C THR D 175 21.28 -10.97 22.15
N ALA D 176 20.53 -11.52 21.19
CA ALA D 176 19.89 -10.80 20.10
C ALA D 176 18.40 -10.82 20.43
N THR D 177 17.71 -9.68 20.26
CA THR D 177 16.27 -9.56 20.55
C THR D 177 15.30 -10.50 19.77
N PRO D 178 15.23 -10.49 18.40
CA PRO D 178 14.27 -11.38 17.72
C PRO D 178 14.85 -12.74 17.31
N THR D 185 22.46 -16.57 9.93
CA THR D 185 22.55 -17.92 10.51
C THR D 185 23.30 -18.91 9.57
N GLY D 186 22.99 -20.20 9.71
CA GLY D 186 23.51 -21.30 8.89
C GLY D 186 22.51 -21.62 7.78
N GLN D 187 22.12 -20.56 7.05
CA GLN D 187 21.13 -20.52 5.96
C GLN D 187 21.77 -19.73 4.79
N LYS D 188 21.65 -20.27 3.56
CA LYS D 188 22.25 -19.76 2.32
C LYS D 188 21.24 -19.29 1.25
N HIS D 189 19.96 -19.61 1.43
CA HIS D 189 18.89 -19.27 0.49
C HIS D 189 17.72 -18.60 1.19
N PRO D 190 16.89 -17.80 0.49
CA PRO D 190 15.77 -17.15 1.17
C PRO D 190 14.70 -18.14 1.66
N ILE D 191 14.13 -17.86 2.84
CA ILE D 191 13.04 -18.64 3.40
C ILE D 191 11.82 -17.75 3.44
N GLU D 192 10.74 -18.21 2.81
CA GLU D 192 9.44 -17.55 2.79
C GLU D 192 8.71 -17.94 4.09
N GLU D 193 8.27 -16.93 4.85
CA GLU D 193 7.57 -17.17 6.10
C GLU D 193 6.05 -16.94 6.00
N PHE D 194 5.27 -17.88 6.57
CA PHE D 194 3.81 -17.84 6.58
C PHE D 194 3.23 -18.14 7.94
N ILE D 195 2.07 -17.53 8.25
CA ILE D 195 1.29 -17.84 9.44
C ILE D 195 0.11 -18.65 8.95
N ALA D 196 0.09 -19.95 9.27
CA ALA D 196 -1.00 -20.82 8.87
C ALA D 196 -2.17 -20.65 9.83
N PRO D 197 -3.40 -20.44 9.30
CA PRO D 197 -4.55 -20.33 10.22
C PRO D 197 -4.92 -21.71 10.79
N GLU D 198 -5.59 -21.70 11.94
CA GLU D 198 -6.03 -22.91 12.59
C GLU D 198 -7.30 -23.44 11.90
N VAL D 199 -7.38 -24.77 11.68
CA VAL D 199 -8.53 -25.42 11.06
C VAL D 199 -9.65 -25.57 12.08
N MSE D 200 -10.84 -25.13 11.70
CA MSE D 200 -12.04 -25.13 12.55
C MSE D 200 -12.77 -26.47 12.53
O MSE D 200 -13.14 -26.93 11.44
CB MSE D 200 -12.99 -24.00 12.11
CG MSE D 200 -12.33 -22.62 12.09
SE MSE D 200 -11.98 -21.97 13.91
CE MSE D 200 -13.86 -21.33 14.26
N LYS D 201 -13.02 -27.09 13.71
CA LYS D 201 -13.76 -28.36 13.79
C LYS D 201 -15.13 -28.14 13.14
N GLY D 202 -15.26 -28.61 11.90
CA GLY D 202 -16.50 -28.45 11.12
C GLY D 202 -16.44 -27.39 10.02
N GLU D 203 -15.36 -27.40 9.22
CA GLU D 203 -15.21 -26.50 8.07
C GLU D 203 -14.61 -27.23 6.86
N ASP D 204 -15.22 -27.03 5.68
CA ASP D 204 -14.77 -27.61 4.41
C ASP D 204 -13.49 -26.85 4.05
N LEU D 205 -12.47 -27.58 3.57
CA LEU D 205 -11.24 -26.92 3.14
C LEU D 205 -11.21 -26.84 1.60
N GLY D 206 -11.93 -27.77 0.98
CA GLY D 206 -12.20 -27.85 -0.46
C GLY D 206 -11.09 -27.75 -1.49
N SER D 207 -10.25 -28.82 -1.59
CA SER D 207 -9.18 -29.00 -2.58
C SER D 207 -8.12 -27.91 -2.72
N GLU D 208 -8.16 -26.86 -1.87
CA GLU D 208 -7.17 -25.80 -1.96
C GLU D 208 -6.25 -25.88 -0.75
N TYR D 209 -6.81 -26.30 0.39
CA TYR D 209 -6.11 -26.45 1.66
C TYR D 209 -6.35 -27.83 2.27
N LEU D 210 -5.43 -28.26 3.12
CA LEU D 210 -5.55 -29.52 3.84
C LEU D 210 -5.10 -29.35 5.28
N ASP D 211 -5.65 -30.17 6.22
CA ASP D 211 -5.32 -30.12 7.64
C ASP D 211 -3.95 -30.75 7.94
N ILE D 212 -2.98 -29.92 8.34
CA ILE D 212 -1.67 -30.42 8.74
C ILE D 212 -1.51 -30.10 10.21
N ALA D 213 -1.78 -31.10 11.07
CA ALA D 213 -1.72 -31.02 12.53
C ALA D 213 -2.50 -29.80 13.12
N GLY D 214 -3.72 -29.62 12.61
CA GLY D 214 -4.61 -28.54 13.03
C GLY D 214 -4.43 -27.22 12.31
N LEU D 215 -3.44 -27.14 11.40
CA LEU D 215 -3.16 -25.92 10.61
C LEU D 215 -3.59 -26.09 9.16
N LYS D 216 -4.10 -24.99 8.58
CA LYS D 216 -4.62 -24.90 7.22
C LYS D 216 -3.47 -24.60 6.24
N ILE D 217 -3.03 -25.62 5.49
CA ILE D 217 -1.92 -25.53 4.55
C ILE D 217 -2.34 -25.65 3.09
N PRO D 218 -1.86 -24.77 2.18
CA PRO D 218 -2.19 -24.91 0.76
C PRO D 218 -1.76 -26.25 0.17
N VAL D 219 -2.72 -27.04 -0.40
CA VAL D 219 -2.47 -28.40 -0.96
C VAL D 219 -1.27 -28.48 -1.91
N GLU D 220 -1.02 -27.40 -2.66
CA GLU D 220 0.10 -27.28 -3.60
C GLU D 220 1.43 -27.59 -2.91
N GLU D 221 1.47 -27.44 -1.58
CA GLU D 221 2.65 -27.70 -0.79
C GLU D 221 3.01 -29.20 -0.71
N MSE D 222 2.02 -30.09 -0.99
CA MSE D 222 2.20 -31.56 -0.99
C MSE D 222 3.00 -32.08 -2.19
O MSE D 222 3.20 -33.29 -2.33
CB MSE D 222 0.85 -32.29 -0.88
CG MSE D 222 0.05 -31.94 0.38
SE MSE D 222 1.06 -31.87 2.06
CE MSE D 222 1.56 -33.75 2.30
N LYS D 223 3.46 -31.17 -3.06
CA LYS D 223 4.30 -31.47 -4.21
C LYS D 223 5.78 -31.39 -3.78
N ASN D 224 6.00 -30.88 -2.56
CA ASN D 224 7.31 -30.64 -1.97
C ASN D 224 7.63 -31.56 -0.79
N ASN D 225 8.91 -31.53 -0.35
CA ASN D 225 9.42 -32.28 0.80
C ASN D 225 9.09 -31.50 2.07
N MSE D 226 8.17 -32.07 2.85
CA MSE D 226 7.62 -31.45 4.04
C MSE D 226 8.07 -32.09 5.35
O MSE D 226 8.12 -33.32 5.47
CB MSE D 226 6.09 -31.45 3.93
CG MSE D 226 5.39 -30.85 5.12
SE MSE D 226 3.62 -30.28 4.63
CE MSE D 226 2.69 -31.66 5.28
N LEU D 227 8.36 -31.23 6.34
CA LEU D 227 8.68 -31.61 7.70
C LEU D 227 7.66 -30.93 8.61
N VAL D 228 6.96 -31.75 9.41
CA VAL D 228 5.92 -31.24 10.30
C VAL D 228 6.35 -31.45 11.71
N PHE D 229 6.43 -30.36 12.50
CA PHE D 229 6.76 -30.42 13.91
C PHE D 229 5.47 -30.46 14.73
N VAL D 230 5.26 -31.57 15.47
CA VAL D 230 4.09 -31.82 16.33
C VAL D 230 4.58 -32.04 17.78
N PRO D 231 3.79 -31.77 18.85
CA PRO D 231 4.32 -31.94 20.18
C PRO D 231 4.41 -33.40 20.64
N THR D 232 3.41 -34.24 20.31
CA THR D 232 3.35 -35.60 20.83
C THR D 232 3.63 -36.72 19.84
N ARG D 233 4.01 -37.90 20.37
CA ARG D 233 4.31 -39.13 19.62
C ARG D 233 3.02 -39.62 18.99
N ASN D 234 1.93 -39.55 19.77
CA ASN D 234 0.59 -39.97 19.36
C ASN D 234 0.07 -39.16 18.19
N MSE D 235 0.37 -37.85 18.17
CA MSE D 235 -0.04 -36.95 17.10
C MSE D 235 0.74 -37.20 15.82
O MSE D 235 0.15 -37.17 14.75
CB MSE D 235 0.15 -35.49 17.52
CG MSE D 235 -1.01 -34.93 18.30
SE MSE D 235 -0.73 -33.03 18.64
CE MSE D 235 -1.21 -32.23 16.80
N ALA D 236 2.07 -37.48 15.93
CA ALA D 236 2.95 -37.78 14.81
C ALA D 236 2.48 -39.04 14.10
N VAL D 237 2.07 -40.06 14.87
CA VAL D 237 1.55 -41.33 14.34
C VAL D 237 0.18 -41.12 13.66
N GLU D 238 -0.74 -40.44 14.36
CA GLU D 238 -2.07 -40.16 13.85
C GLU D 238 -2.05 -39.25 12.60
N ALA D 239 -1.19 -38.21 12.59
CA ALA D 239 -1.04 -37.31 11.43
C ALA D 239 -0.42 -38.07 10.26
N ALA D 240 0.59 -38.92 10.51
CA ALA D 240 1.25 -39.72 9.48
C ALA D 240 0.27 -40.67 8.84
N LYS D 241 -0.41 -41.51 9.67
CA LYS D 241 -1.38 -42.48 9.16
C LYS D 241 -2.53 -41.87 8.34
N LYS D 242 -2.99 -40.68 8.72
CA LYS D 242 -4.05 -39.96 7.99
C LYS D 242 -3.57 -39.48 6.61
N LEU D 243 -2.33 -38.92 6.54
CA LEU D 243 -1.70 -38.46 5.29
C LEU D 243 -1.40 -39.63 4.33
N LYS D 244 -1.05 -40.81 4.89
CA LYS D 244 -0.79 -42.03 4.11
C LYS D 244 -2.09 -42.50 3.44
N ALA D 245 -3.22 -42.40 4.19
CA ALA D 245 -4.57 -42.75 3.76
C ALA D 245 -5.09 -41.79 2.66
N LYS D 246 -4.55 -40.54 2.64
CA LYS D 246 -4.87 -39.51 1.65
C LYS D 246 -4.03 -39.69 0.37
N GLY D 247 -3.07 -40.62 0.40
CA GLY D 247 -2.19 -40.95 -0.72
C GLY D 247 -0.75 -40.46 -0.61
N TYR D 248 -0.48 -39.52 0.31
CA TYR D 248 0.86 -38.93 0.51
C TYR D 248 1.93 -39.91 1.05
N ASN D 249 3.20 -39.69 0.68
CA ASN D 249 4.33 -40.52 1.14
C ASN D 249 4.71 -39.98 2.52
N SER D 250 3.98 -40.46 3.55
CA SER D 250 4.17 -40.00 4.92
C SER D 250 4.91 -41.00 5.80
N GLY D 251 5.59 -40.44 6.80
CA GLY D 251 6.35 -41.15 7.80
C GLY D 251 6.36 -40.34 9.08
N TYR D 252 6.67 -40.98 10.19
CA TYR D 252 6.73 -40.29 11.48
C TYR D 252 8.05 -40.52 12.20
N TYR D 253 8.30 -39.75 13.27
CA TYR D 253 9.51 -39.87 14.09
C TYR D 253 9.24 -39.35 15.50
N TYR D 254 9.55 -40.18 16.52
CA TYR D 254 9.40 -39.78 17.93
C TYR D 254 10.61 -40.18 18.80
N SER D 255 10.46 -40.15 20.15
CA SER D 255 11.52 -40.50 21.10
C SER D 255 11.92 -41.99 21.07
N GLY D 256 11.06 -42.83 20.47
CA GLY D 256 11.29 -44.27 20.29
C GLY D 256 12.52 -44.57 19.44
N GLU D 257 12.87 -43.61 18.56
CA GLU D 257 14.05 -43.53 17.68
C GLU D 257 14.02 -44.35 16.42
N ASP D 258 15.23 -44.80 16.02
CA ASP D 258 15.62 -45.54 14.84
C ASP D 258 15.32 -44.81 13.53
N PRO D 259 16.19 -43.84 13.16
CA PRO D 259 15.95 -43.04 11.94
C PRO D 259 16.00 -43.84 10.63
N SER D 260 16.57 -45.07 10.67
CA SER D 260 16.55 -46.01 9.53
C SER D 260 15.08 -46.52 9.59
N ASN D 261 14.34 -46.44 8.48
CA ASN D 261 12.91 -46.78 8.32
C ASN D 261 12.22 -45.52 7.88
N LEU D 262 12.82 -44.35 8.21
CA LEU D 262 12.37 -43.09 7.67
C LEU D 262 13.10 -42.97 6.32
N ARG D 263 14.23 -43.72 6.20
CA ARG D 263 15.06 -43.83 4.99
C ARG D 263 14.14 -44.22 3.85
N VAL D 264 13.30 -45.26 4.07
CA VAL D 264 12.33 -45.76 3.10
C VAL D 264 11.35 -44.67 2.65
N VAL D 265 11.00 -43.73 3.55
CA VAL D 265 10.13 -42.61 3.20
C VAL D 265 10.92 -41.53 2.45
N THR D 266 11.98 -40.98 3.10
CA THR D 266 12.85 -39.91 2.58
C THR D 266 13.59 -40.22 1.27
N SER D 267 13.76 -41.52 0.92
CA SER D 267 14.42 -41.94 -0.32
C SER D 267 13.60 -41.61 -1.59
N GLN D 268 12.30 -41.33 -1.42
CA GLN D 268 11.41 -40.97 -2.53
C GLN D 268 10.79 -39.61 -2.27
N SER D 269 10.78 -38.74 -3.28
CA SER D 269 10.18 -37.42 -3.18
C SER D 269 8.97 -37.25 -4.11
N PRO D 270 7.91 -36.51 -3.69
CA PRO D 270 7.77 -35.79 -2.42
C PRO D 270 7.54 -36.69 -1.22
N TYR D 271 7.99 -36.23 -0.05
CA TYR D 271 7.80 -36.90 1.23
C TYR D 271 7.27 -35.92 2.25
N VAL D 272 6.60 -36.46 3.27
CA VAL D 272 6.11 -35.71 4.41
C VAL D 272 6.48 -36.48 5.71
N VAL D 273 7.27 -35.85 6.61
CA VAL D 273 7.67 -36.46 7.88
C VAL D 273 7.07 -35.67 9.04
N VAL D 274 6.25 -36.35 9.83
CA VAL D 274 5.65 -35.75 10.99
C VAL D 274 6.52 -36.18 12.15
N ALA D 275 7.21 -35.22 12.76
CA ALA D 275 8.13 -35.48 13.85
C ALA D 275 7.80 -34.66 15.05
N THR D 276 8.38 -35.11 16.19
CA THR D 276 8.31 -34.44 17.48
C THR D 276 9.62 -33.73 17.66
N ASN D 277 9.77 -33.01 18.80
CA ASN D 277 10.98 -32.30 19.17
C ASN D 277 12.20 -33.26 19.28
N ALA D 278 11.96 -34.60 19.11
CA ALA D 278 12.90 -35.73 19.13
C ALA D 278 14.07 -35.64 18.11
N ILE D 279 14.06 -34.60 17.25
CA ILE D 279 15.11 -34.22 16.32
C ILE D 279 15.47 -32.74 16.55
N GLU D 280 16.73 -32.36 16.93
CA GLU D 280 18.04 -33.07 17.07
C GLU D 280 18.87 -33.18 15.78
N SER D 281 18.29 -32.63 14.66
CA SER D 281 18.83 -32.61 13.28
C SER D 281 19.44 -33.95 12.82
N GLY D 282 19.07 -35.02 13.53
CA GLY D 282 19.51 -36.39 13.28
C GLY D 282 18.48 -37.20 12.49
N VAL D 283 18.64 -37.31 11.16
CA VAL D 283 19.66 -36.67 10.32
C VAL D 283 18.89 -36.25 9.08
N THR D 284 19.60 -35.91 7.96
CA THR D 284 18.97 -35.54 6.68
C THR D 284 17.98 -36.66 6.26
N LEU D 285 16.70 -36.38 5.86
CA LEU D 285 16.02 -35.13 5.53
C LEU D 285 16.70 -34.30 4.41
N PRO D 286 16.98 -34.92 3.22
CA PRO D 286 17.67 -34.18 2.17
C PRO D 286 16.76 -33.37 1.27
N ASP D 287 17.28 -32.22 0.80
CA ASP D 287 16.62 -31.25 -0.08
C ASP D 287 15.20 -30.94 0.40
N LEU D 288 15.08 -30.74 1.72
CA LEU D 288 13.84 -30.41 2.40
C LEU D 288 13.40 -29.03 1.92
N ASP D 289 12.12 -28.93 1.55
CA ASP D 289 11.52 -27.73 0.98
C ASP D 289 10.71 -26.90 1.96
N VAL D 290 9.78 -27.54 2.67
CA VAL D 290 8.87 -26.85 3.56
C VAL D 290 8.78 -27.42 5.00
N VAL D 291 8.67 -26.52 5.98
CA VAL D 291 8.49 -26.83 7.39
C VAL D 291 7.10 -26.32 7.83
N VAL D 292 6.35 -27.18 8.54
CA VAL D 292 5.05 -26.83 9.13
C VAL D 292 5.26 -27.00 10.62
N ASP D 293 5.19 -25.90 11.36
CA ASP D 293 5.44 -25.88 12.78
C ASP D 293 4.20 -25.53 13.59
N THR D 294 3.76 -26.50 14.40
CA THR D 294 2.63 -26.38 15.33
C THR D 294 2.91 -25.36 16.45
N GLY D 295 4.20 -25.05 16.63
CA GLY D 295 4.73 -24.17 17.66
C GLY D 295 4.65 -24.75 19.06
N LEU D 296 4.33 -26.04 19.17
CA LEU D 296 4.21 -26.73 20.46
C LEU D 296 5.22 -27.84 20.59
N LYS D 297 5.61 -28.12 21.84
CA LYS D 297 6.57 -29.16 22.16
C LYS D 297 6.18 -29.83 23.47
N CYS D 298 6.61 -31.07 23.63
CA CYS D 298 6.47 -31.79 24.88
C CYS D 298 7.89 -31.71 25.45
N GLU D 299 8.07 -30.94 26.53
CA GLU D 299 9.40 -30.77 27.11
C GLU D 299 9.56 -31.25 28.52
N LYS D 300 10.81 -31.68 28.76
CA LYS D 300 11.40 -32.23 29.95
C LYS D 300 11.34 -31.27 31.11
N ARG D 301 10.71 -31.73 32.20
CA ARG D 301 10.51 -31.00 33.44
C ARG D 301 10.86 -31.92 34.63
N ILE D 302 11.15 -31.32 35.79
CA ILE D 302 11.48 -32.08 36.98
C ILE D 302 10.49 -31.79 38.08
N ARG D 303 10.30 -32.77 38.96
CA ARG D 303 9.41 -32.76 40.13
C ARG D 303 10.33 -33.15 41.29
N LEU D 304 10.52 -32.26 42.25
CA LEU D 304 11.35 -32.56 43.41
C LEU D 304 10.50 -32.76 44.64
N SER D 305 10.86 -33.72 45.50
CA SER D 305 10.06 -34.08 46.66
C SER D 305 10.90 -34.63 47.82
N PRO D 306 10.45 -34.49 49.08
CA PRO D 306 11.18 -35.14 50.17
C PRO D 306 10.84 -36.62 50.29
N LYS D 307 9.79 -37.09 49.59
CA LYS D 307 9.41 -38.52 49.55
C LYS D 307 10.14 -39.14 48.36
N MSE D 308 10.79 -40.27 48.57
CA MSE D 308 11.57 -40.91 47.51
C MSE D 308 10.70 -41.61 46.47
O MSE D 308 9.68 -42.20 46.85
CB MSE D 308 12.60 -41.87 48.12
CG MSE D 308 13.98 -41.64 47.57
SE MSE D 308 15.30 -42.67 48.44
CE MSE D 308 14.69 -44.55 47.95
N PRO D 309 11.03 -41.58 45.14
CA PRO D 309 12.17 -40.88 44.50
C PRO D 309 12.04 -39.35 44.59
N PHE D 310 13.12 -38.71 45.06
CA PHE D 310 13.20 -37.27 45.22
C PHE D 310 13.19 -36.55 43.88
N ILE D 311 13.75 -37.19 42.82
CA ILE D 311 13.76 -36.61 41.48
C ILE D 311 12.87 -37.44 40.55
N VAL D 312 11.87 -36.78 39.89
CA VAL D 312 11.01 -37.39 38.88
C VAL D 312 11.01 -36.48 37.67
N THR D 313 11.51 -36.98 36.52
CA THR D 313 11.57 -36.23 35.28
C THR D 313 10.56 -36.76 34.24
N GLY D 314 9.89 -35.84 33.55
CA GLY D 314 8.93 -36.15 32.51
C GLY D 314 8.62 -35.01 31.57
N LEU D 315 7.48 -35.08 30.89
CA LEU D 315 7.09 -34.13 29.87
C LEU D 315 5.87 -33.30 30.23
N LYS D 316 5.83 -32.04 29.74
CA LYS D 316 4.70 -31.12 29.85
C LYS D 316 4.58 -30.36 28.55
N ARG D 317 3.35 -30.22 28.00
CA ARG D 317 3.17 -29.49 26.73
C ARG D 317 3.35 -28.02 26.98
N MSE D 318 4.01 -27.33 26.06
CA MSE D 318 4.28 -25.90 26.15
C MSE D 318 4.60 -25.35 24.77
O MSE D 318 4.79 -26.13 23.83
CB MSE D 318 5.46 -25.65 27.10
CG MSE D 318 6.66 -26.58 26.84
SE MSE D 318 7.84 -26.83 28.36
CE MSE D 318 7.87 -25.00 29.20
N ALA D 319 4.66 -24.01 24.65
CA ALA D 319 5.01 -23.37 23.37
C ALA D 319 6.54 -23.48 23.22
N VAL D 320 7.04 -23.62 21.99
CA VAL D 320 8.49 -23.66 21.72
C VAL D 320 9.06 -22.24 21.95
N THR D 321 10.34 -22.11 22.32
CA THR D 321 11.00 -20.83 22.56
C THR D 321 11.31 -20.20 21.17
N ILE D 322 11.65 -18.90 21.14
CA ILE D 322 12.07 -18.18 19.92
C ILE D 322 13.26 -18.94 19.27
N GLY D 323 14.22 -19.35 20.09
CA GLY D 323 15.39 -20.12 19.67
C GLY D 323 15.00 -21.44 19.04
N GLU D 324 14.09 -22.18 19.69
CA GLU D 324 13.57 -23.46 19.18
C GLU D 324 12.93 -23.24 17.83
N GLN D 325 12.03 -22.23 17.74
CA GLN D 325 11.34 -21.86 16.50
C GLN D 325 12.37 -21.58 15.40
N ALA D 326 13.47 -20.87 15.74
CA ALA D 326 14.55 -20.55 14.82
C ALA D 326 15.23 -21.82 14.33
N GLN D 327 15.41 -22.83 15.22
CA GLN D 327 16.01 -24.13 14.86
C GLN D 327 15.09 -24.91 13.92
N ARG D 328 13.77 -24.83 14.18
CA ARG D 328 12.72 -25.47 13.37
C ARG D 328 12.69 -24.84 11.97
N ARG D 329 12.65 -23.51 11.88
CA ARG D 329 12.67 -22.77 10.61
C ARG D 329 14.02 -22.99 9.89
N GLY D 330 15.08 -23.13 10.67
CA GLY D 330 16.44 -23.35 10.17
C GLY D 330 16.69 -24.62 9.37
N ARG D 331 15.75 -25.59 9.36
CA ARG D 331 15.88 -26.84 8.61
C ARG D 331 15.83 -26.59 7.10
N VAL D 332 15.21 -25.46 6.72
CA VAL D 332 15.09 -25.05 5.33
C VAL D 332 16.03 -23.89 4.99
N GLY D 333 16.17 -23.61 3.70
CA GLY D 333 17.03 -22.55 3.16
C GLY D 333 18.52 -22.80 3.30
N ARG D 334 18.90 -24.06 3.50
CA ARG D 334 20.29 -24.46 3.70
C ARG D 334 20.99 -24.74 2.38
N VAL D 335 20.34 -25.54 1.51
CA VAL D 335 20.87 -26.00 0.22
C VAL D 335 20.10 -25.43 -1.00
N LYS D 336 18.85 -25.01 -0.77
CA LYS D 336 17.93 -24.47 -1.78
C LYS D 336 16.92 -23.54 -1.06
N PRO D 337 16.07 -22.73 -1.77
CA PRO D 337 15.09 -21.90 -1.04
C PRO D 337 14.12 -22.73 -0.22
N GLY D 338 13.54 -22.13 0.81
CA GLY D 338 12.62 -22.82 1.70
C GLY D 338 11.38 -22.04 2.05
N ARG D 339 10.39 -22.73 2.61
CA ARG D 339 9.12 -22.16 3.09
C ARG D 339 8.87 -22.66 4.53
N TYR D 340 8.42 -21.77 5.41
CA TYR D 340 8.14 -22.08 6.79
C TYR D 340 6.72 -21.62 7.17
N TYR D 341 5.85 -22.56 7.54
CA TYR D 341 4.48 -22.28 7.98
C TYR D 341 4.42 -22.46 9.50
N ARG D 342 4.07 -21.39 10.22
CA ARG D 342 3.96 -21.41 11.69
C ARG D 342 2.54 -21.10 12.13
N SER D 343 2.14 -21.61 13.31
CA SER D 343 0.83 -21.36 13.91
C SER D 343 0.76 -19.95 14.51
N GLN D 344 -0.44 -19.52 14.97
CA GLN D 344 -0.64 -18.22 15.63
C GLN D 344 -0.07 -18.25 17.05
N GLU D 345 0.35 -19.46 17.54
CA GLU D 345 0.97 -19.70 18.85
C GLU D 345 2.22 -18.83 19.02
N THR D 346 2.28 -18.09 20.14
CA THR D 346 3.40 -17.18 20.39
C THR D 346 4.55 -17.91 21.11
N PRO D 347 5.80 -17.82 20.58
CA PRO D 347 6.91 -18.51 21.25
C PRO D 347 7.24 -17.81 22.55
N VAL D 348 7.79 -18.55 23.49
CA VAL D 348 8.22 -18.02 24.77
C VAL D 348 9.67 -17.48 24.61
N GLY D 349 10.03 -16.49 25.43
CA GLY D 349 11.35 -15.89 25.37
C GLY D 349 12.46 -16.81 25.85
N SER D 350 12.20 -17.50 26.97
CA SER D 350 13.14 -18.40 27.62
C SER D 350 12.47 -19.61 28.23
N LYS D 351 13.19 -20.70 28.24
CA LYS D 351 12.72 -21.97 28.74
C LYS D 351 13.08 -22.17 30.21
N ASP D 352 12.51 -23.25 30.78
CA ASP D 352 12.75 -23.69 32.13
C ASP D 352 14.01 -24.55 32.08
N TYR D 353 15.07 -24.05 32.68
CA TYR D 353 16.37 -24.73 32.66
C TYR D 353 16.58 -25.84 33.72
N HIS D 354 15.65 -26.03 34.68
CA HIS D 354 15.78 -27.05 35.73
C HIS D 354 16.18 -28.47 35.32
N TYR D 355 15.54 -29.06 34.27
CA TYR D 355 15.92 -30.40 33.80
C TYR D 355 17.35 -30.38 33.24
N ASP D 356 17.70 -29.37 32.42
CA ASP D 356 19.06 -29.22 31.89
C ASP D 356 20.04 -28.95 33.01
N LEU D 357 19.64 -28.22 34.08
CA LEU D 357 20.54 -27.98 35.23
C LEU D 357 20.90 -29.32 35.87
N LEU D 358 19.88 -30.18 36.10
CA LEU D 358 20.01 -31.52 36.66
C LEU D 358 20.92 -32.36 35.77
N GLN D 359 20.77 -32.27 34.44
CA GLN D 359 21.63 -33.00 33.52
C GLN D 359 23.06 -32.47 33.56
N ALA D 360 23.21 -31.15 33.73
CA ALA D 360 24.51 -30.49 33.78
C ALA D 360 25.32 -30.97 34.96
N GLN D 361 24.66 -31.41 36.05
CA GLN D 361 25.30 -31.89 37.29
C GLN D 361 26.33 -32.98 37.04
N ARG D 362 26.16 -33.73 35.94
CA ARG D 362 27.03 -34.82 35.55
C ARG D 362 28.45 -34.33 35.29
N TYR D 363 28.57 -33.15 34.67
CA TYR D 363 29.84 -32.50 34.33
C TYR D 363 30.68 -32.02 35.52
N GLY D 364 30.17 -32.17 36.72
CA GLY D 364 30.91 -31.81 37.92
C GLY D 364 31.30 -33.01 38.77
N ILE D 365 30.90 -34.23 38.35
CA ILE D 365 31.16 -35.48 39.08
C ILE D 365 32.65 -35.78 39.23
N GLU D 366 33.42 -35.76 38.11
CA GLU D 366 34.83 -36.07 38.23
C GLU D 366 35.62 -35.09 39.07
N ASP D 367 35.30 -33.78 38.96
CA ASP D 367 36.01 -32.76 39.73
C ASP D 367 35.46 -32.55 41.15
N GLY D 368 34.36 -33.23 41.49
CA GLY D 368 33.71 -33.13 42.79
C GLY D 368 33.13 -31.75 43.02
N ILE D 369 32.58 -31.19 41.97
CA ILE D 369 32.01 -29.86 41.94
C ILE D 369 30.48 -29.98 42.00
N ASN D 370 29.83 -29.14 42.81
CA ASN D 370 28.37 -29.13 42.84
C ASN D 370 27.97 -28.09 41.75
N ILE D 371 27.49 -28.57 40.58
CA ILE D 371 27.07 -27.72 39.46
C ILE D 371 25.91 -26.76 39.80
N THR D 372 24.98 -27.22 40.63
CA THR D 372 23.87 -26.38 41.08
C THR D 372 24.41 -25.18 41.89
N LYS D 373 25.37 -25.45 42.82
CA LYS D 373 25.96 -24.39 43.66
C LYS D 373 26.65 -23.38 42.75
N SER D 374 27.39 -23.88 41.75
CA SER D 374 28.10 -23.09 40.76
C SER D 374 27.13 -22.27 39.93
N PHE D 375 25.97 -22.88 39.54
CA PHE D 375 24.96 -22.17 38.76
C PHE D 375 24.47 -20.98 39.56
N ARG D 376 24.03 -21.23 40.79
CA ARG D 376 23.44 -20.24 41.66
C ARG D 376 24.42 -19.09 41.92
N GLU D 377 25.65 -19.42 42.31
CA GLU D 377 26.64 -18.40 42.58
C GLU D 377 26.90 -17.57 41.36
N MSE D 378 26.94 -18.20 40.17
CA MSE D 378 27.14 -17.52 38.88
C MSE D 378 25.95 -16.61 38.59
O MSE D 378 26.14 -15.43 38.29
CB MSE D 378 27.36 -18.55 37.77
CG MSE D 378 27.48 -17.95 36.36
SE MSE D 378 25.72 -17.78 35.50
CE MSE D 378 25.18 -19.63 35.30
N ASN D 379 24.72 -17.16 38.66
CA ASN D 379 23.53 -16.39 38.39
C ASN D 379 23.39 -15.18 39.33
N TYR D 380 23.80 -15.31 40.59
CA TYR D 380 23.77 -14.18 41.50
C TYR D 380 24.60 -12.99 40.95
N ASP D 381 25.86 -13.25 40.54
CA ASP D 381 26.77 -12.27 40.00
C ASP D 381 26.40 -11.80 38.60
N TRP D 382 25.94 -12.72 37.74
CA TRP D 382 25.66 -12.39 36.35
C TRP D 382 24.22 -12.02 35.98
N SER D 383 23.22 -12.47 36.78
CA SER D 383 21.78 -12.18 36.63
C SER D 383 21.31 -12.53 35.23
N LEU D 384 21.57 -13.77 34.85
CA LEU D 384 21.28 -14.24 33.51
C LEU D 384 19.92 -14.89 33.33
N TYR D 385 19.50 -15.57 34.37
CA TYR D 385 18.26 -16.31 34.39
C TYR D 385 17.38 -15.96 35.57
N GLU D 386 16.05 -16.18 35.42
CA GLU D 386 15.12 -16.08 36.52
C GLU D 386 15.39 -17.29 37.45
N GLU D 387 15.15 -17.14 38.74
CA GLU D 387 15.44 -18.21 39.69
C GLU D 387 14.22 -18.57 40.49
N ASP D 388 14.07 -19.86 40.80
CA ASP D 388 13.07 -20.40 41.71
C ASP D 388 13.92 -20.90 42.88
N SER D 389 14.03 -20.07 43.92
CA SER D 389 14.85 -20.37 45.08
C SER D 389 14.60 -21.69 45.75
N LEU D 390 13.33 -22.09 45.89
CA LEU D 390 13.01 -23.38 46.50
C LEU D 390 13.61 -24.51 45.66
N MSE D 391 13.37 -24.47 44.34
CA MSE D 391 13.87 -25.43 43.37
C MSE D 391 15.41 -25.58 43.40
O MSE D 391 15.88 -26.70 43.53
CB MSE D 391 13.41 -25.05 41.97
CG MSE D 391 13.60 -26.13 40.94
SE MSE D 391 12.17 -27.43 40.89
CE MSE D 391 10.58 -26.27 40.68
N ILE D 392 16.16 -24.45 43.32
CA ILE D 392 17.62 -24.45 43.33
C ILE D 392 18.16 -25.06 44.62
N THR D 393 17.53 -24.71 45.75
CA THR D 393 17.92 -25.21 47.07
C THR D 393 17.85 -26.72 47.10
N GLN D 394 16.67 -27.26 46.76
CA GLN D 394 16.39 -28.68 46.69
C GLN D 394 17.42 -29.40 45.80
N LEU D 395 17.62 -28.85 44.59
CA LEU D 395 18.55 -29.33 43.57
C LEU D 395 19.99 -29.39 44.11
N GLU D 396 20.39 -28.39 44.92
CA GLU D 396 21.73 -28.28 45.53
C GLU D 396 21.95 -29.34 46.61
N ILE D 397 20.90 -29.58 47.46
CA ILE D 397 20.87 -30.61 48.51
C ILE D 397 21.08 -31.99 47.82
N LEU D 398 20.34 -32.25 46.70
CA LEU D 398 20.50 -33.50 45.95
C LEU D 398 21.88 -33.55 45.27
N ASN D 399 22.34 -32.37 44.68
CA ASN D 399 23.64 -32.29 44.02
C ASN D 399 24.77 -32.66 44.93
N ASN D 400 24.65 -32.33 46.23
CA ASN D 400 25.64 -32.66 47.23
C ASN D 400 25.65 -34.15 47.46
N LEU D 401 24.46 -34.80 47.40
CA LEU D 401 24.34 -36.24 47.59
C LEU D 401 25.05 -36.94 46.44
N LEU D 402 24.80 -36.47 45.19
CA LEU D 402 25.37 -37.01 43.96
C LEU D 402 26.87 -37.15 44.06
N ILE D 403 27.52 -36.13 44.65
CA ILE D 403 28.97 -36.08 44.78
C ILE D 403 29.50 -36.47 46.18
N SER D 404 28.59 -36.89 47.10
CA SER D 404 28.95 -37.25 48.48
C SER D 404 29.96 -38.36 48.59
N GLU D 405 29.97 -39.27 47.62
CA GLU D 405 30.86 -40.42 47.58
C GLU D 405 31.41 -40.63 46.19
N GLU D 406 32.56 -41.30 46.09
CA GLU D 406 33.18 -41.63 44.81
C GLU D 406 32.25 -42.63 44.09
N LEU D 407 31.97 -42.34 42.83
CA LEU D 407 31.08 -43.15 42.00
C LEU D 407 31.67 -44.53 41.73
N PRO D 408 30.89 -45.62 41.91
CA PRO D 408 31.43 -46.96 41.63
C PRO D 408 31.85 -47.10 40.18
N MSE D 409 33.03 -47.73 39.96
CA MSE D 409 33.62 -47.97 38.65
C MSE D 409 32.63 -48.62 37.70
O MSE D 409 32.51 -48.17 36.55
CB MSE D 409 34.89 -48.83 38.78
CG MSE D 409 35.97 -48.47 37.78
SE MSE D 409 36.07 -46.52 37.38
CE MSE D 409 37.07 -46.63 35.71
N ALA D 410 31.89 -49.63 38.21
CA ALA D 410 30.86 -50.34 37.48
C ALA D 410 29.86 -49.36 36.84
N VAL D 411 29.35 -48.41 37.65
CA VAL D 411 28.38 -47.39 37.27
C VAL D 411 29.01 -46.39 36.30
N LYS D 412 30.23 -45.91 36.63
CA LYS D 412 30.99 -44.95 35.82
C LYS D 412 31.14 -45.48 34.39
N ASN D 413 31.47 -46.79 34.27
CA ASN D 413 31.66 -47.48 33.00
C ASN D 413 30.37 -47.67 32.21
N ILE D 414 29.22 -47.93 32.90
CA ILE D 414 27.91 -48.10 32.25
C ILE D 414 27.50 -46.75 31.66
N MSE D 415 27.61 -45.67 32.45
CA MSE D 415 27.24 -44.31 32.04
C MSE D 415 27.98 -43.84 30.79
O MSE D 415 27.41 -43.12 29.98
CB MSE D 415 27.48 -43.33 33.18
CG MSE D 415 26.53 -43.50 34.35
SE MSE D 415 27.01 -42.30 35.77
CE MSE D 415 26.42 -40.58 34.95
N ALA D 416 29.24 -44.26 30.63
CA ALA D 416 30.08 -43.90 29.51
C ALA D 416 29.59 -44.53 28.21
N ARG D 417 29.22 -45.80 28.28
CA ARG D 417 28.83 -46.62 27.14
C ARG D 417 27.33 -46.70 26.79
N THR D 418 26.43 -46.46 27.77
CA THR D 418 24.98 -46.60 27.58
C THR D 418 24.34 -45.59 26.65
N ASP D 419 23.29 -46.03 25.91
CA ASP D 419 22.46 -45.19 25.04
C ASP D 419 21.26 -44.62 25.83
N HIS D 420 21.18 -44.95 27.13
CA HIS D 420 20.20 -44.48 28.10
C HIS D 420 20.09 -42.98 27.92
N PRO D 421 18.85 -42.46 27.89
CA PRO D 421 18.68 -41.02 27.71
C PRO D 421 19.13 -40.12 28.87
N GLU D 422 19.11 -40.62 30.12
CA GLU D 422 19.48 -39.82 31.30
C GLU D 422 20.53 -40.60 32.14
N PRO D 423 21.83 -40.73 31.69
CA PRO D 423 22.81 -41.53 32.48
C PRO D 423 22.91 -41.18 33.95
N ILE D 424 22.67 -39.87 34.31
CA ILE D 424 22.73 -39.36 35.68
C ILE D 424 21.80 -40.16 36.62
N GLN D 425 20.69 -40.72 36.06
CA GLN D 425 19.74 -41.53 36.82
C GLN D 425 20.48 -42.67 37.51
N LEU D 426 21.42 -43.32 36.78
CA LEU D 426 22.28 -44.40 37.26
C LEU D 426 23.13 -43.91 38.43
N ALA D 427 23.73 -42.69 38.30
CA ALA D 427 24.58 -42.09 39.32
C ALA D 427 23.79 -41.82 40.59
N TYR D 428 22.64 -41.15 40.49
CA TYR D 428 21.79 -40.86 41.64
C TYR D 428 21.28 -42.13 42.30
N ASN D 429 20.82 -43.09 41.49
CA ASN D 429 20.32 -44.33 42.07
C ASN D 429 21.39 -45.20 42.70
N SER D 430 22.67 -45.06 42.28
CA SER D 430 23.77 -45.85 42.85
C SER D 430 23.83 -45.73 44.36
N TYR D 431 23.25 -44.65 44.90
CA TYR D 431 23.20 -44.35 46.32
C TYR D 431 22.26 -45.26 47.11
N GLU D 432 21.46 -46.08 46.39
CA GLU D 432 20.54 -47.04 46.99
C GLU D 432 20.66 -48.37 46.30
N THR D 433 20.85 -48.39 44.99
CA THR D 433 20.93 -49.63 44.21
C THR D 433 21.92 -49.58 43.04
N GLN D 434 22.50 -50.73 42.70
CA GLN D 434 23.45 -50.89 41.61
C GLN D 434 22.81 -51.57 40.39
N VAL D 435 21.63 -52.17 40.58
CA VAL D 435 20.91 -52.85 39.51
C VAL D 435 19.83 -51.98 38.84
N PRO D 436 20.05 -51.61 37.55
CA PRO D 436 19.04 -50.81 36.83
C PRO D 436 17.80 -51.64 36.60
N VAL D 437 16.64 -50.98 36.68
CA VAL D 437 15.38 -51.68 36.51
C VAL D 437 14.61 -51.21 35.27
N LEU D 438 14.18 -52.19 34.49
CA LEU D 438 13.40 -52.01 33.27
C LEU D 438 11.91 -51.99 33.65
N PHE D 439 11.30 -50.80 33.58
CA PHE D 439 9.89 -50.64 33.92
C PHE D 439 9.05 -50.85 32.67
N PRO D 440 7.87 -51.51 32.76
CA PRO D 440 7.05 -51.73 31.57
C PRO D 440 6.64 -50.41 30.97
N LYS D 441 6.69 -50.33 29.63
CA LYS D 441 6.33 -49.14 28.88
C LYS D 441 4.84 -48.82 29.00
N ILE D 442 4.53 -47.54 29.07
CA ILE D 442 3.17 -47.05 29.21
C ILE D 442 2.61 -46.68 27.83
N ARG D 443 1.54 -47.36 27.44
CA ARG D 443 0.90 -47.15 26.15
C ARG D 443 -0.61 -47.06 26.28
N ASN D 444 -1.13 -45.86 25.93
CA ASN D 444 -2.55 -45.48 25.98
C ASN D 444 -3.13 -45.69 27.37
N GLY D 445 -2.46 -45.06 28.35
CA GLY D 445 -2.80 -45.07 29.76
C GLY D 445 -2.98 -46.45 30.35
N GLU D 446 -2.21 -47.44 29.85
CA GLU D 446 -2.22 -48.83 30.31
C GLU D 446 -0.89 -49.56 30.27
N VAL D 447 -0.63 -50.39 31.31
CA VAL D 447 0.62 -51.13 31.50
C VAL D 447 0.76 -52.28 30.52
N THR D 448 1.78 -52.20 29.66
CA THR D 448 2.06 -53.17 28.62
C THR D 448 3.14 -54.13 29.05
N ASP D 449 3.53 -55.03 28.14
CA ASP D 449 4.62 -55.96 28.33
C ASP D 449 5.81 -55.63 27.40
N THR D 450 5.95 -54.33 27.06
CA THR D 450 7.05 -53.79 26.27
C THR D 450 7.99 -53.09 27.22
N TYR D 451 9.29 -53.12 26.92
CA TYR D 451 10.33 -52.54 27.76
C TYR D 451 11.36 -51.82 26.89
N ASP D 452 11.93 -50.71 27.38
CA ASP D 452 12.96 -50.02 26.62
C ASP D 452 14.25 -50.78 26.81
N ASN D 453 14.91 -51.14 25.70
CA ASN D 453 16.16 -51.88 25.77
C ASN D 453 17.36 -50.96 25.54
N TYR D 454 17.88 -50.42 26.65
CA TYR D 454 19.06 -49.58 26.60
C TYR D 454 20.32 -50.44 26.73
N THR D 455 21.41 -49.99 26.13
CA THR D 455 22.69 -50.70 26.09
C THR D 455 23.47 -50.67 27.42
N PHE D 456 24.27 -51.73 27.66
CA PHE D 456 25.19 -51.90 28.80
C PHE D 456 24.59 -51.83 30.22
N LEU D 457 23.26 -51.92 30.36
CA LEU D 457 22.64 -51.79 31.68
C LEU D 457 22.73 -52.99 32.60
N ASN D 458 22.60 -54.21 32.03
CA ASN D 458 22.54 -55.48 32.79
C ASN D 458 21.36 -55.40 33.75
N ALA D 459 20.29 -54.80 33.21
CA ALA D 459 19.06 -54.48 33.87
C ALA D 459 18.22 -55.68 34.17
N ARG D 460 17.19 -55.46 35.00
CA ARG D 460 16.20 -56.46 35.37
C ARG D 460 14.80 -55.86 35.19
N LYS D 461 13.83 -56.69 34.85
CA LYS D 461 12.45 -56.24 34.68
C LYS D 461 11.87 -55.87 36.07
N LEU D 462 10.95 -54.90 36.11
CA LEU D 462 10.33 -54.43 37.34
C LEU D 462 9.70 -55.54 38.17
N GLY D 463 8.86 -56.36 37.52
CA GLY D 463 8.16 -57.44 38.19
C GLY D 463 7.20 -56.83 39.20
N ASP D 464 7.21 -57.37 40.44
CA ASP D 464 6.43 -56.86 41.56
C ASP D 464 7.38 -56.14 42.54
N ASP D 465 8.68 -56.15 42.22
CA ASP D 465 9.78 -55.61 43.03
C ASP D 465 10.13 -54.15 42.66
N VAL D 466 9.54 -53.17 43.37
CA VAL D 466 9.85 -51.77 43.11
C VAL D 466 11.25 -51.45 43.69
N PRO D 467 12.20 -50.94 42.85
CA PRO D 467 13.56 -50.65 43.34
C PRO D 467 13.63 -49.38 44.19
N PRO D 468 14.61 -49.26 45.12
CA PRO D 468 14.73 -48.02 45.91
C PRO D 468 15.37 -46.87 45.08
N TYR D 469 14.65 -46.40 44.06
CA TYR D 469 15.09 -45.32 43.20
C TYR D 469 15.05 -43.96 43.90
N VAL D 470 16.14 -43.16 43.71
CA VAL D 470 16.31 -41.80 44.18
C VAL D 470 15.78 -40.91 43.04
N TYR D 471 16.04 -41.34 41.82
CA TYR D 471 15.73 -40.67 40.57
C TYR D 471 14.88 -41.62 39.73
N ALA D 472 13.70 -41.16 39.35
CA ALA D 472 12.77 -41.90 38.52
C ALA D 472 12.20 -41.02 37.41
N THR D 473 11.43 -41.61 36.51
CA THR D 473 10.83 -40.87 35.41
C THR D 473 9.34 -40.91 35.60
N GLU D 474 8.58 -40.09 34.83
CA GLU D 474 7.11 -40.03 34.96
C GLU D 474 6.50 -41.36 34.61
N ASP D 475 7.00 -42.02 33.53
CA ASP D 475 6.49 -43.31 33.06
C ASP D 475 6.86 -44.47 33.98
N GLU D 476 7.92 -44.32 34.75
CA GLU D 476 8.34 -45.30 35.74
C GLU D 476 7.39 -45.18 36.94
N ASP D 477 7.16 -43.95 37.41
CA ASP D 477 6.25 -43.64 38.52
C ASP D 477 4.82 -44.02 38.17
N LEU D 478 4.42 -43.82 36.90
CA LEU D 478 3.08 -44.16 36.42
C LEU D 478 2.83 -45.67 36.53
N ALA D 479 3.85 -46.49 36.14
CA ALA D 479 3.80 -47.92 36.18
C ALA D 479 3.62 -48.36 37.63
N VAL D 480 4.38 -47.76 38.55
CA VAL D 480 4.29 -48.04 39.98
C VAL D 480 2.86 -47.79 40.48
N GLU D 481 2.27 -46.64 40.12
CA GLU D 481 0.90 -46.29 40.52
C GLU D 481 -0.16 -47.18 39.89
N LEU D 482 -0.10 -47.36 38.56
CA LEU D 482 -1.06 -48.20 37.85
C LEU D 482 -1.02 -49.63 38.33
N LEU D 483 0.17 -50.14 38.71
CA LEU D 483 0.30 -51.50 39.21
C LEU D 483 -0.07 -51.64 40.69
N GLY D 484 -0.35 -50.52 41.35
CA GLY D 484 -0.74 -50.51 42.76
C GLY D 484 0.41 -50.80 43.72
N LEU D 485 1.63 -50.55 43.26
CA LEU D 485 2.85 -50.77 44.01
C LEU D 485 3.28 -49.44 44.66
N ASP D 486 4.27 -49.51 45.57
CA ASP D 486 4.80 -48.35 46.30
C ASP D 486 6.30 -48.20 46.11
N TRP D 487 6.79 -46.97 46.16
CA TRP D 487 8.22 -46.75 46.11
C TRP D 487 8.80 -46.91 47.53
N PRO D 488 9.95 -47.63 47.71
CA PRO D 488 10.57 -47.74 49.03
C PRO D 488 10.99 -46.40 49.63
N ASP D 489 11.18 -46.36 50.96
CA ASP D 489 11.66 -45.18 51.67
C ASP D 489 13.20 -45.21 51.67
N PRO D 490 13.89 -44.07 51.94
CA PRO D 490 15.36 -44.08 51.99
C PRO D 490 15.91 -45.16 52.94
N GLY D 491 16.85 -45.96 52.42
CA GLY D 491 17.47 -47.10 53.09
C GLY D 491 18.83 -46.89 53.72
N ASN D 492 19.36 -45.67 53.71
CA ASN D 492 20.65 -45.39 54.34
C ASN D 492 20.72 -43.95 54.85
N GLN D 493 21.63 -43.69 55.81
CA GLN D 493 21.84 -42.37 56.41
C GLN D 493 21.90 -41.21 55.36
N GLY D 494 22.65 -41.43 54.27
CA GLY D 494 22.82 -40.48 53.20
C GLY D 494 21.50 -40.03 52.62
N THR D 495 20.70 -40.99 52.08
CA THR D 495 19.40 -40.73 51.46
C THR D 495 18.37 -40.24 52.47
N VAL D 496 18.46 -40.75 53.73
CA VAL D 496 17.58 -40.35 54.82
C VAL D 496 17.75 -38.88 55.14
N GLU D 497 19.01 -38.44 55.37
CA GLU D 497 19.32 -37.05 55.67
C GLU D 497 18.97 -36.12 54.50
N ALA D 498 19.26 -36.56 53.25
CA ALA D 498 18.92 -35.75 52.06
C ALA D 498 17.39 -35.48 52.06
N GLY D 499 16.60 -36.51 52.34
CA GLY D 499 15.15 -36.37 52.46
C GLY D 499 14.74 -35.44 53.58
N ARG D 500 15.41 -35.57 54.75
CA ARG D 500 15.15 -34.74 55.91
C ARG D 500 15.41 -33.28 55.54
N ALA D 501 16.53 -33.02 54.84
CA ALA D 501 16.94 -31.70 54.38
C ALA D 501 15.91 -31.12 53.44
N LEU D 502 15.36 -31.95 52.54
CA LEU D 502 14.33 -31.55 51.57
C LEU D 502 13.01 -31.18 52.26
N LYS D 503 12.56 -31.99 53.24
CA LYS D 503 11.35 -31.79 54.02
C LYS D 503 11.44 -30.42 54.69
N GLN D 504 12.62 -30.14 55.27
CA GLN D 504 12.94 -28.91 55.98
C GLN D 504 12.76 -27.68 55.10
N VAL D 505 13.23 -27.71 53.84
CA VAL D 505 13.11 -26.57 52.95
C VAL D 505 11.65 -26.32 52.57
N VAL D 506 10.90 -27.37 52.16
CA VAL D 506 9.47 -27.26 51.80
C VAL D 506 8.64 -26.73 52.97
N GLY D 507 9.12 -26.99 54.19
CA GLY D 507 8.51 -26.45 55.38
C GLY D 507 8.79 -24.96 55.55
N LEU D 508 9.44 -24.33 54.52
CA LEU D 508 9.86 -22.92 54.44
C LEU D 508 10.95 -22.59 55.49
C ACT E . 11.41 10.15 -49.93
O ACT E . 12.43 9.99 -50.65
OXT ACT E . 10.46 9.35 -49.81
CH3 ACT E . 11.30 11.43 -49.08
C ACT F . 16.53 -21.85 23.20
O ACT F . 16.70 -20.60 23.11
OXT ACT F . 16.97 -22.72 22.41
CH3 ACT F . 15.72 -22.35 24.38
#